data_3B1C
#
_entry.id   3B1C
#
_cell.length_a   66.970
_cell.length_b   111.140
_cell.length_c   216.440
_cell.angle_alpha   90.00
_cell.angle_beta   90.00
_cell.angle_gamma   90.00
#
_symmetry.space_group_name_H-M   'P 21 21 21'
#
loop_
_entity.id
_entity.type
_entity.pdbx_description
1 polymer 'BetaC-S lyase'
2 non-polymer "PYRIDOXAL-5'-PHOSPHATE"
3 non-polymer 'SULFATE ION'
4 non-polymer GLYCEROL
5 water water
#
_entity_poly.entity_id   1
_entity_poly.type   'polypeptide(L)'
_entity_poly.pdbx_seq_one_letter_code
;GPLGSSKYNFQTAPNRLSHHTYKWKETETDPQLLPAWIADMDFEVMPEVKQAIHDYAEQLVYGYTYASDELLQAVLDWEK
SEHQYSFDKEDIVFVEGVVPAISIAIQAFTKEGEAVLINSPVYPPFARSVRLNNRKLVSNSLKEENGLFQIDFEQLENDI
VENDVKLYLLCNPHNPGGRVWEREVLEQIGHLCQKHHVILVSDEIHQDLTLFGHEHVSFNTVSPDFKDFALVLSSATKTF
NIAGTKNSYAIIENPTLCAQFKHQQLVNNHHEVSSLGYIATETAYRYGKPWLVALKAVLEENIQFAVEYFAQEAPRLKVM
KPQGTYLIWLDFSDYGLTDDALFTLLHDQAKVILNRGSDYGSEGELHARLNIAAPKSLVEEICKRIVCCLPK
;
_entity_poly.pdbx_strand_id   A,B,C,D
#
# COMPACT_ATOMS: atom_id res chain seq x y z
N SER A 6 42.24 -12.48 29.70
CA SER A 6 41.86 -11.05 29.66
C SER A 6 40.54 -10.80 30.41
N LYS A 7 39.97 -9.65 30.07
CA LYS A 7 38.57 -9.26 30.24
C LYS A 7 37.56 -10.33 29.78
N TYR A 8 37.95 -11.11 28.77
CA TYR A 8 37.09 -12.16 28.22
C TYR A 8 37.52 -13.53 28.70
N ASN A 9 36.57 -14.42 28.94
CA ASN A 9 36.87 -15.77 29.44
C ASN A 9 37.09 -16.78 28.31
N PHE A 10 38.36 -17.10 28.02
CA PHE A 10 38.72 -18.22 27.13
C PHE A 10 39.43 -19.35 27.90
N GLN A 11 39.35 -19.25 29.22
CA GLN A 11 40.11 -20.09 30.12
C GLN A 11 39.24 -21.18 30.69
N THR A 12 37.99 -20.85 30.95
CA THR A 12 37.04 -21.74 31.59
C THR A 12 35.83 -22.07 30.72
N ALA A 13 35.57 -23.36 30.50
CA ALA A 13 34.43 -23.80 29.71
C ALA A 13 33.15 -23.85 30.54
N PRO A 14 32.11 -23.09 30.13
CA PRO A 14 30.86 -23.19 30.84
C PRO A 14 30.28 -24.62 30.79
N ASN A 15 29.60 -25.02 31.85
CA ASN A 15 29.02 -26.35 31.96
C ASN A 15 27.77 -26.42 31.11
N ARG A 16 27.79 -27.28 30.09
CA ARG A 16 26.71 -27.30 29.12
C ARG A 16 25.88 -28.55 29.24
N LEU A 17 26.14 -29.35 30.27
CA LEU A 17 25.49 -30.65 30.38
C LEU A 17 23.97 -30.64 30.55
N SER A 18 23.43 -29.53 31.05
CA SER A 18 21.98 -29.43 31.26
C SER A 18 21.23 -28.66 30.18
N HIS A 19 21.95 -28.33 29.10
CA HIS A 19 21.42 -27.45 28.07
C HIS A 19 20.88 -28.18 26.82
N HIS A 20 20.88 -29.53 26.85
CA HIS A 20 20.46 -30.33 25.69
C HIS A 20 21.22 -29.95 24.42
N THR A 21 22.52 -29.84 24.56
CA THR A 21 23.41 -29.63 23.42
C THR A 21 23.65 -30.94 22.67
N TYR A 22 23.88 -30.81 21.37
CA TYR A 22 24.38 -31.96 20.61
C TYR A 22 25.76 -32.35 21.09
N LYS A 23 26.62 -31.35 21.26
CA LYS A 23 28.02 -31.59 21.48
C LYS A 23 28.26 -32.47 22.73
N TRP A 24 27.55 -32.18 23.83
CA TRP A 24 27.80 -32.87 25.11
C TRP A 24 26.78 -33.96 25.43
N LYS A 25 25.92 -34.30 24.48
CA LYS A 25 24.85 -35.25 24.73
C LYS A 25 25.38 -36.57 25.31
N GLU A 26 26.39 -37.15 24.65
CA GLU A 26 26.91 -38.46 25.10
C GLU A 26 27.57 -38.41 26.47
N THR A 27 28.23 -37.30 26.75
CA THR A 27 28.95 -37.09 28.02
C THR A 27 27.96 -37.06 29.20
N GLU A 28 26.72 -36.73 28.91
CA GLU A 28 25.68 -36.69 29.95
C GLU A 28 25.41 -38.08 30.51
N THR A 29 25.58 -39.11 29.69
CA THR A 29 25.48 -40.50 30.16
C THR A 29 26.84 -41.10 30.53
N ASP A 30 27.84 -40.88 29.68
CA ASP A 30 29.22 -41.30 30.01
C ASP A 30 30.11 -40.10 30.28
N PRO A 31 30.32 -39.75 31.55
CA PRO A 31 31.01 -38.52 31.88
C PRO A 31 32.50 -38.54 31.56
N GLN A 32 33.02 -39.69 31.12
CA GLN A 32 34.40 -39.78 30.69
C GLN A 32 34.58 -39.23 29.27
N LEU A 33 33.49 -39.18 28.51
CA LEU A 33 33.55 -38.77 27.10
C LEU A 33 33.90 -37.30 26.93
N LEU A 34 34.91 -37.00 26.11
CA LEU A 34 35.23 -35.61 25.78
C LEU A 34 34.88 -35.33 24.32
N PRO A 35 33.90 -34.44 24.06
CA PRO A 35 33.51 -34.13 22.69
C PRO A 35 34.35 -33.05 22.05
N ALA A 36 34.68 -33.25 20.78
CA ALA A 36 35.46 -32.28 20.02
C ALA A 36 35.10 -32.45 18.54
N TRP A 37 33.79 -32.53 18.28
CA TRP A 37 33.26 -32.90 16.96
C TRP A 37 32.47 -31.72 16.35
N ILE A 38 31.19 -31.60 16.69
CA ILE A 38 30.29 -30.57 16.13
C ILE A 38 30.87 -29.17 16.31
N ALA A 39 30.67 -28.33 15.29
CA ALA A 39 31.24 -27.00 15.29
C ALA A 39 30.36 -26.00 16.04
N ASP A 40 30.41 -26.09 17.37
CA ASP A 40 30.20 -24.97 18.24
C ASP A 40 31.35 -24.95 19.29
N MET A 41 31.47 -23.85 20.03
CA MET A 41 32.62 -23.66 20.86
C MET A 41 32.28 -23.93 22.32
N ASP A 42 33.31 -24.32 23.07
CA ASP A 42 33.18 -24.40 24.54
C ASP A 42 33.78 -23.15 25.23
N PHE A 43 33.54 -22.01 24.58
CA PHE A 43 33.87 -20.71 25.15
C PHE A 43 32.59 -19.95 25.40
N GLU A 44 32.54 -19.24 26.52
CA GLU A 44 31.49 -18.25 26.79
C GLU A 44 31.33 -17.31 25.64
N VAL A 45 30.08 -17.04 25.28
CA VAL A 45 29.76 -16.05 24.29
C VAL A 45 30.11 -14.68 24.85
N MET A 46 30.42 -13.75 23.95
CA MET A 46 30.70 -12.38 24.27
C MET A 46 29.56 -11.76 25.14
N PRO A 47 29.95 -10.97 26.14
CA PRO A 47 28.99 -10.53 27.15
C PRO A 47 27.81 -9.71 26.61
N GLU A 48 28.03 -8.98 25.52
CA GLU A 48 26.97 -8.12 24.99
C GLU A 48 25.82 -8.93 24.44
N VAL A 49 26.10 -10.15 23.95
CA VAL A 49 25.04 -11.03 23.47
C VAL A 49 24.18 -11.54 24.61
N LYS A 50 24.83 -12.00 25.68
CA LYS A 50 24.15 -12.44 26.86
C LYS A 50 23.25 -11.31 27.35
N GLN A 51 23.79 -10.10 27.41
CA GLN A 51 22.98 -8.96 27.85
C GLN A 51 21.78 -8.72 26.94
N ALA A 52 21.98 -8.85 25.64
CA ALA A 52 20.90 -8.65 24.69
C ALA A 52 19.76 -9.67 24.80
N ILE A 53 20.08 -10.90 25.22
CA ILE A 53 19.05 -11.91 25.51
C ILE A 53 18.25 -11.49 26.76
N HIS A 54 18.96 -11.06 27.82
CA HIS A 54 18.28 -10.48 28.97
C HIS A 54 17.41 -9.30 28.53
N ASP A 55 17.94 -8.41 27.69
CA ASP A 55 17.14 -7.27 27.23
C ASP A 55 15.88 -7.71 26.42
N TYR A 56 15.99 -8.76 25.62
CA TYR A 56 14.83 -9.32 24.92
C TYR A 56 13.73 -9.80 25.90
N ALA A 57 14.11 -10.52 26.96
CA ALA A 57 13.16 -10.94 27.97
C ALA A 57 12.39 -9.71 28.47
N GLU A 58 13.09 -8.60 28.60
CA GLU A 58 12.50 -7.38 29.18
C GLU A 58 11.62 -6.57 28.23
N GLN A 59 11.54 -7.01 26.97
CA GLN A 59 10.48 -6.57 26.07
C GLN A 59 9.08 -6.99 26.55
N LEU A 60 8.99 -8.07 27.31
CA LEU A 60 7.74 -8.49 27.97
C LEU A 60 6.70 -9.13 27.04
N VAL A 61 6.68 -8.75 25.77
CA VAL A 61 5.77 -9.32 24.77
C VAL A 61 6.67 -9.86 23.64
N TYR A 62 6.43 -11.11 23.24
CA TYR A 62 7.33 -11.85 22.33
C TYR A 62 6.60 -12.18 21.07
N GLY A 63 6.08 -11.12 20.43
CA GLY A 63 5.32 -11.24 19.20
C GLY A 63 6.15 -11.22 17.94
N TYR A 64 5.48 -11.01 16.82
CA TYR A 64 6.10 -11.06 15.52
C TYR A 64 6.94 -9.82 15.28
N THR A 65 8.16 -10.03 14.82
CA THR A 65 9.11 -8.92 14.63
C THR A 65 9.66 -8.97 13.22
N TYR A 66 10.23 -7.84 12.81
CA TYR A 66 10.80 -7.71 11.45
C TYR A 66 12.30 -7.39 11.56
N ALA A 67 13.03 -7.59 10.47
CA ALA A 67 14.47 -7.27 10.42
C ALA A 67 14.62 -5.75 10.30
N SER A 68 15.25 -5.14 11.28
CA SER A 68 15.35 -3.69 11.34
C SER A 68 16.40 -3.11 10.39
N ASP A 69 16.31 -1.79 10.18
CA ASP A 69 17.33 -1.06 9.43
C ASP A 69 18.66 -1.11 10.18
N GLU A 70 18.61 -1.10 11.50
CA GLU A 70 19.78 -1.27 12.36
C GLU A 70 20.50 -2.62 12.17
N LEU A 71 19.73 -3.68 12.06
CA LEU A 71 20.28 -5.00 11.75
C LEU A 71 20.84 -5.03 10.34
N LEU A 72 20.07 -4.54 9.38
CA LEU A 72 20.56 -4.43 8.01
C LEU A 72 21.87 -3.65 7.95
N GLN A 73 21.91 -2.52 8.64
CA GLN A 73 23.12 -1.70 8.63
C GLN A 73 24.30 -2.41 9.27
N ALA A 74 24.06 -3.18 10.33
CA ALA A 74 25.11 -3.91 11.03
C ALA A 74 25.75 -4.92 10.08
N VAL A 75 24.94 -5.59 9.30
CA VAL A 75 25.43 -6.60 8.38
C VAL A 75 26.24 -5.91 7.27
N LEU A 76 25.69 -4.84 6.71
CA LEU A 76 26.40 -4.05 5.72
C LEU A 76 27.76 -3.56 6.25
N ASP A 77 27.77 -2.99 7.46
CA ASP A 77 28.97 -2.45 8.11
C ASP A 77 30.00 -3.55 8.41
N TRP A 78 29.53 -4.74 8.81
CA TRP A 78 30.42 -5.85 9.07
C TRP A 78 31.14 -6.29 7.79
N GLU A 79 30.35 -6.50 6.75
CA GLU A 79 30.89 -6.93 5.45
C GLU A 79 31.89 -5.92 4.87
N LYS A 80 31.56 -4.65 5.02
CA LYS A 80 32.43 -3.58 4.53
C LYS A 80 33.69 -3.49 5.36
N SER A 81 33.51 -3.41 6.68
CA SER A 81 34.65 -3.23 7.58
C SER A 81 35.57 -4.44 7.58
N GLU A 82 34.98 -5.65 7.61
CA GLU A 82 35.81 -6.85 7.83
C GLU A 82 36.32 -7.45 6.53
N HIS A 83 35.50 -7.35 5.49
CA HIS A 83 35.74 -8.08 4.23
C HIS A 83 35.76 -7.23 2.95
N GLN A 84 35.71 -5.90 3.11
CA GLN A 84 35.87 -4.91 2.03
C GLN A 84 34.82 -5.12 0.94
N TYR A 85 33.63 -5.53 1.37
CA TYR A 85 32.55 -5.92 0.48
C TYR A 85 31.41 -4.94 0.72
N SER A 86 31.24 -4.04 -0.26
CA SER A 86 30.22 -3.00 -0.24
C SER A 86 29.04 -3.38 -1.12
N PHE A 87 27.82 -3.17 -0.62
CA PHE A 87 26.62 -3.53 -1.34
C PHE A 87 25.48 -2.76 -0.67
N ASP A 88 24.27 -2.97 -1.13
CA ASP A 88 23.11 -2.21 -0.64
C ASP A 88 22.34 -3.04 0.39
N LYS A 89 21.60 -2.34 1.27
CA LYS A 89 20.79 -3.02 2.29
C LYS A 89 19.81 -3.98 1.61
N GLU A 90 19.30 -3.60 0.44
CA GLU A 90 18.38 -4.46 -0.30
C GLU A 90 18.98 -5.75 -0.82
N ASP A 91 20.29 -5.91 -0.76
CA ASP A 91 20.94 -7.11 -1.28
C ASP A 91 21.01 -8.21 -0.21
N ILE A 92 20.59 -7.90 1.02
CA ILE A 92 20.66 -8.82 2.15
C ILE A 92 19.35 -9.62 2.23
N VAL A 93 19.49 -10.93 2.35
CA VAL A 93 18.36 -11.83 2.62
C VAL A 93 18.64 -12.64 3.87
N PHE A 94 17.80 -12.47 4.88
CA PHE A 94 17.98 -13.24 6.12
C PHE A 94 17.35 -14.62 5.96
N VAL A 95 18.04 -15.59 6.52
CA VAL A 95 17.60 -16.99 6.49
C VAL A 95 17.96 -17.58 7.85
N GLU A 96 17.11 -18.43 8.40
CA GLU A 96 17.36 -18.93 9.77
C GLU A 96 18.67 -19.72 9.91
N GLY A 97 19.21 -20.25 8.81
CA GLY A 97 20.52 -20.87 8.80
C GLY A 97 21.11 -20.94 7.42
N VAL A 98 22.40 -21.23 7.36
CA VAL A 98 23.13 -21.36 6.09
C VAL A 98 22.78 -22.68 5.37
N VAL A 99 22.62 -23.75 6.12
CA VAL A 99 22.19 -25.02 5.54
C VAL A 99 20.76 -24.89 4.90
N PRO A 100 19.79 -24.31 5.63
CA PRO A 100 18.58 -23.85 4.94
C PRO A 100 18.81 -23.09 3.62
N ALA A 101 19.67 -22.08 3.63
CA ALA A 101 19.97 -21.30 2.42
C ALA A 101 20.49 -22.17 1.28
N ILE A 102 21.33 -23.15 1.61
CA ILE A 102 21.86 -24.09 0.62
C ILE A 102 20.74 -24.85 -0.12
N SER A 103 19.77 -25.35 0.64
CA SER A 103 18.66 -26.09 0.07
C SER A 103 17.78 -25.17 -0.78
N ILE A 104 17.49 -23.98 -0.26
CA ILE A 104 16.75 -22.98 -1.04
C ILE A 104 17.46 -22.67 -2.36
N ALA A 105 18.78 -22.48 -2.30
CA ALA A 105 19.58 -22.21 -3.51
C ALA A 105 19.51 -23.35 -4.51
N ILE A 106 19.65 -24.58 -4.02
CA ILE A 106 19.56 -25.77 -4.92
C ILE A 106 18.20 -25.76 -5.62
N GLN A 107 17.13 -25.56 -4.85
CA GLN A 107 15.79 -25.61 -5.40
C GLN A 107 15.51 -24.44 -6.34
N ALA A 108 16.01 -23.25 -5.98
CA ALA A 108 15.86 -22.05 -6.80
C ALA A 108 16.61 -22.10 -8.13
N PHE A 109 17.86 -22.54 -8.11
CA PHE A 109 18.77 -22.30 -9.24
C PHE A 109 18.96 -23.49 -10.17
N THR A 110 18.43 -24.65 -9.78
CA THR A 110 18.49 -25.85 -10.59
C THR A 110 17.13 -26.55 -10.59
N LYS A 111 16.98 -27.46 -11.54
CA LYS A 111 15.81 -28.31 -11.57
CA LYS A 111 15.82 -28.33 -11.67
C LYS A 111 16.24 -29.73 -11.28
N GLU A 112 15.29 -30.55 -10.84
CA GLU A 112 15.55 -31.97 -10.59
C GLU A 112 16.31 -32.63 -11.75
N GLY A 113 17.30 -33.46 -11.41
CA GLY A 113 18.09 -34.12 -12.43
C GLY A 113 19.32 -33.35 -12.85
N GLU A 114 19.35 -32.03 -12.61
CA GLU A 114 20.48 -31.21 -13.02
C GLU A 114 21.66 -31.39 -12.03
N ALA A 115 22.87 -31.10 -12.51
CA ALA A 115 24.09 -31.40 -11.80
C ALA A 115 24.57 -30.24 -10.93
N VAL A 116 24.88 -30.57 -9.67
CA VAL A 116 25.47 -29.60 -8.72
C VAL A 116 26.85 -30.12 -8.28
N LEU A 117 27.84 -29.23 -8.36
CA LEU A 117 29.20 -29.55 -8.08
C LEU A 117 29.66 -29.07 -6.71
N ILE A 118 30.45 -29.93 -6.05
CA ILE A 118 31.14 -29.59 -4.80
C ILE A 118 32.60 -29.97 -4.94
N ASN A 119 33.47 -29.33 -4.16
CA ASN A 119 34.84 -29.85 -3.99
C ASN A 119 34.89 -30.81 -2.81
N SER A 120 35.13 -32.08 -3.08
CA SER A 120 35.19 -33.08 -2.01
C SER A 120 36.63 -33.30 -1.54
N PRO A 121 36.83 -33.63 -0.25
CA PRO A 121 35.78 -33.81 0.76
C PRO A 121 35.37 -32.46 1.36
N VAL A 122 34.14 -32.35 1.83
CA VAL A 122 33.55 -31.09 2.25
C VAL A 122 32.39 -31.35 3.21
N TYR A 123 32.08 -30.34 4.01
CA TYR A 123 30.92 -30.26 4.89
C TYR A 123 29.78 -31.17 4.43
N PRO A 124 29.43 -32.19 5.25
CA PRO A 124 28.49 -33.25 4.76
C PRO A 124 27.10 -32.80 4.28
N PRO A 125 26.52 -31.76 4.86
CA PRO A 125 25.29 -31.25 4.32
C PRO A 125 25.31 -30.77 2.88
N PHE A 126 26.50 -30.46 2.34
CA PHE A 126 26.64 -30.16 0.92
C PHE A 126 26.12 -31.34 0.08
N ALA A 127 26.76 -32.49 0.18
CA ALA A 127 26.37 -33.68 -0.56
C ALA A 127 24.96 -34.16 -0.21
N ARG A 128 24.62 -34.16 1.07
CA ARG A 128 23.26 -34.49 1.52
C ARG A 128 22.22 -33.62 0.84
N SER A 129 22.43 -32.31 0.86
CA SER A 129 21.37 -31.40 0.34
C SER A 129 21.16 -31.62 -1.16
N VAL A 130 22.24 -31.85 -1.91
CA VAL A 130 22.16 -32.17 -3.35
C VAL A 130 21.39 -33.50 -3.58
N ARG A 131 21.80 -34.56 -2.90
CA ARG A 131 21.20 -35.87 -3.08
C ARG A 131 19.71 -35.93 -2.71
N LEU A 132 19.38 -35.38 -1.54
CA LEU A 132 17.99 -35.43 -1.05
C LEU A 132 17.06 -34.55 -1.92
N ASN A 133 17.63 -33.59 -2.64
CA ASN A 133 16.87 -32.77 -3.59
C ASN A 133 16.80 -33.40 -4.98
N ASN A 134 17.26 -34.64 -5.14
CA ASN A 134 17.22 -35.31 -6.43
C ASN A 134 17.91 -34.49 -7.53
N ARG A 135 19.04 -33.87 -7.17
CA ARG A 135 19.95 -33.32 -8.15
C ARG A 135 21.12 -34.30 -8.31
N LYS A 136 21.79 -34.26 -9.46
CA LYS A 136 23.00 -35.08 -9.69
C LYS A 136 24.16 -34.46 -8.93
N LEU A 137 24.78 -35.22 -8.04
CA LEU A 137 25.98 -34.71 -7.33
C LEU A 137 27.24 -34.92 -8.13
N VAL A 138 28.01 -33.85 -8.35
CA VAL A 138 29.32 -33.96 -8.97
C VAL A 138 30.37 -33.60 -7.93
N SER A 139 31.17 -34.59 -7.53
CA SER A 139 32.19 -34.41 -6.48
C SER A 139 33.54 -34.21 -7.17
N ASN A 140 33.98 -32.97 -7.25
CA ASN A 140 35.30 -32.64 -7.73
C ASN A 140 36.27 -32.83 -6.58
N SER A 141 37.10 -33.86 -6.71
CA SER A 141 37.98 -34.25 -5.64
C SER A 141 39.16 -33.30 -5.54
N LEU A 142 39.43 -32.78 -4.35
CA LEU A 142 40.55 -31.90 -4.13
C LEU A 142 41.85 -32.68 -4.12
N LYS A 143 42.91 -32.00 -4.55
CA LYS A 143 44.27 -32.56 -4.40
C LYS A 143 44.77 -32.24 -3.01
N GLU A 144 45.78 -32.99 -2.57
CA GLU A 144 46.53 -32.65 -1.36
CA GLU A 144 46.54 -32.64 -1.37
C GLU A 144 48.02 -32.57 -1.73
N GLU A 145 48.60 -31.39 -1.57
CA GLU A 145 49.99 -31.11 -1.92
C GLU A 145 50.60 -30.28 -0.84
N ASN A 146 51.77 -30.68 -0.38
CA ASN A 146 52.52 -29.90 0.61
C ASN A 146 51.65 -29.50 1.80
N GLY A 147 50.76 -30.41 2.20
CA GLY A 147 49.96 -30.24 3.40
C GLY A 147 48.66 -29.45 3.29
N LEU A 148 48.23 -29.16 2.06
CA LEU A 148 47.09 -28.26 1.81
C LEU A 148 46.22 -28.82 0.71
N PHE A 149 44.92 -28.56 0.80
CA PHE A 149 44.04 -28.88 -0.30
C PHE A 149 44.32 -27.90 -1.46
N GLN A 150 44.19 -28.39 -2.67
CA GLN A 150 44.29 -27.58 -3.86
C GLN A 150 43.28 -28.12 -4.86
N ILE A 151 42.79 -27.21 -5.69
CA ILE A 151 41.90 -27.58 -6.78
C ILE A 151 42.72 -28.02 -8.02
N ASP A 152 42.35 -29.15 -8.58
CA ASP A 152 42.79 -29.57 -9.91
C ASP A 152 41.87 -28.91 -10.95
N PHE A 153 42.35 -27.83 -11.54
CA PHE A 153 41.50 -27.01 -12.42
C PHE A 153 41.16 -27.69 -13.73
N GLU A 154 42.08 -28.52 -14.23
CA GLU A 154 41.83 -29.33 -15.42
C GLU A 154 40.65 -30.24 -15.17
N GLN A 155 40.70 -30.97 -14.07
CA GLN A 155 39.62 -31.89 -13.72
C GLN A 155 38.36 -31.15 -13.32
N LEU A 156 38.52 -29.99 -12.67
CA LEU A 156 37.35 -29.19 -12.34
C LEU A 156 36.59 -28.82 -13.62
N GLU A 157 37.31 -28.39 -14.64
CA GLU A 157 36.64 -28.03 -15.89
C GLU A 157 35.99 -29.25 -16.51
N ASN A 158 36.70 -30.38 -16.54
CA ASN A 158 36.16 -31.64 -17.06
C ASN A 158 34.86 -32.02 -16.36
N ASP A 159 34.84 -31.86 -15.04
CA ASP A 159 33.69 -32.23 -14.23
C ASP A 159 32.50 -31.33 -14.54
N ILE A 160 32.74 -30.04 -14.76
CA ILE A 160 31.68 -29.11 -15.14
C ILE A 160 31.10 -29.47 -16.53
N VAL A 161 32.00 -29.63 -17.50
CA VAL A 161 31.61 -29.86 -18.91
C VAL A 161 30.92 -31.20 -19.11
N GLU A 162 31.50 -32.25 -18.53
CA GLU A 162 31.00 -33.62 -18.72
C GLU A 162 29.65 -33.88 -18.08
N ASN A 163 29.33 -33.09 -17.06
CA ASN A 163 28.11 -33.23 -16.31
C ASN A 163 27.12 -32.09 -16.49
N ASP A 164 27.41 -31.13 -17.36
CA ASP A 164 26.58 -29.92 -17.56
C ASP A 164 26.20 -29.29 -16.22
N VAL A 165 27.22 -28.98 -15.45
CA VAL A 165 27.02 -28.50 -14.09
C VAL A 165 26.29 -27.15 -14.11
N LYS A 166 25.22 -27.04 -13.33
CA LYS A 166 24.43 -25.82 -13.30
C LYS A 166 24.74 -24.92 -12.11
N LEU A 167 25.20 -25.52 -11.01
CA LEU A 167 25.40 -24.86 -9.74
C LEU A 167 26.64 -25.44 -9.07
N TYR A 168 27.49 -24.56 -8.53
CA TYR A 168 28.70 -24.92 -7.81
C TYR A 168 28.52 -24.41 -6.37
N LEU A 169 28.51 -25.32 -5.40
CA LEU A 169 28.55 -24.96 -3.97
C LEU A 169 30.01 -24.91 -3.55
N LEU A 170 30.51 -23.71 -3.33
CA LEU A 170 31.89 -23.48 -2.91
C LEU A 170 31.88 -23.30 -1.40
N CYS A 171 32.91 -23.83 -0.75
CA CYS A 171 33.17 -23.59 0.65
C CYS A 171 34.45 -22.78 0.81
N ASN A 172 34.29 -21.57 1.33
CA ASN A 172 35.41 -20.65 1.45
CA ASN A 172 35.35 -20.53 1.32
C ASN A 172 35.30 -19.75 2.65
N PRO A 173 36.13 -20.06 3.65
CA PRO A 173 37.15 -21.10 3.75
C PRO A 173 36.59 -22.50 3.70
N HIS A 174 37.42 -23.42 3.20
CA HIS A 174 36.99 -24.79 2.98
C HIS A 174 37.03 -25.62 4.27
N ASN A 175 35.92 -26.29 4.54
CA ASN A 175 35.74 -27.14 5.69
C ASN A 175 35.40 -28.52 5.12
N PRO A 176 36.21 -29.56 5.43
CA PRO A 176 37.32 -29.58 6.38
C PRO A 176 38.66 -29.17 5.78
N GLY A 177 39.68 -29.19 6.64
CA GLY A 177 41.02 -28.73 6.29
C GLY A 177 41.32 -27.28 6.61
N GLY A 178 40.32 -26.41 6.48
CA GLY A 178 40.49 -25.00 6.81
C GLY A 178 41.32 -24.23 5.78
N ARG A 179 41.04 -24.48 4.51
CA ARG A 179 41.75 -23.86 3.39
C ARG A 179 41.17 -22.50 3.02
N VAL A 180 42.03 -21.48 3.11
CA VAL A 180 41.66 -20.09 2.85
C VAL A 180 42.16 -19.76 1.45
N TRP A 181 41.25 -19.94 0.50
CA TRP A 181 41.58 -19.84 -0.92
C TRP A 181 42.08 -18.45 -1.26
N GLU A 182 43.18 -18.40 -2.01
CA GLU A 182 43.74 -17.16 -2.52
C GLU A 182 42.84 -16.53 -3.56
N ARG A 183 42.90 -15.22 -3.65
CA ARG A 183 42.20 -14.47 -4.68
C ARG A 183 42.38 -15.17 -6.02
N GLU A 184 43.59 -15.59 -6.34
CA GLU A 184 43.90 -16.13 -7.69
C GLU A 184 43.22 -17.46 -7.98
N VAL A 185 43.04 -18.28 -6.94
CA VAL A 185 42.26 -19.50 -7.03
C VAL A 185 40.79 -19.17 -7.33
N LEU A 186 40.24 -18.27 -6.56
CA LEU A 186 38.84 -17.85 -6.76
C LEU A 186 38.62 -17.21 -8.12
N GLU A 187 39.62 -16.48 -8.62
CA GLU A 187 39.58 -15.90 -9.97
CA GLU A 187 39.51 -15.88 -9.95
C GLU A 187 39.37 -16.98 -11.01
N GLN A 188 40.17 -18.05 -10.92
CA GLN A 188 40.08 -19.17 -11.88
C GLN A 188 38.75 -19.90 -11.78
N ILE A 189 38.25 -20.08 -10.56
CA ILE A 189 36.94 -20.65 -10.38
C ILE A 189 35.87 -19.81 -11.04
N GLY A 190 35.90 -18.51 -10.80
CA GLY A 190 34.90 -17.60 -11.40
C GLY A 190 34.95 -17.60 -12.91
N HIS A 191 36.14 -17.70 -13.47
CA HIS A 191 36.28 -17.71 -14.92
C HIS A 191 35.61 -18.96 -15.51
N LEU A 192 35.76 -20.11 -14.86
CA LEU A 192 35.07 -21.33 -15.27
C LEU A 192 33.54 -21.21 -15.20
N CYS A 193 33.04 -20.54 -14.17
CA CYS A 193 31.59 -20.33 -14.05
C CYS A 193 31.07 -19.42 -15.14
N GLN A 194 31.83 -18.38 -15.48
CA GLN A 194 31.45 -17.45 -16.57
C GLN A 194 31.46 -18.19 -17.92
N LYS A 195 32.52 -18.94 -18.16
CA LYS A 195 32.69 -19.72 -19.38
C LYS A 195 31.56 -20.73 -19.61
N HIS A 196 31.22 -21.46 -18.55
CA HIS A 196 30.29 -22.57 -18.63
C HIS A 196 28.90 -22.29 -18.09
N HIS A 197 28.65 -21.04 -17.69
CA HIS A 197 27.31 -20.60 -17.29
C HIS A 197 26.81 -21.30 -16.04
N VAL A 198 27.68 -21.30 -15.04
CA VAL A 198 27.42 -21.91 -13.76
C VAL A 198 27.12 -20.80 -12.75
N ILE A 199 26.15 -21.03 -11.89
CA ILE A 199 25.83 -20.15 -10.78
C ILE A 199 26.63 -20.68 -9.60
N LEU A 200 27.20 -19.76 -8.82
CA LEU A 200 28.04 -20.14 -7.70
C LEU A 200 27.45 -19.61 -6.41
N VAL A 201 27.35 -20.50 -5.43
CA VAL A 201 26.98 -20.17 -4.07
C VAL A 201 28.22 -20.35 -3.20
N SER A 202 28.71 -19.25 -2.64
CA SER A 202 29.92 -19.24 -1.79
C SER A 202 29.49 -19.27 -0.32
N ASP A 203 29.67 -20.43 0.32
CA ASP A 203 29.43 -20.59 1.76
C ASP A 203 30.66 -20.07 2.50
N GLU A 204 30.51 -18.86 3.03
CA GLU A 204 31.58 -18.17 3.72
C GLU A 204 31.27 -18.05 5.21
N ILE A 205 30.67 -19.08 5.78
CA ILE A 205 30.29 -19.03 7.17
C ILE A 205 31.51 -18.93 8.10
N HIS A 206 32.66 -19.47 7.66
CA HIS A 206 33.91 -19.43 8.47
C HIS A 206 34.78 -18.20 8.17
N GLN A 207 34.23 -17.20 7.48
CA GLN A 207 35.03 -16.10 6.91
C GLN A 207 35.78 -15.24 7.89
N ASP A 208 35.24 -15.15 9.12
CA ASP A 208 35.86 -14.35 10.19
C ASP A 208 36.92 -15.11 10.98
N LEU A 209 37.15 -16.37 10.62
CA LEU A 209 38.00 -17.26 11.40
C LEU A 209 39.27 -17.70 10.64
N THR A 210 39.79 -16.83 9.77
CA THR A 210 41.06 -17.09 9.14
C THR A 210 42.17 -16.63 10.09
N LEU A 211 43.28 -17.33 10.04
CA LEU A 211 44.29 -17.32 11.07
C LEU A 211 45.70 -17.30 10.45
N PHE A 212 46.70 -17.12 11.30
CA PHE A 212 48.11 -17.19 10.89
C PHE A 212 48.45 -16.27 9.71
N GLY A 213 47.81 -15.12 9.65
CA GLY A 213 48.06 -14.20 8.55
C GLY A 213 47.20 -14.38 7.31
N HIS A 214 46.48 -15.50 7.24
CA HIS A 214 45.65 -15.76 6.08
C HIS A 214 44.42 -14.89 6.10
N GLU A 215 44.11 -14.34 4.93
CA GLU A 215 43.03 -13.37 4.79
C GLU A 215 41.93 -13.95 3.92
N HIS A 216 40.70 -13.90 4.42
CA HIS A 216 39.52 -14.26 3.64
C HIS A 216 39.32 -13.32 2.48
N VAL A 217 39.09 -13.89 1.30
CA VAL A 217 38.71 -13.13 0.10
C VAL A 217 37.24 -13.50 -0.21
N SER A 218 36.32 -12.58 0.06
CA SER A 218 34.90 -12.81 -0.27
C SER A 218 34.73 -12.84 -1.78
N PHE A 219 33.95 -13.81 -2.27
CA PHE A 219 33.97 -14.18 -3.65
C PHE A 219 33.71 -13.02 -4.61
N ASN A 220 32.70 -12.19 -4.33
CA ASN A 220 32.32 -11.13 -5.25
C ASN A 220 33.22 -9.90 -5.18
N THR A 221 34.13 -9.88 -4.20
CA THR A 221 35.20 -8.87 -4.21
C THR A 221 36.31 -9.15 -5.22
N VAL A 222 36.34 -10.36 -5.78
CA VAL A 222 37.45 -10.77 -6.65
C VAL A 222 37.38 -10.03 -7.99
N SER A 223 36.17 -9.91 -8.52
CA SER A 223 35.92 -9.17 -9.76
C SER A 223 34.51 -8.56 -9.71
N PRO A 224 34.33 -7.32 -10.24
CA PRO A 224 33.03 -6.66 -10.14
C PRO A 224 31.93 -7.37 -10.93
N ASP A 225 32.27 -8.26 -11.86
CA ASP A 225 31.29 -9.02 -12.66
CA ASP A 225 31.20 -8.95 -12.60
C ASP A 225 30.83 -10.32 -11.99
N PHE A 226 31.53 -10.76 -10.93
CA PHE A 226 31.23 -12.05 -10.31
C PHE A 226 29.80 -12.14 -9.75
N LYS A 227 29.26 -11.02 -9.30
CA LYS A 227 27.92 -11.07 -8.75
C LYS A 227 26.85 -11.32 -9.81
N ASP A 228 27.23 -11.27 -11.09
CA ASP A 228 26.30 -11.61 -12.15
C ASP A 228 25.92 -13.10 -12.07
N PHE A 229 26.77 -13.93 -11.47
CA PHE A 229 26.51 -15.37 -11.33
C PHE A 229 26.72 -15.93 -9.92
N ALA A 230 27.27 -15.11 -9.01
CA ALA A 230 27.59 -15.61 -7.64
C ALA A 230 26.91 -14.86 -6.50
N LEU A 231 26.66 -15.59 -5.43
CA LEU A 231 26.15 -15.02 -4.19
C LEU A 231 26.91 -15.62 -3.03
N VAL A 232 26.81 -14.94 -1.92
CA VAL A 232 27.56 -15.24 -0.71
C VAL A 232 26.60 -15.52 0.44
N LEU A 233 26.88 -16.61 1.13
CA LEU A 233 26.22 -16.95 2.38
C LEU A 233 27.20 -16.78 3.53
N SER A 234 26.76 -16.09 4.59
CA SER A 234 27.50 -16.06 5.83
C SER A 234 26.57 -15.81 7.02
N SER A 235 27.16 -15.64 8.20
CA SER A 235 26.43 -15.65 9.45
C SER A 235 27.35 -15.11 10.54
N ALA A 236 26.72 -14.66 11.62
CA ALA A 236 27.40 -14.39 12.90
C ALA A 236 27.58 -15.66 13.73
N THR A 237 26.92 -16.75 13.38
CA THR A 237 26.84 -17.89 14.30
C THR A 237 28.14 -18.67 14.52
N LYS A 238 28.90 -19.00 13.47
CA LYS A 238 30.15 -19.73 13.68
C LYS A 238 31.14 -18.82 14.36
N THR A 239 31.21 -17.58 13.88
CA THR A 239 32.16 -16.60 14.42
C THR A 239 32.00 -16.42 15.92
N PHE A 240 30.74 -16.29 16.37
CA PHE A 240 30.46 -15.82 17.73
C PHE A 240 29.80 -16.84 18.64
N ASN A 241 29.68 -18.08 18.12
CA ASN A 241 29.18 -19.23 18.87
C ASN A 241 27.72 -19.06 19.29
N ILE A 242 26.89 -18.61 18.33
CA ILE A 242 25.49 -18.34 18.61
C ILE A 242 24.54 -19.14 17.69
N ALA A 243 24.94 -20.36 17.34
CA ALA A 243 24.20 -21.19 16.40
C ALA A 243 22.77 -21.44 16.82
N GLY A 244 22.51 -21.53 18.14
CA GLY A 244 21.18 -21.75 18.66
C GLY A 244 20.22 -20.57 18.54
N THR A 245 20.72 -19.39 18.12
CA THR A 245 19.86 -18.24 17.89
C THR A 245 19.22 -18.18 16.51
N LYS A 246 19.76 -18.96 15.56
CA LYS A 246 19.16 -19.20 14.24
C LYS A 246 18.94 -17.94 13.38
N ASN A 247 20.06 -17.39 12.92
CA ASN A 247 20.00 -16.41 11.87
C ASN A 247 21.28 -16.44 11.04
N SER A 248 21.15 -16.03 9.80
CA SER A 248 22.21 -16.03 8.81
C SER A 248 21.75 -15.18 7.63
N TYR A 249 22.61 -15.01 6.64
CA TYR A 249 22.15 -14.28 5.50
C TYR A 249 22.77 -14.71 4.20
N ALA A 250 22.08 -14.35 3.12
CA ALA A 250 22.63 -14.35 1.77
C ALA A 250 22.83 -12.90 1.32
N ILE A 251 23.98 -12.61 0.71
CA ILE A 251 24.19 -11.35 0.00
C ILE A 251 24.05 -11.68 -1.50
N ILE A 252 23.01 -11.12 -2.11
CA ILE A 252 22.65 -11.41 -3.51
C ILE A 252 22.41 -10.10 -4.28
N GLU A 253 23.51 -9.58 -4.84
CA GLU A 253 23.51 -8.29 -5.54
C GLU A 253 22.78 -8.36 -6.90
N ASN A 254 22.89 -9.48 -7.59
CA ASN A 254 22.21 -9.59 -8.89
C ASN A 254 20.67 -9.63 -8.69
N PRO A 255 19.92 -8.73 -9.35
CA PRO A 255 18.48 -8.69 -9.15
C PRO A 255 17.77 -10.01 -9.47
N THR A 256 18.14 -10.66 -10.57
CA THR A 256 17.51 -11.90 -10.99
C THR A 256 17.77 -13.02 -9.96
N LEU A 257 19.04 -13.18 -9.54
CA LEU A 257 19.39 -14.23 -8.59
C LEU A 257 18.72 -13.96 -7.25
N CYS A 258 18.68 -12.69 -6.85
CA CYS A 258 18.09 -12.32 -5.58
C CYS A 258 16.60 -12.64 -5.58
N ALA A 259 15.90 -12.19 -6.61
CA ALA A 259 14.46 -12.51 -6.74
C ALA A 259 14.17 -14.04 -6.79
N GLN A 260 15.02 -14.81 -7.47
CA GLN A 260 14.86 -16.26 -7.61
C GLN A 260 15.00 -16.92 -6.23
N PHE A 261 16.02 -16.50 -5.48
CA PHE A 261 16.25 -17.03 -4.13
C PHE A 261 15.10 -16.67 -3.20
N LYS A 262 14.73 -15.39 -3.19
CA LYS A 262 13.68 -14.93 -2.30
CA LYS A 262 13.67 -14.91 -2.31
C LYS A 262 12.34 -15.59 -2.65
N HIS A 263 12.12 -15.81 -3.94
CA HIS A 263 10.87 -16.46 -4.37
C HIS A 263 10.79 -17.90 -3.83
N GLN A 264 11.85 -18.67 -4.06
CA GLN A 264 11.91 -20.04 -3.53
C GLN A 264 11.77 -20.08 -2.00
N GLN A 265 12.42 -19.14 -1.32
CA GLN A 265 12.34 -19.03 0.13
C GLN A 265 10.87 -18.87 0.61
N LEU A 266 10.11 -18.01 -0.07
CA LEU A 266 8.68 -17.80 0.20
C LEU A 266 7.79 -18.99 -0.23
N VAL A 267 8.07 -19.59 -1.39
CA VAL A 267 7.40 -20.83 -1.78
C VAL A 267 7.48 -21.87 -0.64
N ASN A 268 8.67 -21.97 -0.03
CA ASN A 268 8.95 -22.90 1.08
C ASN A 268 8.54 -22.42 2.46
N ASN A 269 7.97 -21.21 2.53
CA ASN A 269 7.64 -20.56 3.78
C ASN A 269 8.80 -20.58 4.77
N HIS A 270 9.98 -20.27 4.23
CA HIS A 270 11.23 -20.32 4.98
C HIS A 270 11.80 -18.92 5.09
N HIS A 271 10.92 -17.93 5.09
CA HIS A 271 11.31 -16.52 5.02
C HIS A 271 11.31 -15.83 6.37
N GLU A 272 10.84 -16.49 7.43
CA GLU A 272 10.77 -15.86 8.75
C GLU A 272 11.97 -16.25 9.66
N VAL A 273 12.32 -15.34 10.55
CA VAL A 273 13.43 -15.52 11.48
C VAL A 273 12.92 -15.13 12.85
N SER A 274 13.42 -15.81 13.90
CA SER A 274 13.01 -15.49 15.27
C SER A 274 13.55 -14.14 15.75
N SER A 275 12.90 -13.58 16.76
CA SER A 275 13.35 -12.28 17.30
C SER A 275 14.77 -12.29 17.83
N LEU A 276 15.13 -13.35 18.58
CA LEU A 276 16.50 -13.46 19.04
C LEU A 276 17.48 -13.72 17.90
N GLY A 277 17.05 -14.42 16.85
CA GLY A 277 17.83 -14.51 15.62
C GLY A 277 18.30 -13.13 15.16
N TYR A 278 17.35 -12.21 15.02
CA TYR A 278 17.66 -10.83 14.61
C TYR A 278 18.56 -10.11 15.61
N ILE A 279 18.18 -10.19 16.88
CA ILE A 279 18.86 -9.45 17.93
C ILE A 279 20.29 -9.89 18.13
N ALA A 280 20.51 -11.21 18.14
CA ALA A 280 21.82 -11.71 18.53
C ALA A 280 22.85 -11.39 17.43
N THR A 281 22.43 -11.46 16.18
CA THR A 281 23.31 -11.15 15.04
C THR A 281 23.73 -9.66 15.03
N GLU A 282 22.76 -8.77 15.17
CA GLU A 282 23.03 -7.35 15.22
C GLU A 282 24.01 -7.08 16.39
N THR A 283 23.70 -7.64 17.54
CA THR A 283 24.55 -7.42 18.71
C THR A 283 25.98 -7.93 18.52
N ALA A 284 26.14 -9.13 17.97
CA ALA A 284 27.45 -9.75 17.77
C ALA A 284 28.30 -8.90 16.82
N TYR A 285 27.69 -8.44 15.75
CA TYR A 285 28.41 -7.63 14.78
C TYR A 285 28.72 -6.22 15.33
N ARG A 286 27.86 -5.69 16.19
CA ARG A 286 28.05 -4.35 16.72
CA ARG A 286 28.04 -4.34 16.73
C ARG A 286 29.22 -4.30 17.69
N TYR A 287 29.31 -5.33 18.55
CA TYR A 287 30.20 -5.32 19.71
C TYR A 287 31.27 -6.39 19.70
N GLY A 288 31.26 -7.27 18.72
CA GLY A 288 32.08 -8.49 18.80
C GLY A 288 33.55 -8.41 18.36
N LYS A 289 33.95 -7.31 17.74
CA LYS A 289 35.29 -7.28 17.17
C LYS A 289 36.42 -7.57 18.17
N PRO A 290 36.41 -6.93 19.36
CA PRO A 290 37.50 -7.22 20.33
C PRO A 290 37.52 -8.66 20.82
N TRP A 291 36.33 -9.21 21.03
CA TRP A 291 36.18 -10.61 21.42
C TRP A 291 36.76 -11.55 20.35
N LEU A 292 36.49 -11.24 19.08
CA LEU A 292 37.00 -12.04 17.98
C LEU A 292 38.53 -11.95 17.85
N VAL A 293 39.07 -10.74 17.99
CA VAL A 293 40.54 -10.60 18.05
C VAL A 293 41.12 -11.53 19.14
N ALA A 294 40.50 -11.52 20.31
CA ALA A 294 40.94 -12.35 21.41
C ALA A 294 40.80 -13.85 21.13
N LEU A 295 39.63 -14.27 20.64
CA LEU A 295 39.40 -15.65 20.22
C LEU A 295 40.49 -16.16 19.27
N LYS A 296 40.77 -15.39 18.22
CA LYS A 296 41.74 -15.78 17.21
C LYS A 296 43.13 -16.04 17.79
N ALA A 297 43.54 -15.29 18.82
CA ALA A 297 44.83 -15.57 19.46
C ALA A 297 44.83 -16.94 20.19
N VAL A 298 43.71 -17.23 20.84
CA VAL A 298 43.50 -18.46 21.57
C VAL A 298 43.47 -19.62 20.57
N LEU A 299 42.80 -19.41 19.43
CA LEU A 299 42.72 -20.49 18.40
C LEU A 299 44.07 -20.82 17.83
N GLU A 300 44.84 -19.81 17.49
CA GLU A 300 46.20 -20.01 16.96
C GLU A 300 47.07 -20.79 17.97
N GLU A 301 47.03 -20.40 19.23
CA GLU A 301 47.80 -21.10 20.27
C GLU A 301 47.34 -22.56 20.45
N ASN A 302 46.04 -22.80 20.35
CA ASN A 302 45.53 -24.20 20.43
C ASN A 302 45.97 -25.08 19.24
N ILE A 303 45.92 -24.50 18.04
CA ILE A 303 46.30 -25.21 16.83
C ILE A 303 47.80 -25.48 16.84
N GLN A 304 48.56 -24.46 17.24
CA GLN A 304 50.02 -24.61 17.33
C GLN A 304 50.39 -25.68 18.32
N PHE A 305 49.69 -25.70 19.45
CA PHE A 305 49.90 -26.74 20.44
C PHE A 305 49.64 -28.12 19.85
N ALA A 306 48.49 -28.28 19.19
CA ALA A 306 48.07 -29.57 18.63
C ALA A 306 49.06 -30.10 17.59
N VAL A 307 49.47 -29.24 16.68
CA VAL A 307 50.41 -29.63 15.63
CA VAL A 307 50.40 -29.66 15.64
C VAL A 307 51.73 -30.11 16.25
N GLU A 308 52.23 -29.35 17.20
CA GLU A 308 53.49 -29.68 17.85
C GLU A 308 53.38 -30.94 18.68
N TYR A 309 52.29 -31.06 19.44
CA TYR A 309 52.07 -32.21 20.32
C TYR A 309 51.97 -33.50 19.50
N PHE A 310 51.17 -33.47 18.44
CA PHE A 310 51.03 -34.61 17.53
C PHE A 310 52.35 -34.96 16.85
N ALA A 311 53.13 -33.95 16.44
CA ALA A 311 54.46 -34.21 15.82
C ALA A 311 55.36 -35.02 16.77
N GLN A 312 55.24 -34.75 18.06
CA GLN A 312 56.11 -35.40 19.03
C GLN A 312 55.63 -36.76 19.47
N GLU A 313 54.32 -36.88 19.68
CA GLU A 313 53.76 -38.06 20.31
C GLU A 313 53.21 -39.04 19.31
N ALA A 314 52.91 -38.56 18.10
CA ALA A 314 52.37 -39.44 17.07
C ALA A 314 52.83 -38.98 15.68
N PRO A 315 54.14 -39.08 15.40
CA PRO A 315 54.62 -38.62 14.08
C PRO A 315 53.98 -39.34 12.86
N ARG A 316 53.41 -40.53 13.06
CA ARG A 316 52.71 -41.24 11.97
C ARG A 316 51.37 -40.59 11.58
N LEU A 317 50.81 -39.81 12.50
CA LEU A 317 49.55 -39.07 12.29
C LEU A 317 49.85 -37.88 11.42
N LYS A 318 49.12 -37.76 10.31
CA LYS A 318 49.33 -36.70 9.34
C LYS A 318 48.30 -35.61 9.63
N VAL A 319 48.80 -34.42 9.95
CA VAL A 319 47.99 -33.33 10.45
C VAL A 319 47.99 -32.18 9.44
N MET A 320 46.80 -31.86 8.89
CA MET A 320 46.67 -30.69 8.01
C MET A 320 46.51 -29.44 8.88
N LYS A 321 47.42 -28.48 8.77
CA LYS A 321 47.35 -27.29 9.60
C LYS A 321 46.34 -26.35 8.97
N PRO A 322 45.27 -25.98 9.71
CA PRO A 322 44.27 -25.05 9.15
C PRO A 322 44.87 -23.69 8.84
N GLN A 323 44.45 -23.09 7.73
CA GLN A 323 44.74 -21.70 7.46
C GLN A 323 43.64 -20.87 8.09
N GLY A 324 42.52 -21.51 8.38
CA GLY A 324 41.38 -20.87 9.05
C GLY A 324 40.42 -21.91 9.52
N THR A 325 39.32 -21.43 10.14
CA THR A 325 38.41 -22.25 10.97
C THR A 325 39.11 -22.76 12.23
N TYR A 326 38.31 -23.26 13.20
CA TYR A 326 38.80 -23.84 14.46
C TYR A 326 38.79 -25.37 14.50
N LEU A 327 38.96 -25.94 13.30
CA LEU A 327 38.82 -27.36 13.05
C LEU A 327 40.05 -27.88 12.32
N ILE A 328 40.56 -29.00 12.82
CA ILE A 328 41.74 -29.65 12.28
C ILE A 328 41.41 -30.99 11.65
N TRP A 329 41.89 -31.19 10.44
CA TRP A 329 41.68 -32.39 9.65
C TRP A 329 42.87 -33.35 9.89
N LEU A 330 42.58 -34.50 10.49
CA LEU A 330 43.59 -35.52 10.89
C LEU A 330 43.48 -36.74 9.99
N ASP A 331 44.62 -37.23 9.51
CA ASP A 331 44.69 -38.36 8.59
C ASP A 331 45.41 -39.52 9.31
N PHE A 332 44.66 -40.57 9.61
CA PHE A 332 45.15 -41.80 10.25
C PHE A 332 45.52 -42.89 9.25
N SER A 333 45.68 -42.52 7.97
CA SER A 333 45.90 -43.46 6.88
C SER A 333 47.12 -44.39 7.04
N ASP A 334 48.11 -43.97 7.82
CA ASP A 334 49.34 -44.75 7.97
C ASP A 334 49.17 -45.86 8.98
N TYR A 335 48.04 -45.86 9.70
CA TYR A 335 47.74 -46.88 10.70
C TYR A 335 46.98 -48.03 10.05
N GLY A 336 47.17 -49.24 10.58
CA GLY A 336 46.45 -50.40 10.09
C GLY A 336 45.05 -50.45 10.65
N LEU A 337 44.15 -49.70 10.01
CA LEU A 337 42.82 -49.45 10.58
C LEU A 337 41.80 -49.40 9.49
N THR A 338 40.56 -49.72 9.84
CA THR A 338 39.38 -49.41 9.06
C THR A 338 38.75 -48.14 9.68
N ASP A 339 37.80 -47.52 8.97
CA ASP A 339 36.99 -46.44 9.58
C ASP A 339 36.30 -46.87 10.85
N ASP A 340 35.59 -47.99 10.81
CA ASP A 340 34.88 -48.49 11.99
C ASP A 340 35.83 -48.73 13.17
N ALA A 341 37.00 -49.34 12.92
CA ALA A 341 37.97 -49.56 13.98
C ALA A 341 38.62 -48.28 14.51
N LEU A 342 38.84 -47.29 13.63
CA LEU A 342 39.36 -45.99 14.09
C LEU A 342 38.38 -45.35 15.08
N PHE A 343 37.11 -45.32 14.71
CA PHE A 343 36.14 -44.65 15.58
C PHE A 343 35.76 -45.42 16.82
N THR A 344 35.84 -46.75 16.81
CA THR A 344 35.64 -47.51 18.05
CA THR A 344 35.65 -47.52 18.04
C THR A 344 36.82 -47.26 18.98
N LEU A 345 38.02 -47.21 18.42
CA LEU A 345 39.23 -46.89 19.18
C LEU A 345 39.15 -45.50 19.82
N LEU A 346 38.84 -44.48 19.04
CA LEU A 346 38.74 -43.12 19.58
C LEU A 346 37.61 -42.96 20.59
N HIS A 347 36.44 -43.45 20.21
CA HIS A 347 35.24 -43.31 21.03
C HIS A 347 35.28 -44.22 22.24
N ASP A 348 35.56 -45.50 22.03
CA ASP A 348 35.42 -46.49 23.11
C ASP A 348 36.66 -46.61 23.97
N GLN A 349 37.82 -46.50 23.38
CA GLN A 349 39.05 -46.65 24.13
C GLN A 349 39.68 -45.32 24.56
N ALA A 350 39.73 -44.33 23.68
CA ALA A 350 40.31 -43.03 24.01
C ALA A 350 39.26 -42.06 24.64
N LYS A 351 37.97 -42.38 24.46
CA LYS A 351 36.86 -41.59 25.02
C LYS A 351 36.90 -40.14 24.51
N VAL A 352 37.12 -40.00 23.21
CA VAL A 352 37.07 -38.70 22.54
CA VAL A 352 37.07 -38.70 22.55
C VAL A 352 36.13 -38.84 21.34
N ILE A 353 35.32 -37.81 21.10
CA ILE A 353 34.35 -37.82 20.05
C ILE A 353 34.81 -36.78 19.02
N LEU A 354 35.25 -37.29 17.87
CA LEU A 354 35.63 -36.49 16.73
C LEU A 354 34.62 -36.74 15.61
N ASN A 355 34.57 -35.87 14.61
CA ASN A 355 33.77 -36.12 13.43
C ASN A 355 34.45 -37.17 12.59
N ARG A 356 33.66 -38.13 12.14
CA ARG A 356 34.09 -39.17 11.23
C ARG A 356 34.41 -38.60 9.83
N GLY A 357 35.64 -38.75 9.40
CA GLY A 357 36.09 -38.24 8.11
C GLY A 357 35.30 -38.75 6.93
N SER A 358 34.84 -40.01 7.00
CA SER A 358 34.14 -40.60 5.87
C SER A 358 32.79 -39.89 5.61
N ASP A 359 32.26 -39.17 6.63
CA ASP A 359 31.06 -38.35 6.43
C ASP A 359 31.23 -37.28 5.35
N TYR A 360 32.48 -36.84 5.14
CA TYR A 360 32.83 -35.72 4.26
C TYR A 360 33.06 -36.14 2.81
N GLY A 361 33.06 -37.45 2.56
CA GLY A 361 33.37 -37.95 1.21
C GLY A 361 34.37 -39.09 1.33
N SER A 362 34.53 -39.87 0.25
CA SER A 362 35.50 -40.98 0.23
C SER A 362 36.94 -40.51 0.57
N GLU A 363 37.27 -39.28 0.20
CA GLU A 363 38.62 -38.76 0.48
C GLU A 363 38.89 -38.65 2.01
N GLY A 364 37.82 -38.64 2.81
CA GLY A 364 37.95 -38.54 4.25
C GLY A 364 38.00 -39.90 4.96
N GLU A 365 38.01 -40.99 4.21
CA GLU A 365 38.24 -42.30 4.84
C GLU A 365 39.56 -42.27 5.64
N LEU A 366 39.52 -42.88 6.84
CA LEU A 366 40.65 -42.90 7.76
C LEU A 366 41.08 -41.51 8.25
N HIS A 367 40.18 -40.53 8.13
CA HIS A 367 40.36 -39.22 8.72
C HIS A 367 39.35 -38.96 9.86
N ALA A 368 39.67 -38.00 10.70
CA ALA A 368 38.73 -37.44 11.65
C ALA A 368 38.95 -35.93 11.73
N ARG A 369 37.90 -35.20 12.09
CA ARG A 369 38.00 -33.75 12.29
C ARG A 369 37.89 -33.39 13.79
N LEU A 370 38.85 -32.56 14.22
CA LEU A 370 39.05 -32.16 15.60
C LEU A 370 38.71 -30.67 15.78
N ASN A 371 37.83 -30.41 16.73
CA ASN A 371 37.41 -29.05 17.09
C ASN A 371 38.25 -28.55 18.25
N ILE A 372 39.05 -27.50 18.01
CA ILE A 372 39.89 -26.94 19.08
C ILE A 372 39.43 -25.61 19.69
N ALA A 373 38.17 -25.27 19.44
CA ALA A 373 37.54 -24.09 20.05
C ALA A 373 37.02 -24.45 21.46
N ALA A 374 37.99 -24.66 22.33
CA ALA A 374 37.79 -24.91 23.74
C ALA A 374 39.01 -24.38 24.48
N PRO A 375 38.89 -24.19 25.80
CA PRO A 375 40.05 -23.75 26.57
C PRO A 375 41.26 -24.67 26.35
N LYS A 376 42.45 -24.11 26.44
CA LYS A 376 43.66 -24.86 26.15
C LYS A 376 43.77 -26.16 26.93
N SER A 377 43.29 -26.15 28.18
CA SER A 377 43.42 -27.31 29.05
C SER A 377 42.60 -28.50 28.54
N LEU A 378 41.42 -28.21 27.99
CA LEU A 378 40.56 -29.21 27.39
C LEU A 378 41.21 -29.75 26.11
N VAL A 379 41.73 -28.83 25.30
CA VAL A 379 42.44 -29.18 24.07
C VAL A 379 43.65 -30.09 24.38
N GLU A 380 44.43 -29.73 25.40
CA GLU A 380 45.56 -30.57 25.82
C GLU A 380 45.12 -32.01 26.15
N GLU A 381 44.02 -32.16 26.87
CA GLU A 381 43.50 -33.49 27.23
C GLU A 381 43.00 -34.25 25.98
N ILE A 382 42.28 -33.55 25.12
CA ILE A 382 41.75 -34.19 23.91
C ILE A 382 42.90 -34.72 23.06
N CYS A 383 43.95 -33.90 22.90
CA CYS A 383 45.12 -34.31 22.13
C CYS A 383 45.82 -35.51 22.76
N LYS A 384 45.92 -35.51 24.09
CA LYS A 384 46.52 -36.61 24.83
CA LYS A 384 46.51 -36.60 24.84
C LYS A 384 45.77 -37.90 24.57
N ARG A 385 44.44 -37.82 24.53
CA ARG A 385 43.59 -38.97 24.32
C ARG A 385 43.69 -39.51 22.90
N ILE A 386 43.79 -38.59 21.95
CA ILE A 386 43.94 -38.93 20.53
C ILE A 386 45.20 -39.80 20.29
N VAL A 387 46.30 -39.47 20.96
CA VAL A 387 47.53 -40.24 20.76
C VAL A 387 47.72 -41.41 21.72
N CYS A 388 46.82 -41.54 22.70
CA CYS A 388 46.94 -42.53 23.76
CA CYS A 388 46.95 -42.57 23.77
C CYS A 388 47.01 -43.98 23.25
N CYS A 389 46.15 -44.27 22.29
CA CYS A 389 45.71 -45.65 22.00
CA CYS A 389 45.81 -45.66 22.01
C CYS A 389 45.97 -46.02 20.50
N LEU A 390 46.82 -45.29 19.76
CA LEU A 390 47.04 -45.52 18.31
C LEU A 390 47.94 -46.74 18.01
N PRO A 391 47.54 -47.63 17.08
CA PRO A 391 48.19 -48.95 16.99
C PRO A 391 49.51 -49.01 16.26
N LYS A 392 50.40 -49.87 16.76
CA LYS A 392 51.69 -50.14 16.10
C LYS A 392 51.50 -50.78 14.73
N LYS B 7 -3.37 -10.25 39.65
CA LYS B 7 -2.13 -11.10 39.59
C LYS B 7 -1.43 -10.92 38.25
N TYR B 8 -2.05 -11.41 37.17
CA TYR B 8 -1.54 -11.18 35.82
C TYR B 8 -2.01 -9.83 35.32
N ASN B 9 -1.20 -9.20 34.50
CA ASN B 9 -1.49 -7.91 33.96
C ASN B 9 -2.17 -8.06 32.60
N PHE B 10 -3.47 -7.79 32.55
CA PHE B 10 -4.18 -7.63 31.27
C PHE B 10 -4.73 -6.22 31.15
N GLN B 11 -4.22 -5.31 31.99
CA GLN B 11 -4.73 -3.96 32.10
C GLN B 11 -3.89 -2.91 31.39
N THR B 12 -2.57 -3.11 31.34
CA THR B 12 -1.71 -2.14 30.69
C THR B 12 -0.92 -2.89 29.62
N ALA B 13 -0.77 -2.23 28.48
CA ALA B 13 -0.13 -2.81 27.31
C ALA B 13 1.34 -2.41 27.32
N PRO B 14 2.24 -3.40 27.31
CA PRO B 14 3.63 -3.02 27.25
C PRO B 14 3.92 -2.16 26.00
N ASN B 15 4.83 -1.20 26.11
CA ASN B 15 5.18 -0.39 24.98
C ASN B 15 6.04 -1.22 24.02
N ARG B 16 5.62 -1.30 22.76
CA ARG B 16 6.28 -2.17 21.77
C ARG B 16 6.91 -1.38 20.65
N LEU B 17 6.82 -0.05 20.72
CA LEU B 17 7.26 0.78 19.61
C LEU B 17 8.74 0.58 19.26
N SER B 18 9.57 0.32 20.26
CA SER B 18 11.02 0.13 20.08
C SER B 18 11.48 -1.30 19.75
N HIS B 19 10.54 -2.24 19.60
CA HIS B 19 10.83 -3.66 19.44
C HIS B 19 10.77 -4.20 18.04
N HIS B 20 10.63 -3.31 17.04
CA HIS B 20 10.49 -3.71 15.64
C HIS B 20 9.43 -4.80 15.42
N THR B 21 8.24 -4.53 15.95
CA THR B 21 7.08 -5.36 15.73
C THR B 21 6.42 -5.01 14.41
N TYR B 22 5.92 -6.01 13.72
CA TYR B 22 5.00 -5.80 12.64
C TYR B 22 3.80 -4.96 13.09
N LYS B 23 3.22 -5.33 14.21
CA LYS B 23 1.93 -4.75 14.61
C LYS B 23 2.00 -3.22 14.75
N TRP B 24 3.05 -2.75 15.41
CA TRP B 24 3.24 -1.33 15.69
C TRP B 24 4.16 -0.61 14.74
N LYS B 25 4.60 -1.30 13.68
CA LYS B 25 5.50 -0.67 12.70
C LYS B 25 5.05 0.72 12.19
N GLU B 26 3.82 0.83 11.69
CA GLU B 26 3.33 2.10 11.15
C GLU B 26 3.25 3.21 12.19
N THR B 27 2.87 2.82 13.40
CA THR B 27 2.78 3.73 14.52
C THR B 27 4.15 4.33 14.87
N GLU B 28 5.23 3.59 14.58
CA GLU B 28 6.58 4.11 14.82
C GLU B 28 6.86 5.39 14.01
N THR B 29 6.20 5.52 12.86
CA THR B 29 6.32 6.69 11.97
C THR B 29 5.15 7.66 12.10
N ASP B 30 3.95 7.13 12.30
CA ASP B 30 2.76 7.96 12.48
C ASP B 30 2.14 7.61 13.82
N PRO B 31 2.51 8.37 14.85
CA PRO B 31 2.14 8.06 16.21
C PRO B 31 0.65 8.06 16.48
N GLN B 32 -0.18 8.58 15.57
CA GLN B 32 -1.62 8.59 15.84
C GLN B 32 -2.35 7.34 15.39
N LEU B 33 -1.69 6.47 14.63
CA LEU B 33 -2.27 5.20 14.22
C LEU B 33 -2.32 4.17 15.37
N LEU B 34 -3.48 3.54 15.54
CA LEU B 34 -3.65 2.43 16.45
C LEU B 34 -3.84 1.15 15.67
N PRO B 35 -2.93 0.17 15.84
CA PRO B 35 -3.06 -1.10 15.14
C PRO B 35 -3.93 -2.13 15.86
N ALA B 36 -4.70 -2.90 15.08
CA ALA B 36 -5.48 -4.00 15.59
C ALA B 36 -5.66 -5.04 14.50
N TRP B 37 -4.54 -5.42 13.86
CA TRP B 37 -4.59 -6.26 12.68
C TRP B 37 -3.92 -7.63 12.92
N ILE B 38 -2.61 -7.71 12.74
CA ILE B 38 -1.83 -8.95 12.87
C ILE B 38 -2.10 -9.62 14.20
N ALA B 39 -2.17 -10.95 14.13
CA ALA B 39 -2.51 -11.78 15.27
C ALA B 39 -1.35 -12.04 16.25
N ASP B 40 -0.96 -11.00 16.98
CA ASP B 40 -0.33 -11.15 18.26
C ASP B 40 -1.01 -10.19 19.26
N MET B 41 -0.65 -10.32 20.54
CA MET B 41 -1.35 -9.64 21.63
C MET B 41 -0.56 -8.47 22.19
N ASP B 42 -1.28 -7.47 22.63
CA ASP B 42 -0.68 -6.38 23.38
C ASP B 42 -0.85 -6.62 24.87
N PHE B 43 -0.68 -7.88 25.27
CA PHE B 43 -0.67 -8.28 26.67
C PHE B 43 0.73 -8.80 26.96
N GLU B 44 1.27 -8.43 28.12
CA GLU B 44 2.40 -9.15 28.73
C GLU B 44 2.24 -10.66 28.70
N VAL B 45 3.32 -11.34 28.36
CA VAL B 45 3.37 -12.79 28.31
C VAL B 45 3.51 -13.27 29.76
N MET B 46 3.01 -14.47 30.02
CA MET B 46 3.14 -15.13 31.32
CA MET B 46 3.14 -15.12 31.33
C MET B 46 4.56 -15.00 31.90
N PRO B 47 4.68 -14.73 33.21
CA PRO B 47 6.00 -14.43 33.80
C PRO B 47 7.06 -15.53 33.66
N GLU B 48 6.63 -16.79 33.63
CA GLU B 48 7.58 -17.90 33.60
C GLU B 48 8.32 -17.96 32.25
N VAL B 49 7.66 -17.56 31.16
CA VAL B 49 8.40 -17.47 29.87
C VAL B 49 9.49 -16.40 29.90
N LYS B 50 9.19 -15.23 30.50
CA LYS B 50 10.18 -14.17 30.67
C LYS B 50 11.38 -14.70 31.45
N GLN B 51 11.10 -15.43 32.53
CA GLN B 51 12.18 -15.99 33.32
C GLN B 51 13.01 -17.02 32.53
N ALA B 52 12.32 -17.81 31.69
CA ALA B 52 12.98 -18.83 30.88
C ALA B 52 13.94 -18.21 29.89
N ILE B 53 13.61 -17.01 29.42
CA ILE B 53 14.52 -16.29 28.49
C ILE B 53 15.74 -15.79 29.24
N HIS B 54 15.54 -15.23 30.45
CA HIS B 54 16.67 -14.90 31.33
C HIS B 54 17.55 -16.14 31.63
N ASP B 55 16.92 -17.25 31.91
CA ASP B 55 17.67 -18.48 32.20
C ASP B 55 18.43 -18.98 30.98
N TYR B 56 17.88 -18.76 29.79
CA TYR B 56 18.63 -19.06 28.57
C TYR B 56 19.89 -18.21 28.47
N ALA B 57 19.77 -16.88 28.67
CA ALA B 57 20.95 -16.03 28.63
C ALA B 57 22.05 -16.57 29.56
N GLU B 58 21.64 -17.07 30.71
CA GLU B 58 22.58 -17.52 31.73
C GLU B 58 23.17 -18.92 31.44
N GLN B 59 22.80 -19.53 30.30
CA GLN B 59 23.53 -20.71 29.80
C GLN B 59 24.97 -20.36 29.37
N LEU B 60 25.16 -19.12 28.95
CA LEU B 60 26.44 -18.51 28.56
C LEU B 60 26.96 -18.92 27.18
N VAL B 61 26.58 -20.09 26.72
CA VAL B 61 27.00 -20.60 25.40
C VAL B 61 25.71 -20.95 24.63
N TYR B 62 25.56 -20.42 23.42
CA TYR B 62 24.30 -20.50 22.66
C TYR B 62 24.51 -21.31 21.38
N GLY B 63 24.98 -22.54 21.57
CA GLY B 63 25.23 -23.46 20.48
C GLY B 63 24.07 -24.35 20.09
N TYR B 64 24.37 -25.47 19.46
CA TYR B 64 23.36 -26.29 18.79
C TYR B 64 22.67 -27.21 19.80
N THR B 65 21.33 -27.22 19.75
CA THR B 65 20.49 -27.95 20.72
C THR B 65 19.44 -28.74 19.99
N TYR B 66 18.82 -29.68 20.70
CA TYR B 66 17.76 -30.52 20.10
C TYR B 66 16.59 -30.53 21.06
N ALA B 67 15.46 -31.04 20.60
CA ALA B 67 14.21 -31.10 21.39
C ALA B 67 14.32 -32.17 22.46
N SER B 68 14.16 -31.75 23.72
CA SER B 68 14.32 -32.67 24.85
C SER B 68 13.14 -33.60 25.06
N ASP B 69 13.37 -34.65 25.84
CA ASP B 69 12.28 -35.52 26.24
C ASP B 69 11.22 -34.77 27.07
N GLU B 70 11.66 -33.80 27.84
CA GLU B 70 10.78 -32.99 28.69
C GLU B 70 9.89 -32.08 27.85
N LEU B 71 10.45 -31.47 26.81
CA LEU B 71 9.62 -30.70 25.87
C LEU B 71 8.60 -31.65 25.18
N LEU B 72 9.05 -32.82 24.72
CA LEU B 72 8.12 -33.76 24.06
C LEU B 72 6.98 -34.15 25.02
N GLN B 73 7.34 -34.45 26.26
CA GLN B 73 6.34 -34.79 27.28
C GLN B 73 5.36 -33.63 27.58
N ALA B 74 5.86 -32.40 27.60
CA ALA B 74 5.01 -31.21 27.79
C ALA B 74 3.94 -31.11 26.72
N VAL B 75 4.32 -31.42 25.48
CA VAL B 75 3.39 -31.39 24.37
C VAL B 75 2.37 -32.53 24.50
N LEU B 76 2.86 -33.73 24.78
CA LEU B 76 1.98 -34.86 25.02
C LEU B 76 0.96 -34.56 26.17
N ASP B 77 1.45 -34.01 27.27
CA ASP B 77 0.65 -33.71 28.47
C ASP B 77 -0.39 -32.62 28.21
N TRP B 78 0.01 -31.59 27.47
CA TRP B 78 -0.94 -30.51 27.09
C TRP B 78 -2.06 -31.08 26.22
N GLU B 79 -1.64 -31.84 25.20
CA GLU B 79 -2.58 -32.43 24.27
C GLU B 79 -3.56 -33.38 24.95
N LYS B 80 -3.09 -34.19 25.90
CA LYS B 80 -3.98 -35.11 26.61
C LYS B 80 -4.90 -34.36 27.58
N SER B 81 -4.31 -33.52 28.41
CA SER B 81 -5.04 -32.82 29.47
C SER B 81 -6.02 -31.77 28.95
N GLU B 82 -5.64 -31.07 27.88
CA GLU B 82 -6.46 -30.01 27.32
C GLU B 82 -7.42 -30.45 26.21
N HIS B 83 -6.99 -31.41 25.40
CA HIS B 83 -7.72 -31.76 24.19
C HIS B 83 -8.07 -33.23 24.04
N GLN B 84 -7.78 -34.02 25.08
CA GLN B 84 -8.04 -35.46 25.13
C GLN B 84 -7.46 -36.19 23.92
N TYR B 85 -6.27 -35.76 23.50
CA TYR B 85 -5.62 -36.34 22.35
C TYR B 85 -4.36 -37.05 22.84
N SER B 86 -4.40 -38.39 22.80
CA SER B 86 -3.33 -39.25 23.28
C SER B 86 -2.56 -39.80 22.11
N PHE B 87 -1.23 -39.68 22.15
CA PHE B 87 -0.38 -40.19 21.08
C PHE B 87 1.02 -40.42 21.64
N ASP B 88 1.99 -40.78 20.81
CA ASP B 88 3.34 -41.10 21.27
C ASP B 88 4.32 -39.95 21.02
N LYS B 89 5.36 -39.83 21.85
CA LYS B 89 6.42 -38.82 21.62
C LYS B 89 6.97 -38.79 20.19
N GLU B 90 7.07 -39.98 19.57
CA GLU B 90 7.63 -40.09 18.24
C GLU B 90 6.69 -39.60 17.14
N ASP B 91 5.44 -39.34 17.51
CA ASP B 91 4.45 -38.72 16.61
C ASP B 91 4.60 -37.20 16.47
N ILE B 92 5.42 -36.60 17.33
CA ILE B 92 5.61 -35.18 17.32
C ILE B 92 6.77 -34.79 16.36
N VAL B 93 6.46 -33.88 15.45
CA VAL B 93 7.50 -33.23 14.64
C VAL B 93 7.54 -31.72 14.90
N PHE B 94 8.65 -31.21 15.44
CA PHE B 94 8.80 -29.77 15.61
C PHE B 94 9.16 -29.05 14.32
N VAL B 95 8.52 -27.90 14.11
CA VAL B 95 8.70 -27.03 12.94
C VAL B 95 8.75 -25.59 13.46
N GLU B 96 9.63 -24.76 12.89
CA GLU B 96 9.82 -23.41 13.42
C GLU B 96 8.55 -22.56 13.36
N GLY B 97 7.60 -22.91 12.50
CA GLY B 97 6.28 -22.31 12.46
C GLY B 97 5.24 -23.18 11.79
N VAL B 98 3.96 -22.89 12.04
CA VAL B 98 2.84 -23.56 11.39
C VAL B 98 2.76 -23.27 9.87
N VAL B 99 3.00 -22.03 9.46
CA VAL B 99 3.01 -21.70 8.02
C VAL B 99 4.11 -22.49 7.30
N PRO B 100 5.36 -22.49 7.83
CA PRO B 100 6.32 -23.48 7.32
C PRO B 100 5.79 -24.92 7.18
N ALA B 101 5.13 -25.45 8.22
CA ALA B 101 4.57 -26.80 8.17
C ALA B 101 3.54 -26.98 7.02
N ILE B 102 2.73 -25.97 6.75
CA ILE B 102 1.75 -26.03 5.65
C ILE B 102 2.46 -26.21 4.31
N SER B 103 3.53 -25.45 4.08
CA SER B 103 4.32 -25.59 2.86
C SER B 103 4.98 -26.96 2.73
N ILE B 104 5.59 -27.41 3.82
CA ILE B 104 6.17 -28.76 3.87
C ILE B 104 5.11 -29.84 3.53
N ALA B 105 3.91 -29.68 4.08
CA ALA B 105 2.83 -30.65 3.81
C ALA B 105 2.34 -30.64 2.36
N ILE B 106 2.14 -29.45 1.81
CA ILE B 106 1.84 -29.32 0.38
C ILE B 106 2.90 -30.05 -0.49
N GLN B 107 4.17 -29.81 -0.21
CA GLN B 107 5.26 -30.35 -1.02
C GLN B 107 5.43 -31.88 -0.84
N ALA B 108 5.20 -32.37 0.38
CA ALA B 108 5.28 -33.80 0.70
C ALA B 108 4.14 -34.62 0.14
N PHE B 109 2.93 -34.11 0.25
CA PHE B 109 1.70 -34.92 0.05
C PHE B 109 1.00 -34.74 -1.31
N THR B 110 1.46 -33.78 -2.10
CA THR B 110 0.94 -33.55 -3.44
C THR B 110 2.09 -33.31 -4.42
N LYS B 111 1.79 -33.42 -5.71
CA LYS B 111 2.71 -33.08 -6.76
C LYS B 111 2.25 -31.81 -7.46
N GLU B 112 3.17 -31.13 -8.15
CA GLU B 112 2.79 -29.93 -8.90
C GLU B 112 1.60 -30.19 -9.80
N GLY B 113 0.66 -29.25 -9.81
CA GLY B 113 -0.54 -29.36 -10.61
C GLY B 113 -1.70 -30.07 -9.94
N GLU B 114 -1.46 -30.81 -8.86
CA GLU B 114 -2.57 -31.44 -8.11
C GLU B 114 -3.33 -30.40 -7.31
N ALA B 115 -4.57 -30.72 -6.95
CA ALA B 115 -5.47 -29.76 -6.34
C ALA B 115 -5.43 -29.85 -4.83
N VAL B 116 -5.42 -28.69 -4.19
CA VAL B 116 -5.48 -28.56 -2.74
C VAL B 116 -6.71 -27.71 -2.45
N LEU B 117 -7.55 -28.18 -1.53
CA LEU B 117 -8.75 -27.48 -1.15
C LEU B 117 -8.61 -26.72 0.15
N ILE B 118 -9.24 -25.55 0.17
CA ILE B 118 -9.41 -24.74 1.36
C ILE B 118 -10.90 -24.35 1.46
N ASN B 119 -11.32 -24.01 2.69
CA ASN B 119 -12.62 -23.37 2.92
C ASN B 119 -12.43 -21.85 3.03
N SER B 120 -12.91 -21.11 2.01
CA SER B 120 -12.76 -19.68 1.92
C SER B 120 -13.97 -18.94 2.51
N PRO B 121 -13.74 -17.74 3.09
CA PRO B 121 -12.47 -17.06 3.20
C PRO B 121 -11.69 -17.61 4.37
N VAL B 122 -10.37 -17.63 4.25
CA VAL B 122 -9.52 -18.19 5.29
C VAL B 122 -8.14 -17.51 5.28
N TYR B 123 -7.48 -17.60 6.43
CA TYR B 123 -6.09 -17.21 6.67
C TYR B 123 -5.27 -17.13 5.37
N PRO B 124 -4.80 -15.94 4.97
CA PRO B 124 -4.23 -15.76 3.62
C PRO B 124 -3.05 -16.67 3.19
N PRO B 125 -2.15 -17.02 4.12
CA PRO B 125 -1.12 -17.99 3.75
C PRO B 125 -1.61 -19.37 3.25
N PHE B 126 -2.88 -19.74 3.49
CA PHE B 126 -3.38 -20.99 2.92
C PHE B 126 -3.38 -20.90 1.38
N ALA B 127 -4.12 -19.94 0.84
CA ALA B 127 -4.18 -19.73 -0.61
C ALA B 127 -2.80 -19.44 -1.20
N ARG B 128 -2.06 -18.55 -0.57
CA ARG B 128 -0.73 -18.19 -1.02
C ARG B 128 0.17 -19.41 -1.18
N SER B 129 0.19 -20.27 -0.18
CA SER B 129 1.11 -21.41 -0.17
C SER B 129 0.78 -22.43 -1.23
N VAL B 130 -0.52 -22.61 -1.50
CA VAL B 130 -0.98 -23.46 -2.61
C VAL B 130 -0.54 -22.86 -3.96
N ARG B 131 -0.85 -21.58 -4.17
CA ARG B 131 -0.54 -20.92 -5.44
C ARG B 131 0.96 -20.87 -5.74
N LEU B 132 1.75 -20.44 -4.75
CA LEU B 132 3.22 -20.31 -4.92
C LEU B 132 3.87 -21.68 -5.16
N ASN B 133 3.24 -22.74 -4.64
CA ASN B 133 3.72 -24.11 -4.88
C ASN B 133 3.24 -24.72 -6.20
N ASN B 134 2.54 -23.96 -7.02
CA ASN B 134 2.06 -24.45 -8.31
C ASN B 134 1.18 -25.67 -8.17
N ARG B 135 0.36 -25.69 -7.11
CA ARG B 135 -0.75 -26.62 -6.98
C ARG B 135 -2.01 -25.87 -7.39
N LYS B 136 -3.01 -26.60 -7.87
CA LYS B 136 -4.33 -26.01 -8.19
C LYS B 136 -5.07 -25.66 -6.89
N LEU B 137 -5.48 -24.41 -6.75
CA LEU B 137 -6.25 -24.01 -5.58
C LEU B 137 -7.73 -24.26 -5.83
N VAL B 138 -8.36 -25.00 -4.92
CA VAL B 138 -9.81 -25.15 -4.93
C VAL B 138 -10.35 -24.45 -3.67
N SER B 139 -11.09 -23.38 -3.88
CA SER B 139 -11.70 -22.63 -2.79
C SER B 139 -13.14 -23.06 -2.62
N ASN B 140 -13.40 -23.81 -1.57
CA ASN B 140 -14.75 -24.19 -1.18
C ASN B 140 -15.33 -23.05 -0.34
N SER B 141 -16.31 -22.34 -0.91
CA SER B 141 -16.84 -21.15 -0.30
C SER B 141 -17.78 -21.49 0.88
N LEU B 142 -17.46 -20.93 2.04
CA LEU B 142 -18.28 -21.09 3.23
C LEU B 142 -19.65 -20.37 3.08
N LYS B 143 -20.70 -21.00 3.60
CA LYS B 143 -21.99 -20.32 3.73
C LYS B 143 -21.93 -19.42 4.97
N GLU B 144 -22.83 -18.45 5.03
CA GLU B 144 -23.02 -17.65 6.23
CA GLU B 144 -23.02 -17.69 6.26
C GLU B 144 -24.50 -17.71 6.57
N GLU B 145 -24.83 -18.28 7.73
CA GLU B 145 -26.21 -18.48 8.15
C GLU B 145 -26.32 -18.05 9.59
N ASN B 146 -27.17 -17.07 9.85
CA ASN B 146 -27.48 -16.69 11.23
C ASN B 146 -26.23 -16.30 12.04
N GLY B 147 -25.37 -15.54 11.38
CA GLY B 147 -24.13 -15.04 11.96
C GLY B 147 -22.94 -15.97 12.08
N LEU B 148 -23.05 -17.16 11.50
CA LEU B 148 -21.97 -18.17 11.58
C LEU B 148 -21.62 -18.67 10.20
N PHE B 149 -20.32 -18.93 9.98
CA PHE B 149 -19.91 -19.73 8.84
C PHE B 149 -20.41 -21.19 8.96
N GLN B 150 -20.76 -21.78 7.83
CA GLN B 150 -21.14 -23.17 7.79
C GLN B 150 -20.66 -23.74 6.47
N ILE B 151 -20.31 -25.02 6.48
CA ILE B 151 -19.90 -25.71 5.30
C ILE B 151 -21.11 -26.19 4.50
N ASP B 152 -21.07 -25.93 3.20
CA ASP B 152 -21.99 -26.55 2.25
C ASP B 152 -21.43 -27.92 1.86
N PHE B 153 -21.96 -29.00 2.42
CA PHE B 153 -21.32 -30.32 2.24
C PHE B 153 -21.55 -30.89 0.85
N GLU B 154 -22.68 -30.55 0.26
CA GLU B 154 -22.96 -30.90 -1.13
C GLU B 154 -21.92 -30.26 -2.04
N GLN B 155 -21.73 -28.95 -1.91
CA GLN B 155 -20.75 -28.28 -2.75
C GLN B 155 -19.30 -28.72 -2.44
N LEU B 156 -19.03 -29.01 -1.16
CA LEU B 156 -17.70 -29.48 -0.74
C LEU B 156 -17.35 -30.79 -1.43
N GLU B 157 -18.30 -31.71 -1.44
CA GLU B 157 -18.10 -32.96 -2.19
C GLU B 157 -17.90 -32.71 -3.70
N ASN B 158 -18.71 -31.83 -4.29
CA ASN B 158 -18.55 -31.47 -5.68
C ASN B 158 -17.15 -30.91 -5.97
N ASP B 159 -16.68 -30.04 -5.11
CA ASP B 159 -15.36 -29.43 -5.25
C ASP B 159 -14.25 -30.47 -5.20
N ILE B 160 -14.36 -31.43 -4.29
CA ILE B 160 -13.39 -32.50 -4.15
C ILE B 160 -13.39 -33.38 -5.41
N VAL B 161 -14.56 -33.83 -5.84
CA VAL B 161 -14.69 -34.77 -6.96
C VAL B 161 -14.33 -34.10 -8.27
N GLU B 162 -14.87 -32.90 -8.51
CA GLU B 162 -14.69 -32.21 -9.79
C GLU B 162 -13.23 -31.81 -10.06
N ASN B 163 -12.45 -31.67 -8.99
CA ASN B 163 -11.07 -31.27 -9.10
C ASN B 163 -10.04 -32.35 -8.70
N ASP B 164 -10.49 -33.55 -8.35
CA ASP B 164 -9.61 -34.60 -7.86
C ASP B 164 -8.69 -34.06 -6.78
N VAL B 165 -9.29 -33.51 -5.74
CA VAL B 165 -8.55 -32.90 -4.63
C VAL B 165 -7.71 -33.97 -3.92
N LYS B 166 -6.44 -33.67 -3.70
CA LYS B 166 -5.50 -34.59 -3.05
C LYS B 166 -5.24 -34.25 -1.60
N LEU B 167 -5.43 -32.97 -1.26
CA LEU B 167 -5.06 -32.44 0.04
C LEU B 167 -6.09 -31.37 0.46
N TYR B 168 -6.47 -31.40 1.71
CA TYR B 168 -7.43 -30.45 2.30
C TYR B 168 -6.73 -29.76 3.47
N LEU B 169 -6.58 -28.45 3.34
CA LEU B 169 -6.08 -27.62 4.44
C LEU B 169 -7.28 -27.09 5.21
N LEU B 170 -7.46 -27.64 6.41
CA LEU B 170 -8.59 -27.29 7.28
C LEU B 170 -8.12 -26.30 8.32
N CYS B 171 -8.95 -25.31 8.65
CA CYS B 171 -8.64 -24.38 9.74
C CYS B 171 -9.65 -24.61 10.86
N ASN B 172 -9.17 -25.00 12.03
CA ASN B 172 -10.03 -25.32 13.18
C ASN B 172 -9.41 -25.05 14.52
N PRO B 173 -9.89 -24.00 15.21
CA PRO B 173 -10.92 -23.03 14.82
C PRO B 173 -10.59 -22.30 13.50
N HIS B 174 -11.63 -21.94 12.76
CA HIS B 174 -11.50 -21.26 11.49
C HIS B 174 -11.23 -19.74 11.67
N ASN B 175 -10.17 -19.28 11.03
CA ASN B 175 -9.77 -17.89 11.01
C ASN B 175 -9.86 -17.43 9.55
N PRO B 176 -10.65 -16.37 9.26
CA PRO B 176 -11.37 -15.48 10.13
C PRO B 176 -12.76 -16.00 10.51
N GLY B 177 -13.44 -15.22 11.34
CA GLY B 177 -14.76 -15.57 11.85
C GLY B 177 -14.71 -16.25 13.20
N GLY B 178 -13.71 -17.09 13.42
CA GLY B 178 -13.51 -17.76 14.73
C GLY B 178 -14.56 -18.86 14.98
N ARG B 179 -14.76 -19.68 13.95
CA ARG B 179 -15.75 -20.75 13.97
C ARG B 179 -15.15 -22.02 14.59
N VAL B 180 -15.78 -22.46 15.68
CA VAL B 180 -15.33 -23.64 16.40
C VAL B 180 -16.18 -24.82 15.93
N TRP B 181 -15.63 -25.58 14.96
CA TRP B 181 -16.40 -26.62 14.30
C TRP B 181 -16.87 -27.69 15.29
N GLU B 182 -18.14 -28.06 15.18
CA GLU B 182 -18.70 -29.14 15.97
C GLU B 182 -18.09 -30.48 15.55
N ARG B 183 -18.09 -31.42 16.48
CA ARG B 183 -17.60 -32.78 16.24
C ARG B 183 -18.24 -33.43 15.01
N GLU B 184 -19.53 -33.18 14.85
CA GLU B 184 -20.30 -33.75 13.73
C GLU B 184 -19.90 -33.16 12.39
N VAL B 185 -19.47 -31.89 12.37
CA VAL B 185 -19.01 -31.23 11.15
C VAL B 185 -17.67 -31.85 10.71
N LEU B 186 -16.76 -31.98 11.67
CA LEU B 186 -15.45 -32.61 11.45
C LEU B 186 -15.58 -34.05 11.02
N GLU B 187 -16.53 -34.78 11.62
CA GLU B 187 -16.68 -36.15 11.18
CA GLU B 187 -16.84 -36.14 11.20
C GLU B 187 -17.15 -36.22 9.72
N GLN B 188 -18.06 -35.35 9.29
CA GLN B 188 -18.51 -35.35 7.91
CA GLN B 188 -18.52 -35.31 7.90
C GLN B 188 -17.37 -35.01 6.93
N ILE B 189 -16.50 -34.06 7.31
CA ILE B 189 -15.31 -33.71 6.57
C ILE B 189 -14.38 -34.92 6.45
N GLY B 190 -14.07 -35.56 7.56
CA GLY B 190 -13.20 -36.72 7.54
C GLY B 190 -13.74 -37.87 6.68
N HIS B 191 -15.05 -38.10 6.74
CA HIS B 191 -15.69 -39.15 5.91
C HIS B 191 -15.58 -38.85 4.41
N LEU B 192 -15.67 -37.58 4.01
CA LEU B 192 -15.45 -37.19 2.62
C LEU B 192 -14.01 -37.49 2.18
N CYS B 193 -13.05 -37.22 3.07
CA CYS B 193 -11.64 -37.42 2.77
C CYS B 193 -11.33 -38.90 2.61
N GLN B 194 -11.92 -39.72 3.47
CA GLN B 194 -11.81 -41.19 3.34
C GLN B 194 -12.38 -41.72 2.01
N LYS B 195 -13.58 -41.24 1.67
CA LYS B 195 -14.28 -41.65 0.46
C LYS B 195 -13.47 -41.27 -0.78
N HIS B 196 -12.88 -40.08 -0.77
CA HIS B 196 -12.27 -39.50 -1.98
C HIS B 196 -10.73 -39.53 -1.99
N HIS B 197 -10.14 -40.17 -0.98
CA HIS B 197 -8.73 -40.41 -0.83
C HIS B 197 -7.96 -39.09 -0.77
N VAL B 198 -8.38 -38.27 0.19
CA VAL B 198 -7.81 -36.94 0.42
C VAL B 198 -7.04 -37.01 1.71
N ILE B 199 -5.85 -36.43 1.74
CA ILE B 199 -5.09 -36.22 2.98
C ILE B 199 -5.53 -34.89 3.56
N LEU B 200 -5.56 -34.81 4.89
CA LEU B 200 -6.06 -33.61 5.56
C LEU B 200 -5.05 -33.11 6.56
N VAL B 201 -4.81 -31.80 6.49
CA VAL B 201 -3.99 -31.09 7.44
C VAL B 201 -4.89 -30.17 8.23
N SER B 202 -4.93 -30.41 9.54
CA SER B 202 -5.78 -29.63 10.44
C SER B 202 -4.93 -28.59 11.17
N ASP B 203 -5.10 -27.34 10.74
CA ASP B 203 -4.44 -26.21 11.37
C ASP B 203 -5.23 -25.78 12.60
N GLU B 204 -4.73 -26.19 13.76
CA GLU B 204 -5.40 -26.02 15.03
C GLU B 204 -4.59 -25.08 15.89
N ILE B 205 -3.93 -24.11 15.28
CA ILE B 205 -3.14 -23.13 16.07
C ILE B 205 -3.98 -22.32 17.10
N HIS B 206 -5.26 -22.10 16.81
CA HIS B 206 -6.16 -21.34 17.71
C HIS B 206 -6.89 -22.25 18.71
N GLN B 207 -6.49 -23.52 18.79
CA GLN B 207 -7.22 -24.53 19.58
C GLN B 207 -7.48 -24.20 21.05
N ASP B 208 -6.56 -23.46 21.65
CA ASP B 208 -6.64 -23.12 23.07
C ASP B 208 -7.50 -21.87 23.34
N LEU B 209 -8.01 -21.23 22.28
CA LEU B 209 -8.66 -19.94 22.40
C LEU B 209 -10.14 -20.00 22.03
N THR B 210 -10.79 -21.14 22.33
CA THR B 210 -12.23 -21.25 22.10
C THR B 210 -12.88 -20.58 23.33
N LEU B 211 -14.03 -19.98 23.11
CA LEU B 211 -14.61 -19.06 24.11
C LEU B 211 -16.09 -19.34 24.27
N PHE B 212 -16.69 -18.68 25.25
CA PHE B 212 -18.16 -18.69 25.42
C PHE B 212 -18.75 -20.09 25.46
N GLY B 213 -18.01 -21.00 26.09
CA GLY B 213 -18.45 -22.38 26.25
C GLY B 213 -18.17 -23.30 25.08
N HIS B 214 -17.68 -22.74 23.98
CA HIS B 214 -17.35 -23.57 22.82
C HIS B 214 -16.09 -24.37 23.09
N GLU B 215 -16.12 -25.65 22.72
CA GLU B 215 -15.04 -26.57 22.98
C GLU B 215 -14.36 -26.99 21.69
N HIS B 216 -13.05 -26.89 21.67
CA HIS B 216 -12.28 -27.35 20.52
C HIS B 216 -12.39 -28.86 20.45
N VAL B 217 -12.61 -29.39 19.25
CA VAL B 217 -12.49 -30.82 18.99
C VAL B 217 -11.30 -31.09 18.05
N SER B 218 -10.21 -31.64 18.57
CA SER B 218 -9.03 -31.92 17.73
C SER B 218 -9.37 -33.04 16.72
N PHE B 219 -8.87 -32.89 15.48
CA PHE B 219 -9.42 -33.60 14.36
C PHE B 219 -9.32 -35.12 14.50
N ASN B 220 -8.18 -35.61 14.96
CA ASN B 220 -7.96 -37.06 15.10
C ASN B 220 -8.61 -37.69 16.34
N THR B 221 -9.16 -36.85 17.23
CA THR B 221 -9.98 -37.37 18.33
C THR B 221 -11.40 -37.71 17.86
N VAL B 222 -11.76 -37.27 16.66
CA VAL B 222 -13.13 -37.46 16.18
C VAL B 222 -13.39 -38.93 15.86
N SER B 223 -12.36 -39.62 15.38
CA SER B 223 -12.46 -41.04 14.98
C SER B 223 -11.07 -41.63 15.05
N PRO B 224 -10.93 -42.88 15.58
CA PRO B 224 -9.58 -43.47 15.63
C PRO B 224 -8.94 -43.79 14.28
N ASP B 225 -9.68 -43.77 13.19
CA ASP B 225 -9.16 -44.02 11.84
CA ASP B 225 -9.06 -44.03 11.89
C ASP B 225 -8.72 -42.74 11.13
N PHE B 226 -9.08 -41.60 11.69
CA PHE B 226 -8.76 -40.33 11.01
C PHE B 226 -7.24 -40.11 10.88
N LYS B 227 -6.45 -40.67 11.82
CA LYS B 227 -4.98 -40.60 11.73
C LYS B 227 -4.41 -41.21 10.46
N ASP B 228 -5.18 -42.06 9.79
CA ASP B 228 -4.73 -42.74 8.60
C ASP B 228 -4.55 -41.73 7.45
N PHE B 229 -5.25 -40.60 7.51
CA PHE B 229 -5.17 -39.58 6.43
C PHE B 229 -4.99 -38.15 6.90
N ALA B 230 -5.00 -37.89 8.23
CA ALA B 230 -5.00 -36.55 8.81
C ALA B 230 -3.87 -36.32 9.79
N LEU B 231 -3.32 -35.12 9.76
CA LEU B 231 -2.35 -34.70 10.75
C LEU B 231 -2.83 -33.40 11.33
N VAL B 232 -2.31 -33.08 12.51
CA VAL B 232 -2.72 -31.90 13.27
C VAL B 232 -1.51 -31.01 13.41
N LEU B 233 -1.69 -29.74 13.07
CA LEU B 233 -0.69 -28.71 13.40
C LEU B 233 -1.17 -27.84 14.53
N SER B 234 -0.30 -27.62 15.53
CA SER B 234 -0.59 -26.61 16.53
C SER B 234 0.71 -26.01 17.08
N SER B 235 0.55 -25.20 18.11
CA SER B 235 1.65 -24.44 18.65
C SER B 235 1.26 -23.86 19.99
N ALA B 236 2.26 -23.43 20.73
CA ALA B 236 2.05 -22.56 21.90
C ALA B 236 1.98 -21.07 21.56
N THR B 237 2.31 -20.67 20.32
CA THR B 237 2.56 -19.25 20.02
C THR B 237 1.32 -18.35 20.01
N LYS B 238 0.20 -18.79 19.45
CA LYS B 238 -1.00 -17.92 19.42
C LYS B 238 -1.60 -17.89 20.83
N THR B 239 -1.68 -19.07 21.46
CA THR B 239 -2.19 -19.18 22.83
C THR B 239 -1.48 -18.24 23.80
N PHE B 240 -0.13 -18.25 23.78
CA PHE B 240 0.67 -17.59 24.78
C PHE B 240 1.41 -16.33 24.34
N ASN B 241 1.18 -15.91 23.10
CA ASN B 241 1.73 -14.66 22.55
C ASN B 241 3.26 -14.73 22.47
N ILE B 242 3.77 -15.85 21.96
CA ILE B 242 5.20 -16.04 21.84
C ILE B 242 5.63 -16.38 20.40
N ALA B 243 4.96 -15.77 19.43
CA ALA B 243 5.26 -15.98 18.01
C ALA B 243 6.70 -15.72 17.65
N GLY B 244 7.30 -14.71 18.27
CA GLY B 244 8.72 -14.38 18.01
C GLY B 244 9.75 -15.43 18.44
N THR B 245 9.32 -16.44 19.19
CA THR B 245 10.20 -17.54 19.65
C THR B 245 10.33 -18.69 18.64
N LYS B 246 9.38 -18.80 17.69
CA LYS B 246 9.50 -19.66 16.50
C LYS B 246 9.64 -21.16 16.84
N ASN B 247 8.57 -21.72 17.39
CA ASN B 247 8.38 -23.17 17.43
C ASN B 247 6.90 -23.52 17.33
N SER B 248 6.65 -24.71 16.78
CA SER B 248 5.30 -25.26 16.58
C SER B 248 5.52 -26.74 16.33
N TYR B 249 4.45 -27.47 16.11
CA TYR B 249 4.54 -28.91 15.90
C TYR B 249 3.46 -29.47 15.03
N ALA B 250 3.77 -30.61 14.43
CA ALA B 250 2.82 -31.43 13.70
C ALA B 250 2.75 -32.72 14.53
N ILE B 251 1.53 -33.21 14.76
CA ILE B 251 1.32 -34.55 15.28
C ILE B 251 0.88 -35.44 14.13
N ILE B 252 1.72 -36.42 13.82
CA ILE B 252 1.55 -37.27 12.64
C ILE B 252 1.73 -38.70 13.12
N GLU B 253 0.60 -39.29 13.47
CA GLU B 253 0.56 -40.65 14.00
C GLU B 253 0.78 -41.70 12.93
N ASN B 254 0.31 -41.46 11.71
CA ASN B 254 0.44 -42.47 10.65
C ASN B 254 1.92 -42.56 10.27
N PRO B 255 2.51 -43.78 10.30
CA PRO B 255 3.94 -43.87 9.96
C PRO B 255 4.35 -43.32 8.58
N THR B 256 3.56 -43.64 7.55
CA THR B 256 3.87 -43.22 6.19
C THR B 256 3.78 -41.69 6.08
N LEU B 257 2.66 -41.13 6.52
CA LEU B 257 2.53 -39.64 6.53
C LEU B 257 3.67 -38.96 7.32
N CYS B 258 4.02 -39.54 8.45
CA CYS B 258 5.02 -38.94 9.30
C CYS B 258 6.37 -38.94 8.64
N ALA B 259 6.75 -40.07 8.04
CA ALA B 259 8.02 -40.19 7.33
C ALA B 259 8.09 -39.24 6.13
N GLN B 260 6.99 -39.13 5.38
CA GLN B 260 6.90 -38.28 4.22
C GLN B 260 7.08 -36.79 4.59
N PHE B 261 6.38 -36.36 5.63
CA PHE B 261 6.50 -34.99 6.11
C PHE B 261 7.91 -34.73 6.59
N LYS B 262 8.46 -35.62 7.42
CA LYS B 262 9.83 -35.44 7.94
C LYS B 262 10.89 -35.47 6.84
N HIS B 263 10.69 -36.33 5.85
CA HIS B 263 11.60 -36.41 4.74
C HIS B 263 11.60 -35.09 3.99
N GLN B 264 10.42 -34.57 3.65
CA GLN B 264 10.32 -33.30 2.96
C GLN B 264 10.92 -32.17 3.78
N GLN B 265 10.69 -32.19 5.07
CA GLN B 265 11.27 -31.17 5.96
C GLN B 265 12.83 -31.14 5.87
N LEU B 266 13.42 -32.33 5.77
CA LEU B 266 14.87 -32.47 5.70
C LEU B 266 15.39 -32.12 4.30
N VAL B 267 14.67 -32.55 3.27
CA VAL B 267 14.97 -32.09 1.89
C VAL B 267 15.09 -30.58 1.82
N ASN B 268 14.17 -29.90 2.51
CA ASN B 268 14.14 -28.44 2.56
C ASN B 268 15.08 -27.82 3.63
N ASN B 269 15.82 -28.66 4.34
CA ASN B 269 16.64 -28.25 5.47
C ASN B 269 15.85 -27.32 6.41
N HIS B 270 14.65 -27.75 6.73
CA HIS B 270 13.69 -26.96 7.52
C HIS B 270 13.37 -27.72 8.81
N HIS B 271 14.34 -28.51 9.24
CA HIS B 271 14.19 -29.45 10.36
C HIS B 271 14.67 -28.91 11.68
N GLU B 272 15.32 -27.75 11.68
CA GLU B 272 15.96 -27.25 12.88
C GLU B 272 15.15 -26.12 13.49
N VAL B 273 15.24 -26.01 14.81
CA VAL B 273 14.48 -25.01 15.58
C VAL B 273 15.45 -24.35 16.54
N SER B 274 15.23 -23.06 16.83
CA SER B 274 16.08 -22.34 17.75
C SER B 274 15.97 -22.82 19.20
N SER B 275 16.98 -22.50 19.98
CA SER B 275 17.02 -22.99 21.37
C SER B 275 15.89 -22.41 22.19
N LEU B 276 15.63 -21.12 21.99
CA LEU B 276 14.52 -20.46 22.67
C LEU B 276 13.16 -20.94 22.13
N GLY B 277 13.08 -21.29 20.85
CA GLY B 277 11.92 -22.01 20.32
C GLY B 277 11.52 -23.19 21.18
N TYR B 278 12.50 -24.03 21.47
CA TYR B 278 12.26 -25.20 22.34
C TYR B 278 11.85 -24.82 23.76
N ILE B 279 12.59 -23.88 24.34
CA ILE B 279 12.45 -23.49 25.73
C ILE B 279 11.10 -22.83 26.02
N ALA B 280 10.71 -21.88 25.19
CA ALA B 280 9.49 -21.11 25.44
C ALA B 280 8.24 -21.95 25.35
N THR B 281 8.20 -22.91 24.42
CA THR B 281 7.05 -23.80 24.27
C THR B 281 6.90 -24.72 25.47
N GLU B 282 8.01 -25.32 25.93
CA GLU B 282 7.96 -26.20 27.08
C GLU B 282 7.49 -25.43 28.30
N THR B 283 8.05 -24.23 28.47
CA THR B 283 7.70 -23.36 29.61
C THR B 283 6.24 -22.95 29.58
N ALA B 284 5.77 -22.54 28.40
CA ALA B 284 4.41 -22.05 28.25
C ALA B 284 3.37 -23.12 28.61
N TYR B 285 3.62 -24.34 28.13
CA TYR B 285 2.73 -25.45 28.40
C TYR B 285 2.81 -25.90 29.86
N ARG B 286 4.00 -25.88 30.44
CA ARG B 286 4.13 -26.28 31.85
C ARG B 286 3.44 -25.32 32.82
N TYR B 287 3.50 -24.01 32.57
CA TYR B 287 3.03 -23.00 33.51
C TYR B 287 1.84 -22.14 33.10
N GLY B 288 1.36 -22.30 31.86
CA GLY B 288 0.43 -21.33 31.27
C GLY B 288 -1.06 -21.49 31.55
N LYS B 289 -1.49 -22.61 32.14
CA LYS B 289 -2.92 -22.84 32.28
C LYS B 289 -3.62 -21.68 33.03
N PRO B 290 -3.10 -21.24 34.19
CA PRO B 290 -3.84 -20.16 34.90
C PRO B 290 -3.84 -18.82 34.15
N TRP B 291 -2.72 -18.53 33.47
CA TRP B 291 -2.65 -17.35 32.61
C TRP B 291 -3.73 -17.41 31.52
N LEU B 292 -3.84 -18.56 30.85
CA LEU B 292 -4.81 -18.75 29.78
C LEU B 292 -6.26 -18.62 30.28
N VAL B 293 -6.54 -19.22 31.44
CA VAL B 293 -7.84 -19.03 32.07
C VAL B 293 -8.18 -17.54 32.25
N ALA B 294 -7.21 -16.77 32.77
CA ALA B 294 -7.41 -15.34 33.03
C ALA B 294 -7.58 -14.56 31.71
N LEU B 295 -6.75 -14.89 30.71
CA LEU B 295 -6.88 -14.31 29.37
C LEU B 295 -8.28 -14.51 28.78
N LYS B 296 -8.79 -15.74 28.83
CA LYS B 296 -10.07 -16.00 28.19
C LYS B 296 -11.19 -15.12 28.74
N ALA B 297 -11.16 -14.85 30.06
CA ALA B 297 -12.13 -13.94 30.68
C ALA B 297 -12.01 -12.52 30.08
N VAL B 298 -10.79 -12.07 29.86
CA VAL B 298 -10.54 -10.73 29.30
C VAL B 298 -11.00 -10.68 27.85
N LEU B 299 -10.72 -11.75 27.08
CA LEU B 299 -11.14 -11.77 25.67
C LEU B 299 -12.65 -11.74 25.53
N GLU B 300 -13.34 -12.54 26.35
CA GLU B 300 -14.80 -12.57 26.30
C GLU B 300 -15.41 -11.20 26.60
N GLU B 301 -14.89 -10.53 27.62
CA GLU B 301 -15.31 -9.17 27.92
C GLU B 301 -15.05 -8.17 26.79
N ASN B 302 -13.87 -8.23 26.16
CA ASN B 302 -13.58 -7.34 25.05
C ASN B 302 -14.50 -7.60 23.85
N ILE B 303 -14.80 -8.87 23.58
CA ILE B 303 -15.66 -9.22 22.45
C ILE B 303 -17.08 -8.73 22.71
N GLN B 304 -17.55 -8.97 23.93
CA GLN B 304 -18.91 -8.58 24.31
C GLN B 304 -19.02 -7.07 24.22
N PHE B 305 -18.02 -6.36 24.72
CA PHE B 305 -17.96 -4.91 24.60
C PHE B 305 -18.06 -4.46 23.14
N ALA B 306 -17.27 -5.07 22.26
CA ALA B 306 -17.20 -4.62 20.87
C ALA B 306 -18.53 -4.88 20.15
N VAL B 307 -19.10 -6.06 20.33
CA VAL B 307 -20.39 -6.42 19.75
C VAL B 307 -21.48 -5.41 20.17
N GLU B 308 -21.53 -5.10 21.46
CA GLU B 308 -22.57 -4.19 21.95
C GLU B 308 -22.34 -2.77 21.48
N TYR B 309 -21.09 -2.34 21.48
CA TYR B 309 -20.75 -1.02 21.09
C TYR B 309 -21.11 -0.79 19.64
N PHE B 310 -20.68 -1.73 18.79
CA PHE B 310 -21.00 -1.65 17.36
C PHE B 310 -22.49 -1.69 17.12
N ALA B 311 -23.21 -2.53 17.85
CA ALA B 311 -24.67 -2.62 17.67
C ALA B 311 -25.36 -1.27 17.94
N GLN B 312 -24.81 -0.52 18.88
CA GLN B 312 -25.40 0.73 19.35
C GLN B 312 -24.95 1.91 18.48
N GLU B 313 -23.68 1.91 18.08
CA GLU B 313 -23.09 3.03 17.36
C GLU B 313 -23.01 2.88 15.85
N ALA B 314 -23.06 1.65 15.35
CA ALA B 314 -23.02 1.39 13.91
C ALA B 314 -23.85 0.15 13.61
N PRO B 315 -25.20 0.26 13.76
CA PRO B 315 -26.07 -0.90 13.55
C PRO B 315 -26.01 -1.46 12.15
N ARG B 316 -25.64 -0.64 11.16
CA ARG B 316 -25.46 -1.14 9.80
C ARG B 316 -24.24 -2.09 9.62
N LEU B 317 -23.28 -2.00 10.53
CA LEU B 317 -22.12 -2.88 10.53
C LEU B 317 -22.50 -4.28 10.98
N LYS B 318 -22.19 -5.28 10.17
CA LYS B 318 -22.52 -6.66 10.49
C LYS B 318 -21.29 -7.30 11.14
N VAL B 319 -21.49 -7.79 12.35
CA VAL B 319 -20.42 -8.29 13.18
C VAL B 319 -20.63 -9.78 13.43
N MET B 320 -19.63 -10.58 13.04
CA MET B 320 -19.65 -12.02 13.33
C MET B 320 -19.04 -12.20 14.70
N LYS B 321 -19.82 -12.74 15.65
CA LYS B 321 -19.31 -12.98 16.98
C LYS B 321 -18.44 -14.25 16.97
N PRO B 322 -17.17 -14.13 17.38
CA PRO B 322 -16.35 -15.37 17.40
C PRO B 322 -16.83 -16.40 18.42
N GLN B 323 -16.74 -17.67 18.05
CA GLN B 323 -16.82 -18.78 18.98
C GLN B 323 -15.46 -19.05 19.60
N GLY B 324 -14.42 -18.52 18.96
CA GLY B 324 -13.06 -18.60 19.47
C GLY B 324 -12.13 -17.72 18.65
N THR B 325 -10.85 -17.75 19.02
CA THR B 325 -9.87 -16.78 18.57
C THR B 325 -10.17 -15.41 19.20
N TYR B 326 -9.21 -14.52 19.11
CA TYR B 326 -9.36 -13.17 19.66
C TYR B 326 -9.57 -12.13 18.53
N LEU B 327 -10.16 -12.58 17.44
CA LEU B 327 -10.25 -11.84 16.19
C LEU B 327 -11.68 -11.77 15.74
N ILE B 328 -12.16 -10.56 15.39
CA ILE B 328 -13.58 -10.35 15.02
C ILE B 328 -13.70 -10.00 13.52
N TRP B 329 -14.53 -10.73 12.80
CA TRP B 329 -14.74 -10.53 11.35
C TRP B 329 -15.90 -9.56 11.20
N LEU B 330 -15.57 -8.40 10.62
CA LEU B 330 -16.48 -7.28 10.44
C LEU B 330 -16.86 -7.13 8.97
N ASP B 331 -18.16 -6.97 8.70
CA ASP B 331 -18.72 -6.85 7.36
C ASP B 331 -19.32 -5.45 7.12
N PHE B 332 -18.64 -4.67 6.28
CA PHE B 332 -19.07 -3.32 5.92
C PHE B 332 -19.90 -3.27 4.64
N SER B 333 -20.39 -4.44 4.18
CA SER B 333 -21.11 -4.54 2.92
C SER B 333 -22.35 -3.66 2.79
N ASP B 334 -22.93 -3.27 3.91
CA ASP B 334 -24.14 -2.43 3.86
C ASP B 334 -23.82 -0.98 3.58
N TYR B 335 -22.53 -0.63 3.60
CA TYR B 335 -22.08 0.71 3.29
C TYR B 335 -21.79 0.87 1.81
N GLY B 336 -22.00 2.08 1.29
CA GLY B 336 -21.65 2.40 -0.10
C GLY B 336 -20.15 2.65 -0.22
N LEU B 337 -19.40 1.56 -0.23
CA LEU B 337 -17.94 1.64 -0.25
C LEU B 337 -17.35 0.66 -1.25
N THR B 338 -16.10 0.91 -1.62
CA THR B 338 -15.24 -0.11 -2.23
C THR B 338 -14.26 -0.56 -1.14
N ASP B 339 -13.52 -1.64 -1.39
CA ASP B 339 -12.46 -2.03 -0.43
C ASP B 339 -11.45 -0.93 -0.29
N ASP B 340 -11.04 -0.31 -1.40
CA ASP B 340 -10.02 0.74 -1.29
C ASP B 340 -10.55 1.93 -0.48
N ALA B 341 -11.79 2.35 -0.72
CA ALA B 341 -12.34 3.47 0.05
C ALA B 341 -12.52 3.15 1.54
N LEU B 342 -12.90 1.91 1.82
CA LEU B 342 -13.04 1.44 3.21
C LEU B 342 -11.73 1.55 3.94
N PHE B 343 -10.67 1.04 3.36
CA PHE B 343 -9.39 1.08 4.05
C PHE B 343 -8.69 2.42 4.11
N THR B 344 -8.85 3.25 3.09
CA THR B 344 -8.39 4.64 3.17
CA THR B 344 -8.35 4.62 3.19
C THR B 344 -9.12 5.35 4.29
N LEU B 345 -10.42 5.15 4.36
CA LEU B 345 -11.25 5.70 5.45
CA LEU B 345 -11.24 5.69 5.45
C LEU B 345 -10.77 5.26 6.83
N LEU B 346 -10.60 3.96 7.03
CA LEU B 346 -10.17 3.45 8.35
C LEU B 346 -8.77 3.93 8.68
N HIS B 347 -7.86 3.86 7.70
CA HIS B 347 -6.45 4.14 7.93
C HIS B 347 -6.18 5.62 8.09
N ASP B 348 -6.66 6.40 7.13
CA ASP B 348 -6.31 7.82 7.01
C ASP B 348 -7.22 8.73 7.82
N GLN B 349 -8.48 8.36 8.01
CA GLN B 349 -9.44 9.22 8.72
CA GLN B 349 -9.44 9.24 8.70
C GLN B 349 -9.66 8.76 10.15
N ALA B 350 -10.09 7.50 10.30
CA ALA B 350 -10.31 6.88 11.62
C ALA B 350 -8.99 6.65 12.44
N LYS B 351 -7.87 6.46 11.71
CA LYS B 351 -6.54 6.21 12.27
C LYS B 351 -6.44 4.84 12.98
N VAL B 352 -7.06 3.83 12.36
CA VAL B 352 -7.02 2.46 12.86
C VAL B 352 -6.56 1.48 11.76
N ILE B 353 -5.76 0.49 12.14
CA ILE B 353 -5.23 -0.48 11.17
C ILE B 353 -5.83 -1.85 11.46
N LEU B 354 -6.71 -2.28 10.56
CA LEU B 354 -7.34 -3.59 10.60
C LEU B 354 -6.84 -4.40 9.44
N ASN B 355 -6.97 -5.74 9.55
CA ASN B 355 -6.66 -6.59 8.40
C ASN B 355 -7.69 -6.43 7.30
N ARG B 356 -7.20 -6.31 6.08
CA ARG B 356 -8.04 -6.26 4.92
C ARG B 356 -8.76 -7.60 4.60
N GLY B 357 -10.10 -7.59 4.61
CA GLY B 357 -10.85 -8.82 4.40
C GLY B 357 -10.64 -9.48 3.03
N SER B 358 -10.45 -8.68 2.00
CA SER B 358 -10.16 -9.18 0.64
C SER B 358 -8.87 -10.03 0.55
N ASP B 359 -7.93 -9.84 1.48
CA ASP B 359 -6.77 -10.78 1.59
C ASP B 359 -7.19 -12.24 1.83
N TYR B 360 -8.35 -12.46 2.45
CA TYR B 360 -8.80 -13.81 2.84
C TYR B 360 -9.60 -14.53 1.75
N GLY B 361 -9.84 -13.85 0.64
CA GLY B 361 -10.62 -14.35 -0.47
C GLY B 361 -11.74 -13.39 -0.84
N SER B 362 -12.40 -13.70 -1.96
CA SER B 362 -13.44 -12.83 -2.50
C SER B 362 -14.60 -12.64 -1.52
N GLU B 363 -14.84 -13.65 -0.67
CA GLU B 363 -15.88 -13.57 0.34
C GLU B 363 -15.57 -12.50 1.40
N GLY B 364 -14.31 -12.08 1.48
CA GLY B 364 -13.88 -11.06 2.43
C GLY B 364 -13.91 -9.64 1.90
N GLU B 365 -14.35 -9.45 0.64
CA GLU B 365 -14.52 -8.08 0.14
C GLU B 365 -15.48 -7.30 1.03
N LEU B 366 -15.11 -6.04 1.26
CA LEU B 366 -15.83 -5.12 2.16
C LEU B 366 -15.86 -5.61 3.62
N HIS B 367 -14.93 -6.48 3.99
CA HIS B 367 -14.77 -6.94 5.36
C HIS B 367 -13.44 -6.44 5.90
N ALA B 368 -13.34 -6.40 7.22
CA ALA B 368 -12.09 -6.21 7.91
C ALA B 368 -12.04 -7.16 9.12
N ARG B 369 -10.83 -7.47 9.56
CA ARG B 369 -10.61 -8.30 10.75
C ARG B 369 -9.98 -7.48 11.85
N LEU B 370 -10.61 -7.55 13.04
CA LEU B 370 -10.30 -6.72 14.18
C LEU B 370 -9.74 -7.62 15.30
N ASN B 371 -8.55 -7.28 15.75
CA ASN B 371 -7.86 -7.97 16.84
C ASN B 371 -8.20 -7.32 18.21
N ILE B 372 -8.88 -8.07 19.08
CA ILE B 372 -9.22 -7.54 20.43
C ILE B 372 -8.34 -8.05 21.58
N ALA B 373 -7.20 -8.64 21.25
CA ALA B 373 -6.25 -9.08 22.29
C ALA B 373 -5.35 -7.91 22.72
N ALA B 374 -5.96 -6.98 23.47
CA ALA B 374 -5.29 -5.82 24.02
C ALA B 374 -6.13 -5.36 25.21
N PRO B 375 -5.55 -4.56 26.09
CA PRO B 375 -6.36 -4.07 27.20
C PRO B 375 -7.69 -3.44 26.76
N LYS B 376 -8.70 -3.56 27.59
CA LYS B 376 -10.01 -3.00 27.30
C LYS B 376 -10.00 -1.51 26.94
N SER B 377 -9.19 -0.70 27.62
CA SER B 377 -9.08 0.73 27.27
C SER B 377 -8.67 0.95 25.81
N LEU B 378 -7.76 0.10 25.32
CA LEU B 378 -7.29 0.21 23.94
C LEU B 378 -8.40 -0.28 23.00
N VAL B 379 -9.03 -1.40 23.33
CA VAL B 379 -10.14 -1.91 22.52
C VAL B 379 -11.32 -0.90 22.45
N GLU B 380 -11.57 -0.19 23.54
CA GLU B 380 -12.59 0.86 23.51
C GLU B 380 -12.24 1.95 22.50
N GLU B 381 -10.98 2.38 22.49
CA GLU B 381 -10.54 3.42 21.59
C GLU B 381 -10.62 2.96 20.14
N ILE B 382 -10.18 1.73 19.88
CA ILE B 382 -10.22 1.14 18.55
C ILE B 382 -11.63 1.04 18.00
N CYS B 383 -12.58 0.60 18.81
CA CYS B 383 -13.97 0.53 18.38
C CYS B 383 -14.56 1.93 18.11
N LYS B 384 -14.22 2.88 18.97
CA LYS B 384 -14.64 4.27 18.79
C LYS B 384 -14.14 4.83 17.44
N ARG B 385 -12.85 4.56 17.14
CA ARG B 385 -12.30 4.98 15.86
C ARG B 385 -13.00 4.30 14.68
N ILE B 386 -13.31 3.02 14.80
CA ILE B 386 -13.97 2.28 13.72
C ILE B 386 -15.33 2.87 13.35
N VAL B 387 -16.11 3.33 14.34
CA VAL B 387 -17.46 3.87 14.06
C VAL B 387 -17.51 5.38 13.76
N CYS B 388 -16.40 6.06 13.99
CA CYS B 388 -16.31 7.51 13.95
C CYS B 388 -16.72 8.10 12.59
N CYS B 389 -16.16 7.52 11.54
CA CYS B 389 -16.22 8.18 10.24
CA CYS B 389 -16.12 8.11 10.20
C CYS B 389 -16.93 7.30 9.17
N LEU B 390 -17.81 6.39 9.62
CA LEU B 390 -18.57 5.55 8.66
C LEU B 390 -19.64 6.40 7.95
N PRO B 391 -19.78 6.24 6.61
CA PRO B 391 -20.60 7.12 5.79
C PRO B 391 -22.07 6.77 5.83
N LYS B 392 -22.91 7.81 5.75
CA LYS B 392 -24.36 7.60 5.57
C LYS B 392 -24.65 6.97 4.22
N SER C 6 11.21 14.71 -36.76
CA SER C 6 10.69 15.22 -35.45
C SER C 6 10.87 16.74 -35.25
N LYS C 7 9.81 17.52 -35.51
CA LYS C 7 9.67 18.86 -34.92
C LYS C 7 9.49 18.72 -33.41
N TYR C 8 8.97 17.58 -32.98
CA TYR C 8 8.55 17.38 -31.59
C TYR C 8 9.46 16.41 -30.87
N ASN C 9 9.67 16.66 -29.58
CA ASN C 9 10.47 15.79 -28.72
C ASN C 9 9.64 14.59 -28.20
N PHE C 10 9.91 13.41 -28.75
CA PHE C 10 9.43 12.13 -28.21
C PHE C 10 10.62 11.27 -27.77
N GLN C 11 11.78 11.88 -27.69
CA GLN C 11 13.04 11.16 -27.50
C GLN C 11 13.56 11.20 -26.06
N THR C 12 13.30 12.30 -25.34
CA THR C 12 13.68 12.40 -23.94
C THR C 12 12.48 12.85 -23.10
N ALA C 13 12.51 12.46 -21.83
CA ALA C 13 11.42 12.69 -20.90
C ALA C 13 11.76 13.89 -20.01
N PRO C 14 10.89 14.92 -20.01
CA PRO C 14 11.12 16.03 -19.11
C PRO C 14 11.20 15.54 -17.68
N ASN C 15 12.06 16.16 -16.86
CA ASN C 15 12.18 15.79 -15.47
C ASN C 15 10.96 16.31 -14.70
N ARG C 16 10.14 15.41 -14.14
CA ARG C 16 8.88 15.83 -13.49
C ARG C 16 8.94 15.68 -11.99
N LEU C 17 10.15 15.43 -11.48
CA LEU C 17 10.32 15.16 -10.06
C LEU C 17 9.94 16.32 -9.14
N SER C 18 10.02 17.55 -9.62
CA SER C 18 9.68 18.72 -8.80
C SER C 18 8.26 19.25 -9.00
N HIS C 19 7.43 18.52 -9.73
CA HIS C 19 6.10 18.98 -10.18
C HIS C 19 4.93 18.43 -9.37
N HIS C 20 5.22 17.65 -8.34
CA HIS C 20 4.21 17.00 -7.51
C HIS C 20 3.20 16.18 -8.36
N THR C 21 3.76 15.32 -9.20
CA THR C 21 2.95 14.42 -10.00
C THR C 21 2.62 13.19 -9.20
N TYR C 22 1.47 12.61 -9.49
CA TYR C 22 1.18 11.27 -8.98
C TYR C 22 2.18 10.26 -9.53
N LYS C 23 2.42 10.35 -10.83
CA LYS C 23 3.17 9.31 -11.55
C LYS C 23 4.57 9.09 -10.95
N TRP C 24 5.29 10.18 -10.69
CA TRP C 24 6.67 10.14 -10.17
C TRP C 24 6.81 10.36 -8.68
N LYS C 25 5.70 10.34 -7.93
CA LYS C 25 5.72 10.64 -6.49
CA LYS C 25 5.75 10.64 -6.50
C LYS C 25 6.67 9.69 -5.75
N GLU C 26 6.54 8.39 -6.01
CA GLU C 26 7.37 7.40 -5.30
C GLU C 26 8.84 7.54 -5.61
N THR C 27 9.14 7.85 -6.86
CA THR C 27 10.52 8.02 -7.32
C THR C 27 11.20 9.22 -6.66
N GLU C 28 10.40 10.20 -6.24
CA GLU C 28 10.92 11.33 -5.46
C GLU C 28 11.61 10.85 -4.19
N THR C 29 11.09 9.78 -3.60
CA THR C 29 11.63 9.17 -2.38
C THR C 29 12.63 8.02 -2.67
N ASP C 30 12.26 7.12 -3.58
CA ASP C 30 13.13 6.00 -3.97
C ASP C 30 13.53 6.16 -5.44
N PRO C 31 14.71 6.73 -5.68
CA PRO C 31 15.10 7.12 -7.03
C PRO C 31 15.35 5.96 -7.98
N GLN C 32 15.34 4.72 -7.50
CA GLN C 32 15.44 3.56 -8.39
C GLN C 32 14.14 3.24 -9.11
N LEU C 33 13.00 3.64 -8.55
CA LEU C 33 11.70 3.25 -9.11
C LEU C 33 11.39 3.92 -10.45
N LEU C 34 10.97 3.11 -11.42
CA LEU C 34 10.47 3.61 -12.72
C LEU C 34 8.96 3.42 -12.79
N PRO C 35 8.21 4.55 -12.89
CA PRO C 35 6.75 4.43 -12.97
C PRO C 35 6.23 4.28 -14.39
N ALA C 36 5.22 3.42 -14.54
CA ALA C 36 4.57 3.18 -15.80
C ALA C 36 3.12 2.75 -15.55
N TRP C 37 2.45 3.51 -14.70
CA TRP C 37 1.15 3.11 -14.16
C TRP C 37 0.07 4.11 -14.63
N ILE C 38 -0.09 5.19 -13.88
CA ILE C 38 -1.13 6.19 -14.15
C ILE C 38 -1.02 6.74 -15.58
N ALA C 39 -2.19 6.92 -16.18
CA ALA C 39 -2.31 7.33 -17.57
C ALA C 39 -2.09 8.84 -17.76
N ASP C 40 -0.84 9.25 -17.62
CA ASP C 40 -0.35 10.47 -18.29
C ASP C 40 0.98 10.13 -18.94
N MET C 41 1.44 11.00 -19.81
CA MET C 41 2.63 10.69 -20.63
C MET C 41 3.88 11.36 -20.10
N ASP C 42 5.00 10.70 -20.34
CA ASP C 42 6.30 11.33 -20.15
C ASP C 42 6.86 11.91 -21.43
N PHE C 43 5.99 12.58 -22.18
CA PHE C 43 6.36 13.37 -23.36
C PHE C 43 5.96 14.84 -23.14
N GLU C 44 6.83 15.75 -23.58
CA GLU C 44 6.48 17.17 -23.73
C GLU C 44 5.15 17.34 -24.44
N VAL C 45 4.32 18.22 -23.88
CA VAL C 45 3.04 18.58 -24.48
C VAL C 45 3.34 19.39 -25.77
N MET C 46 2.45 19.30 -26.75
CA MET C 46 2.53 20.13 -27.95
C MET C 46 2.84 21.62 -27.60
N PRO C 47 3.75 22.26 -28.37
CA PRO C 47 4.22 23.57 -28.00
C PRO C 47 3.17 24.67 -27.97
N GLU C 48 2.09 24.54 -28.74
CA GLU C 48 1.08 25.59 -28.79
CA GLU C 48 1.00 25.52 -28.82
C GLU C 48 0.31 25.67 -27.48
N VAL C 49 0.24 24.57 -26.72
CA VAL C 49 -0.38 24.61 -25.38
C VAL C 49 0.53 25.32 -24.39
N LYS C 50 1.84 25.05 -24.46
CA LYS C 50 2.82 25.73 -23.64
C LYS C 50 2.73 27.24 -23.86
N GLN C 51 2.67 27.64 -25.13
CA GLN C 51 2.55 29.05 -25.46
C GLN C 51 1.22 29.62 -24.95
N ALA C 52 0.17 28.84 -25.04
CA ALA C 52 -1.16 29.30 -24.60
C ALA C 52 -1.18 29.59 -23.12
N ILE C 53 -0.40 28.84 -22.34
CA ILE C 53 -0.29 29.04 -20.90
C ILE C 53 0.46 30.33 -20.62
N HIS C 54 1.56 30.55 -21.34
CA HIS C 54 2.32 31.80 -21.26
C HIS C 54 1.39 32.97 -21.62
N ASP C 55 0.60 32.80 -22.66
CA ASP C 55 -0.32 33.84 -23.10
C ASP C 55 -1.38 34.15 -22.02
N TYR C 56 -1.83 33.10 -21.32
CA TYR C 56 -2.77 33.28 -20.21
C TYR C 56 -2.15 34.10 -19.08
N ALA C 57 -0.91 33.79 -18.69
CA ALA C 57 -0.19 34.65 -17.74
C ALA C 57 -0.15 36.12 -18.20
N GLU C 58 0.01 36.36 -19.49
CA GLU C 58 0.08 37.74 -19.96
C GLU C 58 -1.29 38.46 -20.10
N GLN C 59 -2.39 37.77 -19.78
CA GLN C 59 -3.69 38.44 -19.54
C GLN C 59 -3.67 39.41 -18.36
N LEU C 60 -2.80 39.13 -17.38
CA LEU C 60 -2.59 39.93 -16.15
C LEU C 60 -3.68 39.83 -15.08
N VAL C 61 -4.92 39.54 -15.44
CA VAL C 61 -6.05 39.45 -14.52
C VAL C 61 -6.64 38.06 -14.72
N TYR C 62 -6.80 37.30 -13.66
CA TYR C 62 -7.17 35.89 -13.78
C TYR C 62 -8.54 35.66 -13.17
N GLY C 63 -9.53 36.37 -13.70
CA GLY C 63 -10.88 36.35 -13.14
C GLY C 63 -11.77 35.28 -13.75
N TYR C 64 -13.07 35.47 -13.62
CA TYR C 64 -14.07 34.48 -14.04
C TYR C 64 -14.29 34.53 -15.55
N THR C 65 -14.29 33.35 -16.18
CA THR C 65 -14.40 33.22 -17.62
C THR C 65 -15.48 32.22 -17.97
N TYR C 66 -15.94 32.28 -19.22
CA TYR C 66 -16.96 31.38 -19.72
C TYR C 66 -16.40 30.65 -20.94
N ALA C 67 -17.07 29.56 -21.31
CA ALA C 67 -16.74 28.77 -22.50
C ALA C 67 -17.10 29.55 -23.76
N SER C 68 -16.11 29.87 -24.56
CA SER C 68 -16.34 30.68 -25.76
C SER C 68 -16.92 29.94 -26.96
N ASP C 69 -17.56 30.71 -27.85
CA ASP C 69 -18.00 30.18 -29.12
C ASP C 69 -16.83 29.54 -29.88
N GLU C 70 -15.62 30.11 -29.75
CA GLU C 70 -14.44 29.57 -30.44
C GLU C 70 -14.03 28.19 -29.87
N LEU C 71 -14.14 28.04 -28.55
CA LEU C 71 -13.90 26.74 -27.91
C LEU C 71 -14.98 25.74 -28.32
N LEU C 72 -16.23 26.17 -28.29
CA LEU C 72 -17.36 25.32 -28.73
C LEU C 72 -17.16 24.91 -30.19
N GLN C 73 -16.75 25.85 -31.03
CA GLN C 73 -16.49 25.49 -32.43
C GLN C 73 -15.32 24.50 -32.59
N ALA C 74 -14.24 24.72 -31.84
CA ALA C 74 -13.09 23.79 -31.84
C ALA C 74 -13.48 22.35 -31.56
N VAL C 75 -14.37 22.18 -30.59
CA VAL C 75 -14.87 20.87 -30.21
C VAL C 75 -15.72 20.28 -31.34
N LEU C 76 -16.66 21.08 -31.84
CA LEU C 76 -17.49 20.67 -32.98
C LEU C 76 -16.64 20.25 -34.17
N ASP C 77 -15.66 21.07 -34.50
CA ASP C 77 -14.78 20.81 -35.65
C ASP C 77 -13.92 19.56 -35.45
N TRP C 78 -13.42 19.34 -34.24
CA TRP C 78 -12.68 18.11 -33.96
C TRP C 78 -13.56 16.90 -34.16
N GLU C 79 -14.73 16.94 -33.55
CA GLU C 79 -15.63 15.81 -33.61
C GLU C 79 -16.08 15.48 -35.02
N LYS C 80 -16.34 16.50 -35.82
CA LYS C 80 -16.77 16.26 -37.20
C LYS C 80 -15.61 15.70 -38.02
N SER C 81 -14.47 16.37 -37.95
CA SER C 81 -13.33 16.05 -38.81
C SER C 81 -12.61 14.75 -38.42
N GLU C 82 -12.56 14.46 -37.12
CA GLU C 82 -11.86 13.27 -36.64
C GLU C 82 -12.74 12.05 -36.54
N HIS C 83 -13.99 12.24 -36.11
CA HIS C 83 -14.87 11.15 -35.79
C HIS C 83 -16.22 11.14 -36.51
N GLN C 84 -16.43 12.08 -37.44
CA GLN C 84 -17.64 12.11 -38.29
C GLN C 84 -18.93 12.28 -37.51
N TYR C 85 -18.86 13.09 -36.41
CA TYR C 85 -19.92 13.20 -35.46
C TYR C 85 -20.28 14.67 -35.47
N SER C 86 -21.39 14.97 -36.13
CA SER C 86 -21.88 16.33 -36.26
C SER C 86 -23.09 16.53 -35.34
N PHE C 87 -23.10 17.66 -34.63
CA PHE C 87 -24.14 17.95 -33.65
C PHE C 87 -24.10 19.48 -33.51
N ASP C 88 -24.85 20.03 -32.55
CA ASP C 88 -24.91 21.50 -32.34
C ASP C 88 -24.05 21.97 -31.17
N LYS C 89 -23.57 23.21 -31.22
CA LYS C 89 -22.85 23.82 -30.09
C LYS C 89 -23.54 23.59 -28.75
N GLU C 90 -24.87 23.69 -28.79
CA GLU C 90 -25.71 23.60 -27.59
CA GLU C 90 -25.67 23.61 -27.57
C GLU C 90 -25.76 22.19 -27.01
N ASP C 91 -25.25 21.20 -27.75
CA ASP C 91 -25.18 19.81 -27.25
C ASP C 91 -23.93 19.54 -26.41
N ILE C 92 -23.00 20.48 -26.37
CA ILE C 92 -21.75 20.31 -25.64
C ILE C 92 -21.95 20.84 -24.19
N VAL C 93 -21.59 20.01 -23.22
CA VAL C 93 -21.55 20.38 -21.80
C VAL C 93 -20.13 20.16 -21.30
N PHE C 94 -19.45 21.24 -20.95
CA PHE C 94 -18.14 21.12 -20.32
C PHE C 94 -18.22 20.72 -18.87
N VAL C 95 -17.31 19.82 -18.48
CA VAL C 95 -17.17 19.29 -17.12
C VAL C 95 -15.67 19.26 -16.82
N GLU C 96 -15.27 19.54 -15.59
CA GLU C 96 -13.86 19.64 -15.30
C GLU C 96 -13.07 18.31 -15.52
N GLY C 97 -13.76 17.18 -15.44
CA GLY C 97 -13.23 15.88 -15.82
C GLY C 97 -14.29 14.88 -16.24
N VAL C 98 -13.84 13.80 -16.86
CA VAL C 98 -14.71 12.74 -17.30
C VAL C 98 -15.21 11.92 -16.11
N VAL C 99 -14.36 11.65 -15.13
CA VAL C 99 -14.82 10.90 -13.95
C VAL C 99 -15.93 11.70 -13.21
N PRO C 100 -15.74 13.02 -12.99
CA PRO C 100 -16.86 13.88 -12.58
C PRO C 100 -18.16 13.67 -13.38
N ALA C 101 -18.07 13.70 -14.70
CA ALA C 101 -19.22 13.48 -15.59
C ALA C 101 -19.89 12.12 -15.39
N ILE C 102 -19.10 11.07 -15.15
CA ILE C 102 -19.69 9.74 -14.85
C ILE C 102 -20.57 9.74 -13.56
N SER C 103 -20.10 10.42 -12.50
CA SER C 103 -20.87 10.51 -11.26
CA SER C 103 -20.90 10.47 -11.27
C SER C 103 -22.14 11.36 -11.45
N ILE C 104 -22.00 12.48 -12.15
CA ILE C 104 -23.15 13.32 -12.53
C ILE C 104 -24.16 12.49 -13.32
N ALA C 105 -23.68 11.70 -14.28
CA ALA C 105 -24.56 10.86 -15.06
C ALA C 105 -25.27 9.84 -14.19
N ILE C 106 -24.54 9.15 -13.32
CA ILE C 106 -25.16 8.15 -12.46
C ILE C 106 -26.32 8.76 -11.60
N GLN C 107 -26.02 9.91 -11.01
CA GLN C 107 -26.95 10.60 -10.10
C GLN C 107 -28.15 11.15 -10.87
N ALA C 108 -27.92 11.63 -12.11
CA ALA C 108 -29.01 12.19 -12.94
C ALA C 108 -29.98 11.15 -13.52
N PHE C 109 -29.43 10.02 -13.95
CA PHE C 109 -30.18 9.09 -14.79
C PHE C 109 -30.71 7.86 -14.03
N THR C 110 -30.28 7.71 -12.78
CA THR C 110 -30.69 6.58 -11.95
C THR C 110 -31.06 7.11 -10.59
N LYS C 111 -31.76 6.28 -9.82
CA LYS C 111 -31.95 6.54 -8.41
C LYS C 111 -31.26 5.49 -7.59
N GLU C 112 -31.03 5.79 -6.32
CA GLU C 112 -30.38 4.85 -5.40
CA GLU C 112 -30.39 4.87 -5.37
C GLU C 112 -31.03 3.48 -5.43
N GLY C 113 -30.21 2.42 -5.40
CA GLY C 113 -30.68 1.05 -5.53
C GLY C 113 -30.88 0.54 -6.95
N GLU C 114 -30.94 1.43 -7.95
CA GLU C 114 -31.12 0.97 -9.31
C GLU C 114 -29.79 0.44 -9.86
N ALA C 115 -29.88 -0.42 -10.87
CA ALA C 115 -28.72 -1.11 -11.40
C ALA C 115 -28.04 -0.37 -12.55
N VAL C 116 -26.71 -0.27 -12.43
CA VAL C 116 -25.81 0.23 -13.44
C VAL C 116 -24.87 -0.89 -13.88
N LEU C 117 -24.75 -1.06 -15.19
CA LEU C 117 -23.97 -2.13 -15.76
C LEU C 117 -22.66 -1.58 -16.29
N ILE C 118 -21.60 -2.37 -16.12
CA ILE C 118 -20.32 -2.14 -16.75
C ILE C 118 -19.84 -3.45 -17.38
N ASN C 119 -18.87 -3.34 -18.29
CA ASN C 119 -18.17 -4.51 -18.83
C ASN C 119 -16.84 -4.69 -18.09
N SER C 120 -16.74 -5.72 -17.27
CA SER C 120 -15.55 -5.93 -16.46
C SER C 120 -14.52 -6.87 -17.17
N PRO C 121 -13.21 -6.68 -16.93
CA PRO C 121 -12.58 -5.70 -16.08
C PRO C 121 -12.55 -4.37 -16.83
N VAL C 122 -12.62 -3.27 -16.09
CA VAL C 122 -12.67 -1.94 -16.66
C VAL C 122 -12.12 -0.91 -15.64
N TYR C 123 -11.62 0.21 -16.17
CA TYR C 123 -11.24 1.44 -15.45
C TYR C 123 -11.90 1.54 -14.05
N PRO C 124 -11.08 1.49 -12.98
CA PRO C 124 -11.63 1.33 -11.65
C PRO C 124 -12.68 2.36 -11.18
N PRO C 125 -12.54 3.62 -11.57
CA PRO C 125 -13.59 4.59 -11.23
C PRO C 125 -15.01 4.26 -11.70
N PHE C 126 -15.18 3.39 -12.72
CA PHE C 126 -16.53 2.94 -13.10
C PHE C 126 -17.22 2.26 -11.91
N ALA C 127 -16.60 1.17 -11.44
CA ALA C 127 -17.13 0.41 -10.31
C ALA C 127 -17.22 1.29 -9.06
N ARG C 128 -16.17 2.05 -8.79
CA ARG C 128 -16.14 2.92 -7.59
C ARG C 128 -17.31 3.92 -7.59
N SER C 129 -17.54 4.57 -8.71
CA SER C 129 -18.54 5.62 -8.82
C SER C 129 -19.93 5.01 -8.61
N VAL C 130 -20.16 3.80 -9.12
CA VAL C 130 -21.44 3.14 -8.92
C VAL C 130 -21.64 2.80 -7.45
N ARG C 131 -20.63 2.18 -6.84
CA ARG C 131 -20.75 1.71 -5.46
C ARG C 131 -20.90 2.87 -4.47
N LEU C 132 -20.09 3.90 -4.65
CA LEU C 132 -20.12 5.05 -3.73
C LEU C 132 -21.45 5.83 -3.84
N ASN C 133 -22.08 5.76 -5.01
CA ASN C 133 -23.39 6.36 -5.20
C ASN C 133 -24.57 5.48 -4.79
N ASN C 134 -24.31 4.30 -4.24
CA ASN C 134 -25.41 3.41 -3.76
C ASN C 134 -26.34 2.98 -4.86
N ARG C 135 -25.79 2.79 -6.04
CA ARG C 135 -26.48 2.03 -7.09
C ARG C 135 -25.96 0.59 -7.03
N LYS C 136 -26.76 -0.34 -7.51
CA LYS C 136 -26.34 -1.72 -7.65
C LYS C 136 -25.44 -1.86 -8.87
N LEU C 137 -24.28 -2.48 -8.67
CA LEU C 137 -23.33 -2.73 -9.75
C LEU C 137 -23.56 -4.09 -10.42
N VAL C 138 -23.72 -4.07 -11.73
CA VAL C 138 -23.80 -5.28 -12.51
C VAL C 138 -22.55 -5.35 -13.37
N SER C 139 -21.64 -6.26 -13.02
CA SER C 139 -20.41 -6.46 -13.76
C SER C 139 -20.65 -7.54 -14.83
N ASN C 140 -20.79 -7.11 -16.08
CA ASN C 140 -20.89 -8.02 -17.22
C ASN C 140 -19.49 -8.43 -17.65
N SER C 141 -19.13 -9.68 -17.34
CA SER C 141 -17.79 -10.12 -17.57
C SER C 141 -17.48 -10.30 -19.04
N LEU C 142 -16.41 -9.61 -19.49
CA LEU C 142 -15.92 -9.75 -20.87
C LEU C 142 -15.32 -11.13 -21.13
N LYS C 143 -15.56 -11.67 -22.32
CA LYS C 143 -14.83 -12.87 -22.80
C LYS C 143 -13.43 -12.49 -23.24
N GLU C 144 -12.49 -13.46 -23.26
CA GLU C 144 -11.21 -13.25 -23.92
CA GLU C 144 -11.20 -13.24 -23.92
C GLU C 144 -11.01 -14.35 -24.95
N GLU C 145 -10.89 -13.96 -26.21
CA GLU C 145 -10.79 -14.92 -27.32
C GLU C 145 -9.75 -14.46 -28.32
N ASN C 146 -8.83 -15.37 -28.61
CA ASN C 146 -7.78 -15.09 -29.59
C ASN C 146 -7.03 -13.79 -29.28
N GLY C 147 -6.74 -13.53 -28.01
CA GLY C 147 -6.01 -12.34 -27.59
C GLY C 147 -6.82 -11.05 -27.44
N LEU C 148 -8.15 -11.14 -27.56
CA LEU C 148 -9.01 -9.94 -27.47
C LEU C 148 -10.21 -10.13 -26.57
N PHE C 149 -10.55 -9.02 -25.91
CA PHE C 149 -11.81 -8.93 -25.21
C PHE C 149 -12.97 -8.97 -26.20
N GLN C 150 -14.03 -9.69 -25.83
CA GLN C 150 -15.26 -9.70 -26.62
C GLN C 150 -16.45 -9.72 -25.69
N ILE C 151 -17.56 -9.17 -26.15
CA ILE C 151 -18.79 -9.20 -25.39
C ILE C 151 -19.54 -10.50 -25.63
N ASP C 152 -20.00 -11.08 -24.53
CA ASP C 152 -20.94 -12.20 -24.54
C ASP C 152 -22.35 -11.61 -24.54
N PHE C 153 -22.93 -11.50 -25.72
CA PHE C 153 -24.18 -10.78 -25.88
C PHE C 153 -25.34 -11.51 -25.25
N GLU C 154 -25.25 -12.84 -25.23
CA GLU C 154 -26.22 -13.64 -24.51
C GLU C 154 -26.21 -13.34 -23.01
N GLN C 155 -25.02 -13.35 -22.38
CA GLN C 155 -24.94 -13.00 -20.97
C GLN C 155 -25.18 -11.53 -20.67
N LEU C 156 -24.76 -10.66 -21.57
CA LEU C 156 -25.05 -9.22 -21.42
C LEU C 156 -26.56 -9.00 -21.33
N GLU C 157 -27.32 -9.57 -22.27
CA GLU C 157 -28.78 -9.46 -22.22
CA GLU C 157 -28.78 -9.46 -22.23
C GLU C 157 -29.33 -10.01 -20.91
N ASN C 158 -28.86 -11.19 -20.49
CA ASN C 158 -29.28 -11.76 -19.21
C ASN C 158 -29.01 -10.83 -18.03
N ASP C 159 -27.82 -10.24 -18.00
CA ASP C 159 -27.43 -9.33 -16.93
C ASP C 159 -28.35 -8.10 -16.88
N ILE C 160 -28.72 -7.59 -18.06
CA ILE C 160 -29.58 -6.42 -18.17
C ILE C 160 -30.96 -6.79 -17.64
N VAL C 161 -31.47 -7.93 -18.11
CA VAL C 161 -32.84 -8.31 -17.82
C VAL C 161 -32.99 -8.74 -16.38
N GLU C 162 -32.09 -9.60 -15.89
CA GLU C 162 -32.17 -10.10 -14.51
C GLU C 162 -32.06 -9.02 -13.43
N ASN C 163 -31.38 -7.92 -13.77
CA ASN C 163 -31.11 -6.88 -12.81
C ASN C 163 -31.84 -5.57 -13.09
N ASP C 164 -32.73 -5.56 -14.08
CA ASP C 164 -33.47 -4.33 -14.50
C ASP C 164 -32.49 -3.17 -14.64
N VAL C 165 -31.43 -3.38 -15.41
CA VAL C 165 -30.38 -2.36 -15.58
C VAL C 165 -30.96 -1.08 -16.25
N LYS C 166 -30.68 0.06 -15.63
CA LYS C 166 -31.20 1.35 -16.07
C LYS C 166 -30.12 2.13 -16.83
N LEU C 167 -28.86 1.84 -16.55
CA LEU C 167 -27.77 2.63 -17.08
C LEU C 167 -26.58 1.73 -17.40
N TYR C 168 -25.98 1.97 -18.55
CA TYR C 168 -24.83 1.21 -19.02
C TYR C 168 -23.67 2.19 -19.15
N LEU C 169 -22.60 1.99 -18.37
CA LEU C 169 -21.37 2.71 -18.58
C LEU C 169 -20.49 1.91 -19.53
N LEU C 170 -20.35 2.38 -20.77
CA LEU C 170 -19.51 1.75 -21.80
C LEU C 170 -18.17 2.45 -21.90
N CYS C 171 -17.09 1.67 -22.07
CA CYS C 171 -15.79 2.21 -22.30
C CYS C 171 -15.38 1.92 -23.74
N ASN C 172 -15.19 2.98 -24.54
CA ASN C 172 -15.03 2.85 -26.01
C ASN C 172 -14.03 3.91 -26.50
N PRO C 173 -12.73 3.53 -26.74
CA PRO C 173 -12.06 2.22 -26.58
C PRO C 173 -12.05 1.74 -25.13
N HIS C 174 -12.05 0.42 -24.97
CA HIS C 174 -12.09 -0.19 -23.65
C HIS C 174 -10.72 -0.20 -22.99
N ASN C 175 -10.71 0.28 -21.73
CA ASN C 175 -9.53 0.34 -20.89
C ASN C 175 -9.84 -0.48 -19.64
N PRO C 176 -9.06 -1.53 -19.34
CA PRO C 176 -7.81 -1.93 -19.96
C PRO C 176 -8.01 -2.88 -21.15
N GLY C 177 -6.90 -3.27 -21.74
CA GLY C 177 -6.94 -4.08 -22.96
C GLY C 177 -6.79 -3.25 -24.22
N GLY C 178 -7.46 -2.10 -24.28
CA GLY C 178 -7.36 -1.24 -25.44
C GLY C 178 -8.16 -1.72 -26.65
N ARG C 179 -9.37 -2.21 -26.37
CA ARG C 179 -10.25 -2.83 -27.35
C ARG C 179 -11.02 -1.74 -28.10
N VAL C 180 -10.85 -1.70 -29.42
CA VAL C 180 -11.50 -0.69 -30.24
C VAL C 180 -12.69 -1.36 -30.89
N TRP C 181 -13.86 -1.20 -30.26
CA TRP C 181 -15.06 -1.95 -30.63
C TRP C 181 -15.48 -1.63 -32.08
N GLU C 182 -15.84 -2.66 -32.85
CA GLU C 182 -16.29 -2.37 -34.21
CA GLU C 182 -16.32 -2.48 -34.21
C GLU C 182 -17.74 -1.88 -34.24
N ARG C 183 -18.06 -1.12 -35.28
CA ARG C 183 -19.39 -0.57 -35.46
C ARG C 183 -20.49 -1.57 -35.16
N GLU C 184 -20.30 -2.81 -35.64
CA GLU C 184 -21.25 -3.89 -35.48
C GLU C 184 -21.47 -4.33 -34.04
N VAL C 185 -20.41 -4.33 -33.25
CA VAL C 185 -20.52 -4.61 -31.82
C VAL C 185 -21.35 -3.51 -31.12
N LEU C 186 -21.00 -2.25 -31.40
CA LEU C 186 -21.73 -1.10 -30.85
C LEU C 186 -23.19 -1.08 -31.29
N GLU C 187 -23.46 -1.40 -32.57
CA GLU C 187 -24.86 -1.51 -33.02
C GLU C 187 -25.64 -2.53 -32.21
N GLN C 188 -25.01 -3.66 -31.93
CA GLN C 188 -25.65 -4.71 -31.14
C GLN C 188 -25.93 -4.31 -29.65
N ILE C 189 -24.98 -3.60 -29.05
CA ILE C 189 -25.16 -3.06 -27.71
C ILE C 189 -26.33 -2.06 -27.71
N GLY C 190 -26.34 -1.13 -28.67
CA GLY C 190 -27.42 -0.15 -28.79
C GLY C 190 -28.80 -0.79 -28.90
N HIS C 191 -28.91 -1.79 -29.77
CA HIS C 191 -30.17 -2.48 -29.97
C HIS C 191 -30.68 -3.11 -28.66
N LEU C 192 -29.78 -3.69 -27.87
CA LEU C 192 -30.12 -4.18 -26.53
C LEU C 192 -30.62 -3.08 -25.57
N CYS C 193 -29.93 -1.94 -25.58
CA CYS C 193 -30.38 -0.77 -24.81
C CYS C 193 -31.77 -0.27 -25.25
N GLN C 194 -32.03 -0.25 -26.55
CA GLN C 194 -33.39 0.10 -27.05
C GLN C 194 -34.43 -0.91 -26.53
N LYS C 195 -34.11 -2.18 -26.70
CA LYS C 195 -35.01 -3.27 -26.36
C LYS C 195 -35.39 -3.23 -24.90
N HIS C 196 -34.42 -2.97 -24.04
CA HIS C 196 -34.61 -3.05 -22.63
C HIS C 196 -34.62 -1.67 -21.94
N HIS C 197 -34.72 -0.60 -22.71
CA HIS C 197 -34.89 0.76 -22.16
C HIS C 197 -33.78 1.14 -21.17
N VAL C 198 -32.56 0.99 -21.63
CA VAL C 198 -31.36 1.31 -20.88
C VAL C 198 -30.78 2.59 -21.44
N ILE C 199 -30.34 3.48 -20.55
CA ILE C 199 -29.55 4.64 -20.91
C ILE C 199 -28.07 4.26 -20.98
N LEU C 200 -27.34 4.80 -21.96
CA LEU C 200 -25.94 4.49 -22.14
C LEU C 200 -25.06 5.74 -22.12
N VAL C 201 -24.00 5.64 -21.33
CA VAL C 201 -22.94 6.63 -21.32
C VAL C 201 -21.70 6.00 -21.95
N SER C 202 -21.23 6.61 -23.04
CA SER C 202 -20.01 6.14 -23.72
C SER C 202 -18.81 6.98 -23.34
N ASP C 203 -17.93 6.39 -22.50
CA ASP C 203 -16.67 6.99 -22.16
C ASP C 203 -15.71 6.77 -23.31
N GLU C 204 -15.52 7.83 -24.12
CA GLU C 204 -14.65 7.82 -25.28
C GLU C 204 -13.43 8.70 -25.09
N ILE C 205 -12.97 8.79 -23.84
CA ILE C 205 -11.77 9.57 -23.57
C ILE C 205 -10.53 9.12 -24.36
N HIS C 206 -10.44 7.83 -24.72
CA HIS C 206 -9.29 7.35 -25.47
C HIS C 206 -9.53 7.36 -26.99
N GLN C 207 -10.59 8.04 -27.46
CA GLN C 207 -11.01 7.96 -28.86
C GLN C 207 -10.01 8.36 -29.95
N ASP C 208 -9.09 9.25 -29.61
CA ASP C 208 -8.07 9.74 -30.57
C ASP C 208 -6.85 8.85 -30.61
N LEU C 209 -6.83 7.79 -29.81
CA LEU C 209 -5.64 6.98 -29.63
C LEU C 209 -5.82 5.55 -30.15
N THR C 210 -6.65 5.35 -31.17
CA THR C 210 -6.77 4.04 -31.81
C THR C 210 -5.61 3.91 -32.83
N LEU C 211 -5.13 2.68 -33.02
CA LEU C 211 -3.81 2.44 -33.60
C LEU C 211 -3.84 1.24 -34.52
N PHE C 212 -2.78 1.05 -35.31
CA PHE C 212 -2.61 -0.15 -36.16
C PHE C 212 -3.76 -0.36 -37.12
N GLY C 213 -4.33 0.74 -37.62
CA GLY C 213 -5.49 0.65 -38.52
C GLY C 213 -6.87 0.57 -37.90
N HIS C 214 -6.95 0.53 -36.57
CA HIS C 214 -8.27 0.42 -35.96
C HIS C 214 -8.85 1.81 -35.84
N GLU C 215 -10.12 1.94 -36.24
CA GLU C 215 -10.82 3.21 -36.30
C GLU C 215 -11.83 3.31 -35.17
N HIS C 216 -11.74 4.41 -34.45
CA HIS C 216 -12.70 4.69 -33.41
C HIS C 216 -14.05 4.90 -34.07
N VAL C 217 -15.06 4.26 -33.53
CA VAL C 217 -16.46 4.47 -33.87
C VAL C 217 -17.21 5.09 -32.69
N SER C 218 -17.50 6.38 -32.82
CA SER C 218 -18.20 7.09 -31.72
C SER C 218 -19.65 6.63 -31.72
N PHE C 219 -20.18 6.40 -30.52
CA PHE C 219 -21.37 5.59 -30.32
C PHE C 219 -22.63 6.07 -31.08
N ASN C 220 -22.87 7.36 -30.99
CA ASN C 220 -24.06 7.91 -31.63
C ASN C 220 -23.94 8.03 -33.13
N THR C 221 -22.74 7.90 -33.68
CA THR C 221 -22.56 7.85 -35.14
C THR C 221 -23.03 6.51 -35.74
N VAL C 222 -23.23 5.50 -34.89
CA VAL C 222 -23.60 4.13 -35.29
C VAL C 222 -25.00 4.08 -35.92
N SER C 223 -25.94 4.76 -35.26
CA SER C 223 -27.32 4.85 -35.74
C SER C 223 -27.89 6.19 -35.22
N PRO C 224 -28.65 6.92 -36.08
CA PRO C 224 -29.11 8.27 -35.69
C PRO C 224 -30.16 8.33 -34.60
N ASP C 225 -30.72 7.19 -34.21
CA ASP C 225 -31.58 7.12 -33.04
C ASP C 225 -30.86 6.76 -31.76
N PHE C 226 -29.57 6.45 -31.81
CA PHE C 226 -28.83 6.12 -30.56
C PHE C 226 -28.78 7.29 -29.57
N LYS C 227 -28.76 8.52 -30.07
CA LYS C 227 -28.82 9.74 -29.21
C LYS C 227 -30.04 9.81 -28.28
N ASP C 228 -31.13 9.13 -28.65
CA ASP C 228 -32.32 9.07 -27.83
C ASP C 228 -32.08 8.41 -26.47
N PHE C 229 -31.04 7.58 -26.35
CA PHE C 229 -30.72 6.93 -25.07
C PHE C 229 -29.24 7.00 -24.67
N ALA C 230 -28.37 7.51 -25.53
CA ALA C 230 -26.94 7.48 -25.30
C ALA C 230 -26.31 8.86 -25.38
N LEU C 231 -25.26 9.03 -24.60
CA LEU C 231 -24.45 10.23 -24.66
C LEU C 231 -22.98 9.87 -24.69
N VAL C 232 -22.15 10.79 -25.15
CA VAL C 232 -20.72 10.57 -25.32
C VAL C 232 -19.94 11.50 -24.41
N LEU C 233 -18.99 10.93 -23.67
CA LEU C 233 -17.98 11.68 -22.91
C LEU C 233 -16.63 11.59 -23.60
N SER C 234 -15.96 12.73 -23.74
CA SER C 234 -14.54 12.73 -24.16
C SER C 234 -13.84 13.96 -23.67
N SER C 235 -12.65 14.16 -24.17
CA SER C 235 -11.76 15.16 -23.64
C SER C 235 -10.61 15.27 -24.59
N ALA C 236 -9.90 16.38 -24.46
CA ALA C 236 -8.55 16.51 -25.02
C ALA C 236 -7.44 16.00 -24.08
N THR C 237 -7.75 15.67 -22.80
CA THR C 237 -6.67 15.49 -21.81
C THR C 237 -5.83 14.22 -22.05
N LYS C 238 -6.45 13.09 -22.36
CA LYS C 238 -5.68 11.84 -22.58
C LYS C 238 -4.90 11.93 -23.88
N THR C 239 -5.55 12.45 -24.92
CA THR C 239 -4.95 12.67 -26.24
C THR C 239 -3.71 13.52 -26.19
N PHE C 240 -3.76 14.61 -25.43
CA PHE C 240 -2.72 15.60 -25.51
C PHE C 240 -1.90 15.76 -24.25
N ASN C 241 -2.12 14.87 -23.27
CA ASN C 241 -1.34 14.87 -22.03
C ASN C 241 -1.52 16.16 -21.21
N ILE C 242 -2.78 16.59 -21.05
CA ILE C 242 -3.05 17.87 -20.39
C ILE C 242 -4.08 17.66 -19.25
N ALA C 243 -4.02 16.49 -18.61
CA ALA C 243 -4.90 16.12 -17.49
C ALA C 243 -4.96 17.21 -16.38
N GLY C 244 -3.83 17.82 -16.10
CA GLY C 244 -3.72 18.84 -15.04
C GLY C 244 -4.43 20.15 -15.32
N THR C 245 -4.89 20.34 -16.56
CA THR C 245 -5.66 21.55 -16.95
C THR C 245 -7.17 21.44 -16.67
N LYS C 246 -7.66 20.22 -16.48
CA LYS C 246 -9.01 19.98 -15.99
CA LYS C 246 -9.02 19.97 -15.99
C LYS C 246 -10.15 20.56 -16.83
N ASN C 247 -10.32 19.98 -18.03
CA ASN C 247 -11.52 20.17 -18.84
C ASN C 247 -11.80 18.90 -19.63
N SER C 248 -13.07 18.71 -19.91
CA SER C 248 -13.62 17.57 -20.63
C SER C 248 -15.04 17.98 -21.08
N TYR C 249 -15.74 17.12 -21.81
CA TYR C 249 -17.10 17.42 -22.21
C TYR C 249 -17.97 16.18 -22.37
N ALA C 250 -19.29 16.43 -22.26
CA ALA C 250 -20.31 15.48 -22.66
C ALA C 250 -20.98 16.08 -23.91
N ILE C 251 -21.26 15.22 -24.88
CA ILE C 251 -22.11 15.55 -26.04
C ILE C 251 -23.39 14.84 -25.78
N ILE C 252 -24.44 15.63 -25.54
CA ILE C 252 -25.73 15.14 -25.17
C ILE C 252 -26.75 15.79 -26.10
N GLU C 253 -27.04 15.11 -27.20
CA GLU C 253 -27.98 15.67 -28.20
C GLU C 253 -29.42 15.60 -27.75
N ASN C 254 -29.80 14.52 -27.06
CA ASN C 254 -31.19 14.37 -26.64
C ASN C 254 -31.57 15.47 -25.66
N PRO C 255 -32.68 16.19 -25.94
CA PRO C 255 -33.00 17.29 -25.01
C PRO C 255 -33.24 16.91 -23.55
N THR C 256 -33.98 15.84 -23.31
CA THR C 256 -34.29 15.38 -21.96
C THR C 256 -33.02 14.96 -21.22
N LEU C 257 -32.18 14.14 -21.86
CA LEU C 257 -30.94 13.70 -21.20
C LEU C 257 -30.00 14.87 -20.93
N CYS C 258 -29.94 15.80 -21.88
CA CYS C 258 -29.05 16.96 -21.74
C CYS C 258 -29.47 17.84 -20.56
N ALA C 259 -30.76 18.15 -20.50
CA ALA C 259 -31.34 18.89 -19.39
C ALA C 259 -31.13 18.21 -18.02
N GLN C 260 -31.34 16.91 -17.97
CA GLN C 260 -31.15 16.11 -16.78
C GLN C 260 -29.72 16.13 -16.28
N PHE C 261 -28.78 15.91 -17.19
CA PHE C 261 -27.35 16.03 -16.87
C PHE C 261 -26.99 17.43 -16.38
N LYS C 262 -27.35 18.45 -17.16
CA LYS C 262 -26.98 19.84 -16.80
C LYS C 262 -27.63 20.27 -15.47
N HIS C 263 -28.86 19.82 -15.23
CA HIS C 263 -29.54 20.08 -13.97
C HIS C 263 -28.79 19.46 -12.77
N GLN C 264 -28.41 18.19 -12.88
CA GLN C 264 -27.67 17.52 -11.80
C GLN C 264 -26.30 18.18 -11.62
N GLN C 265 -25.65 18.57 -12.71
CA GLN C 265 -24.37 19.26 -12.64
C GLN C 265 -24.48 20.55 -11.81
N LEU C 266 -25.55 21.29 -12.02
CA LEU C 266 -25.81 22.52 -11.28
C LEU C 266 -26.21 22.26 -9.83
N VAL C 267 -27.06 21.25 -9.60
CA VAL C 267 -27.39 20.81 -8.23
C VAL C 267 -26.13 20.58 -7.41
N ASN C 268 -25.13 20.00 -8.09
CA ASN C 268 -23.86 19.63 -7.52
C ASN C 268 -22.82 20.75 -7.52
N ASN C 269 -23.21 21.92 -8.04
CA ASN C 269 -22.32 23.04 -8.31
C ASN C 269 -21.01 22.61 -8.97
N HIS C 270 -21.16 21.75 -9.96
CA HIS C 270 -20.04 21.16 -10.66
C HIS C 270 -20.02 21.66 -12.09
N HIS C 271 -20.62 22.84 -12.29
CA HIS C 271 -20.80 23.39 -13.65
C HIS C 271 -19.66 24.31 -14.12
N GLU C 272 -18.71 24.61 -13.25
CA GLU C 272 -17.67 25.59 -13.61
C GLU C 272 -16.35 24.91 -13.99
N VAL C 273 -15.60 25.56 -14.86
CA VAL C 273 -14.32 25.06 -15.38
C VAL C 273 -13.31 26.21 -15.30
N SER C 274 -12.05 25.88 -15.00
CA SER C 274 -11.00 26.90 -14.92
C SER C 274 -10.64 27.47 -16.29
N SER C 275 -10.06 28.66 -16.26
CA SER C 275 -9.67 29.40 -17.46
C SER C 275 -8.72 28.63 -18.35
N LEU C 276 -7.71 28.01 -17.75
CA LEU C 276 -6.79 27.17 -18.49
C LEU C 276 -7.44 25.88 -19.01
N GLY C 277 -8.42 25.33 -18.27
CA GLY C 277 -9.23 24.24 -18.78
C GLY C 277 -9.84 24.58 -20.14
N TYR C 278 -10.46 25.76 -20.21
CA TYR C 278 -10.99 26.26 -21.47
C TYR C 278 -9.92 26.43 -22.52
N ILE C 279 -8.82 27.08 -22.15
CA ILE C 279 -7.80 27.49 -23.13
C ILE C 279 -7.05 26.30 -23.69
N ALA C 280 -6.67 25.36 -22.83
CA ALA C 280 -5.81 24.27 -23.24
C ALA C 280 -6.54 23.30 -24.19
N THR C 281 -7.81 23.03 -23.94
CA THR C 281 -8.62 22.17 -24.80
C THR C 281 -8.82 22.81 -26.16
N GLU C 282 -9.17 24.09 -26.18
CA GLU C 282 -9.34 24.78 -27.45
C GLU C 282 -8.04 24.74 -28.26
N THR C 283 -6.92 25.06 -27.62
CA THR C 283 -5.60 25.08 -28.25
C THR C 283 -5.21 23.72 -28.83
N ALA C 284 -5.40 22.67 -28.01
CA ALA C 284 -5.06 21.32 -28.42
C ALA C 284 -5.86 20.86 -29.65
N TYR C 285 -7.16 21.10 -29.65
CA TYR C 285 -8.01 20.67 -30.74
C TYR C 285 -7.82 21.51 -32.04
N ARG C 286 -7.45 22.77 -31.90
CA ARG C 286 -7.19 23.63 -33.05
C ARG C 286 -5.87 23.28 -33.73
N TYR C 287 -4.84 23.02 -32.93
CA TYR C 287 -3.47 23.00 -33.41
C TYR C 287 -2.72 21.70 -33.17
N GLY C 288 -3.40 20.70 -32.63
CA GLY C 288 -2.73 19.45 -32.19
C GLY C 288 -2.66 18.30 -33.20
N LYS C 289 -3.23 18.46 -34.39
CA LYS C 289 -3.25 17.30 -35.32
C LYS C 289 -1.86 16.76 -35.69
N PRO C 290 -0.93 17.64 -36.07
CA PRO C 290 0.45 17.15 -36.33
C PRO C 290 1.15 16.44 -35.17
N TRP C 291 0.97 16.97 -33.96
CA TRP C 291 1.59 16.42 -32.78
C TRP C 291 1.01 15.05 -32.50
N LEU C 292 -0.31 14.93 -32.62
CA LEU C 292 -1.01 13.67 -32.47
C LEU C 292 -0.53 12.60 -33.48
N VAL C 293 -0.44 12.97 -34.75
CA VAL C 293 0.06 12.04 -35.76
C VAL C 293 1.46 11.52 -35.38
N ALA C 294 2.31 12.40 -34.89
CA ALA C 294 3.65 12.04 -34.49
C ALA C 294 3.65 11.10 -33.27
N LEU C 295 2.79 11.42 -32.30
CA LEU C 295 2.61 10.58 -31.11
C LEU C 295 2.20 9.19 -31.46
N LYS C 296 1.18 9.06 -32.28
CA LYS C 296 0.61 7.75 -32.60
C LYS C 296 1.62 6.80 -33.29
N ALA C 297 2.53 7.37 -34.07
CA ALA C 297 3.68 6.62 -34.64
C ALA C 297 4.64 6.09 -33.55
N VAL C 298 4.96 6.98 -32.62
CA VAL C 298 5.82 6.65 -31.50
C VAL C 298 5.13 5.58 -30.63
N LEU C 299 3.83 5.71 -30.41
CA LEU C 299 3.09 4.73 -29.59
C LEU C 299 3.07 3.36 -30.26
N GLU C 300 2.74 3.32 -31.56
CA GLU C 300 2.82 2.06 -32.31
C GLU C 300 4.18 1.37 -32.19
N GLU C 301 5.28 2.13 -32.32
CA GLU C 301 6.62 1.57 -32.20
C GLU C 301 6.91 1.01 -30.78
N ASN C 302 6.55 1.80 -29.75
CA ASN C 302 6.64 1.34 -28.36
C ASN C 302 5.85 0.06 -28.05
N ILE C 303 4.60 0.00 -28.52
CA ILE C 303 3.73 -1.15 -28.29
C ILE C 303 4.30 -2.41 -28.98
N GLN C 304 4.68 -2.27 -30.26
CA GLN C 304 5.27 -3.40 -31.00
C GLN C 304 6.55 -3.86 -30.34
N PHE C 305 7.39 -2.93 -29.88
CA PHE C 305 8.61 -3.26 -29.16
C PHE C 305 8.31 -4.11 -27.92
N ALA C 306 7.39 -3.62 -27.08
CA ALA C 306 6.99 -4.32 -25.84
C ALA C 306 6.44 -5.71 -26.10
N VAL C 307 5.45 -5.81 -26.96
CA VAL C 307 4.79 -7.06 -27.27
C VAL C 307 5.85 -8.08 -27.70
N GLU C 308 6.72 -7.67 -28.61
CA GLU C 308 7.67 -8.61 -29.14
C GLU C 308 8.88 -8.88 -28.17
N TYR C 309 9.27 -7.89 -27.37
CA TYR C 309 10.27 -8.10 -26.33
C TYR C 309 9.83 -9.14 -25.28
N PHE C 310 8.55 -9.06 -24.91
CA PHE C 310 7.96 -10.00 -23.97
C PHE C 310 7.88 -11.42 -24.55
N ALA C 311 7.48 -11.55 -25.82
CA ALA C 311 7.33 -12.85 -26.48
C ALA C 311 8.69 -13.53 -26.61
N GLN C 312 9.73 -12.71 -26.68
CA GLN C 312 11.11 -13.14 -26.83
C GLN C 312 11.78 -13.45 -25.47
N GLU C 313 11.45 -12.67 -24.45
CA GLU C 313 12.10 -12.78 -23.14
C GLU C 313 11.26 -13.39 -22.04
N ALA C 314 9.94 -13.38 -22.18
CA ALA C 314 9.04 -13.93 -21.18
C ALA C 314 7.83 -14.56 -21.87
N PRO C 315 8.07 -15.64 -22.62
CA PRO C 315 7.02 -16.26 -23.40
C PRO C 315 5.81 -16.76 -22.60
N ARG C 316 5.97 -17.00 -21.30
CA ARG C 316 4.85 -17.42 -20.46
C ARG C 316 3.93 -16.25 -20.08
N LEU C 317 4.45 -15.03 -20.18
CA LEU C 317 3.62 -13.83 -19.93
C LEU C 317 2.65 -13.68 -21.10
N LYS C 318 1.34 -13.58 -20.81
CA LYS C 318 0.31 -13.42 -21.82
C LYS C 318 0.02 -11.93 -22.00
N VAL C 319 0.22 -11.44 -23.23
CA VAL C 319 0.20 -10.00 -23.53
C VAL C 319 -0.94 -9.74 -24.51
N MET C 320 -1.95 -8.98 -24.08
CA MET C 320 -3.04 -8.51 -24.92
C MET C 320 -2.50 -7.37 -25.78
N LYS C 321 -2.50 -7.54 -27.10
CA LYS C 321 -2.03 -6.44 -27.91
C LYS C 321 -3.16 -5.38 -27.99
N PRO C 322 -2.83 -4.15 -27.62
CA PRO C 322 -3.83 -3.11 -27.73
C PRO C 322 -4.17 -2.71 -29.18
N GLN C 323 -5.45 -2.48 -29.42
CA GLN C 323 -5.95 -1.87 -30.66
C GLN C 323 -5.92 -0.33 -30.59
N GLY C 324 -5.88 0.16 -29.36
CA GLY C 324 -5.76 1.57 -29.09
C GLY C 324 -5.42 1.79 -27.64
N THR C 325 -5.27 3.08 -27.27
CA THR C 325 -4.74 3.51 -25.96
C THR C 325 -3.23 3.29 -25.94
N TYR C 326 -2.56 3.86 -24.96
CA TYR C 326 -1.11 3.68 -24.81
C TYR C 326 -0.78 2.72 -23.65
N LEU C 327 -1.72 1.83 -23.37
CA LEU C 327 -1.69 1.00 -22.16
C LEU C 327 -1.82 -0.46 -22.60
N ILE C 328 -1.00 -1.33 -22.01
CA ILE C 328 -0.95 -2.75 -22.34
C ILE C 328 -1.31 -3.59 -21.12
N TRP C 329 -2.27 -4.47 -21.31
CA TRP C 329 -2.78 -5.42 -20.30
C TRP C 329 -2.00 -6.74 -20.33
N LEU C 330 -1.30 -6.99 -19.22
CA LEU C 330 -0.38 -8.11 -19.05
C LEU C 330 -0.99 -9.10 -18.06
N ASP C 331 -0.95 -10.39 -18.44
CA ASP C 331 -1.55 -11.48 -17.68
C ASP C 331 -0.42 -12.42 -17.21
N PHE C 332 -0.16 -12.39 -15.90
CA PHE C 332 0.85 -13.23 -15.22
C PHE C 332 0.27 -14.54 -14.64
N SER C 333 -0.95 -14.91 -15.08
CA SER C 333 -1.66 -16.11 -14.69
C SER C 333 -0.86 -17.40 -14.81
N ASP C 334 0.11 -17.45 -15.73
CA ASP C 334 0.85 -18.70 -15.94
C ASP C 334 1.93 -18.90 -14.90
N TYR C 335 2.22 -17.88 -14.08
CA TYR C 335 3.24 -17.98 -13.05
C TYR C 335 2.56 -18.37 -11.71
N GLY C 336 3.31 -19.01 -10.81
CA GLY C 336 2.79 -19.38 -9.49
C GLY C 336 2.83 -18.21 -8.52
N LEU C 337 1.85 -17.33 -8.65
CA LEU C 337 1.85 -16.05 -7.95
C LEU C 337 0.50 -15.79 -7.33
N THR C 338 0.51 -14.91 -6.33
CA THR C 338 -0.68 -14.22 -5.86
C THR C 338 -0.57 -12.78 -6.36
N ASP C 339 -1.65 -12.03 -6.27
CA ASP C 339 -1.60 -10.58 -6.54
C ASP C 339 -0.58 -9.88 -5.67
N ASP C 340 -0.60 -10.15 -4.36
CA ASP C 340 0.35 -9.51 -3.45
C ASP C 340 1.78 -9.86 -3.85
N ALA C 341 2.05 -11.11 -4.19
CA ALA C 341 3.39 -11.54 -4.51
C ALA C 341 3.85 -10.97 -5.87
N LEU C 342 2.93 -10.84 -6.81
CA LEU C 342 3.26 -10.24 -8.10
C LEU C 342 3.67 -8.79 -7.90
N PHE C 343 2.91 -8.04 -7.11
CA PHE C 343 3.26 -6.63 -6.98
C PHE C 343 4.44 -6.34 -6.09
N THR C 344 4.68 -7.21 -5.10
CA THR C 344 5.92 -7.14 -4.33
CA THR C 344 5.93 -7.08 -4.34
C THR C 344 7.11 -7.36 -5.26
N LEU C 345 7.01 -8.36 -6.11
CA LEU C 345 8.07 -8.67 -7.06
C LEU C 345 8.36 -7.49 -7.98
N LEU C 346 7.31 -7.01 -8.65
CA LEU C 346 7.45 -5.88 -9.60
C LEU C 346 8.02 -4.64 -8.93
N HIS C 347 7.39 -4.24 -7.83
CA HIS C 347 7.72 -2.98 -7.15
C HIS C 347 9.08 -3.05 -6.45
N ASP C 348 9.23 -4.03 -5.55
CA ASP C 348 10.42 -4.14 -4.67
C ASP C 348 11.64 -4.78 -5.33
N GLN C 349 11.46 -5.82 -6.14
CA GLN C 349 12.60 -6.48 -6.76
C GLN C 349 12.95 -5.84 -8.11
N ALA C 350 11.93 -5.71 -8.96
CA ALA C 350 12.13 -5.27 -10.33
C ALA C 350 12.22 -3.72 -10.44
N LYS C 351 11.76 -3.03 -9.39
CA LYS C 351 11.72 -1.56 -9.31
C LYS C 351 10.89 -0.87 -10.40
N VAL C 352 9.74 -1.47 -10.74
CA VAL C 352 8.79 -0.85 -11.69
CA VAL C 352 8.79 -0.87 -11.70
C VAL C 352 7.40 -0.76 -11.08
N ILE C 353 6.72 0.35 -11.37
CA ILE C 353 5.37 0.60 -10.84
C ILE C 353 4.35 0.49 -11.97
N LEU C 354 3.58 -0.59 -11.96
CA LEU C 354 2.46 -0.82 -12.89
C LEU C 354 1.15 -0.71 -12.15
N ASN C 355 0.05 -0.53 -12.89
CA ASN C 355 -1.25 -0.62 -12.26
C ASN C 355 -1.59 -2.02 -11.89
N ARG C 356 -2.17 -2.17 -10.70
CA ARG C 356 -2.62 -3.44 -10.18
CA ARG C 356 -2.63 -3.45 -10.20
C ARG C 356 -3.88 -3.91 -10.92
N GLY C 357 -3.80 -5.05 -11.59
CA GLY C 357 -4.93 -5.54 -12.35
C GLY C 357 -6.20 -5.79 -11.56
N SER C 358 -6.05 -6.25 -10.32
CA SER C 358 -7.20 -6.55 -9.49
C SER C 358 -8.06 -5.30 -9.20
N ASP C 359 -7.47 -4.11 -9.36
CA ASP C 359 -8.20 -2.85 -9.25
C ASP C 359 -9.33 -2.74 -10.29
N TYR C 360 -9.16 -3.43 -11.42
CA TYR C 360 -10.10 -3.37 -12.55
C TYR C 360 -11.27 -4.36 -12.44
N GLY C 361 -11.21 -5.23 -11.43
CA GLY C 361 -12.16 -6.31 -11.24
C GLY C 361 -11.46 -7.62 -11.07
N SER C 362 -12.24 -8.63 -10.68
CA SER C 362 -11.69 -9.97 -10.41
C SER C 362 -11.06 -10.59 -11.66
N GLU C 363 -11.48 -10.17 -12.86
CA GLU C 363 -10.88 -10.65 -14.12
C GLU C 363 -9.46 -10.14 -14.31
N GLY C 364 -9.11 -9.08 -13.57
CA GLY C 364 -7.76 -8.56 -13.59
C GLY C 364 -6.81 -9.13 -12.55
N GLU C 365 -7.27 -10.06 -11.72
CA GLU C 365 -6.36 -10.73 -10.77
C GLU C 365 -5.22 -11.34 -11.59
N LEU C 366 -4.03 -11.21 -11.04
CA LEU C 366 -2.76 -11.63 -11.63
C LEU C 366 -2.43 -10.92 -12.96
N HIS C 367 -3.06 -9.76 -13.19
CA HIS C 367 -2.72 -8.88 -14.30
C HIS C 367 -2.06 -7.62 -13.77
N ALA C 368 -1.35 -6.94 -14.68
CA ALA C 368 -0.91 -5.56 -14.46
C ALA C 368 -1.10 -4.75 -15.74
N ARG C 369 -1.27 -3.45 -15.59
CA ARG C 369 -1.37 -2.54 -16.74
C ARG C 369 -0.12 -1.68 -16.90
N LEU C 370 0.42 -1.71 -18.11
CA LEU C 370 1.68 -1.10 -18.46
C LEU C 370 1.44 0.14 -19.34
N ASN C 371 1.99 1.27 -18.92
CA ASN C 371 1.91 2.55 -19.66
C ASN C 371 3.19 2.75 -20.50
N ILE C 372 3.04 2.75 -21.84
CA ILE C 372 4.18 2.92 -22.78
C ILE C 372 4.25 4.31 -23.46
N ALA C 373 3.51 5.29 -22.92
CA ALA C 373 3.62 6.71 -23.31
C ALA C 373 4.82 7.42 -22.65
N ALA C 374 6.02 7.00 -23.07
CA ALA C 374 7.29 7.52 -22.61
C ALA C 374 8.30 7.26 -23.75
N PRO C 375 9.45 7.95 -23.72
CA PRO C 375 10.47 7.67 -24.73
C PRO C 375 10.82 6.18 -24.84
N LYS C 376 11.02 5.69 -26.05
CA LYS C 376 11.47 4.30 -26.26
C LYS C 376 12.58 3.85 -25.29
N SER C 377 13.53 4.72 -24.98
CA SER C 377 14.63 4.34 -24.09
C SER C 377 14.10 3.95 -22.70
N LEU C 378 13.12 4.72 -22.22
CA LEU C 378 12.47 4.47 -20.95
C LEU C 378 11.64 3.20 -21.02
N VAL C 379 10.92 3.05 -22.12
CA VAL C 379 10.12 1.84 -22.38
C VAL C 379 10.98 0.55 -22.44
N GLU C 380 12.13 0.61 -23.10
CA GLU C 380 13.03 -0.56 -23.14
C GLU C 380 13.47 -0.97 -21.73
N GLU C 381 13.81 0.00 -20.90
CA GLU C 381 14.21 -0.25 -19.51
C GLU C 381 13.06 -0.82 -18.66
N ILE C 382 11.86 -0.24 -18.82
CA ILE C 382 10.64 -0.74 -18.13
C ILE C 382 10.39 -2.22 -18.45
N CYS C 383 10.41 -2.58 -19.74
CA CYS C 383 10.17 -3.94 -20.17
C CYS C 383 11.25 -4.93 -19.68
N LYS C 384 12.51 -4.46 -19.70
CA LYS C 384 13.66 -5.19 -19.12
C LYS C 384 13.36 -5.57 -17.68
N ARG C 385 12.96 -4.58 -16.90
CA ARG C 385 12.63 -4.79 -15.51
C ARG C 385 11.49 -5.77 -15.32
N ILE C 386 10.43 -5.65 -16.12
CA ILE C 386 9.24 -6.52 -16.00
C ILE C 386 9.57 -8.01 -16.20
N VAL C 387 10.50 -8.31 -17.12
CA VAL C 387 10.96 -9.69 -17.34
C VAL C 387 12.09 -10.16 -16.39
N CYS C 388 12.76 -9.21 -15.76
CA CYS C 388 13.97 -9.44 -14.96
C CYS C 388 13.80 -10.52 -13.86
N CYS C 389 12.75 -10.36 -13.05
CA CYS C 389 12.60 -11.08 -11.78
C CYS C 389 11.39 -12.05 -11.80
N LEU C 390 10.89 -12.43 -12.98
CA LEU C 390 9.74 -13.34 -13.10
C LEU C 390 10.16 -14.77 -12.75
N PRO C 391 9.35 -15.47 -11.94
CA PRO C 391 9.73 -16.79 -11.42
C PRO C 391 9.61 -17.97 -12.39
N LYS C 392 10.45 -18.98 -12.20
CA LYS C 392 10.27 -20.26 -12.90
C LYS C 392 9.05 -20.98 -12.38
N TYR D 8 3.04 48.64 -6.99
CA TYR D 8 2.09 47.87 -7.85
C TYR D 8 1.14 48.81 -8.61
N ASN D 9 0.58 48.33 -9.70
CA ASN D 9 -0.33 49.11 -10.56
C ASN D 9 -1.81 48.95 -10.17
N PHE D 10 -2.37 49.97 -9.52
CA PHE D 10 -3.82 50.04 -9.26
C PHE D 10 -4.41 51.25 -10.01
N GLN D 11 -3.63 51.76 -10.96
CA GLN D 11 -3.94 52.99 -11.65
CA GLN D 11 -3.96 53.01 -11.68
C GLN D 11 -4.53 52.70 -13.05
N THR D 12 -4.08 51.60 -13.67
CA THR D 12 -4.47 51.25 -15.02
C THR D 12 -5.24 49.90 -15.01
N ALA D 13 -6.40 49.84 -15.66
CA ALA D 13 -7.16 48.58 -15.79
C ALA D 13 -6.69 47.80 -17.05
N PRO D 14 -6.15 46.58 -16.85
CA PRO D 14 -5.81 45.76 -18.03
C PRO D 14 -7.01 45.54 -18.96
N ASN D 15 -6.78 45.58 -20.25
CA ASN D 15 -7.84 45.33 -21.22
C ASN D 15 -8.22 43.84 -21.19
N ARG D 16 -9.48 43.53 -20.85
CA ARG D 16 -9.92 42.15 -20.64
C ARG D 16 -10.90 41.69 -21.71
N LEU D 17 -11.09 42.53 -22.73
CA LEU D 17 -12.14 42.30 -23.73
C LEU D 17 -11.94 41.04 -24.57
N SER D 18 -10.69 40.61 -24.75
CA SER D 18 -10.39 39.39 -25.51
C SER D 18 -10.18 38.11 -24.65
N HIS D 19 -10.52 38.19 -23.38
CA HIS D 19 -10.25 37.12 -22.43
C HIS D 19 -11.47 36.25 -22.11
N HIS D 20 -12.59 36.48 -22.79
CA HIS D 20 -13.83 35.80 -22.49
C HIS D 20 -14.17 35.82 -21.00
N THR D 21 -14.21 37.04 -20.46
CA THR D 21 -14.61 37.25 -19.07
C THR D 21 -16.12 37.43 -19.00
N TYR D 22 -16.73 36.99 -17.91
CA TYR D 22 -18.12 37.31 -17.65
C TYR D 22 -18.31 38.83 -17.55
N LYS D 23 -17.44 39.44 -16.78
CA LYS D 23 -17.56 40.86 -16.40
C LYS D 23 -17.66 41.75 -17.63
N TRP D 24 -16.78 41.53 -18.61
CA TRP D 24 -16.70 42.40 -19.78
C TRP D 24 -17.44 41.86 -21.00
N LYS D 25 -18.17 40.75 -20.83
CA LYS D 25 -18.85 40.08 -21.98
C LYS D 25 -19.75 41.01 -22.79
N GLU D 26 -20.62 41.74 -22.10
CA GLU D 26 -21.53 42.65 -22.80
C GLU D 26 -20.84 43.79 -23.51
N THR D 27 -19.75 44.27 -22.93
CA THR D 27 -18.97 45.36 -23.51
C THR D 27 -18.24 44.94 -24.80
N GLU D 28 -17.97 43.64 -24.93
CA GLU D 28 -17.47 43.09 -26.20
C GLU D 28 -18.48 43.37 -27.33
N THR D 29 -19.79 43.36 -27.04
CA THR D 29 -20.84 43.65 -28.07
C THR D 29 -21.20 45.14 -28.14
N ASP D 30 -21.36 45.78 -26.99
CA ASP D 30 -21.66 47.21 -26.91
C ASP D 30 -20.54 47.93 -26.13
N PRO D 31 -19.61 48.58 -26.85
CA PRO D 31 -18.44 49.20 -26.21
C PRO D 31 -18.76 50.31 -25.20
N GLN D 32 -19.97 50.85 -25.25
CA GLN D 32 -20.31 51.91 -24.32
C GLN D 32 -20.57 51.39 -22.92
N LEU D 33 -20.83 50.10 -22.76
CA LEU D 33 -21.21 49.57 -21.45
C LEU D 33 -20.03 49.47 -20.47
N LEU D 34 -20.28 49.88 -19.22
CA LEU D 34 -19.28 49.77 -18.16
C LEU D 34 -19.76 48.79 -17.09
N PRO D 35 -19.07 47.63 -16.94
CA PRO D 35 -19.48 46.66 -15.93
C PRO D 35 -18.89 46.91 -14.55
N ALA D 36 -19.71 46.69 -13.52
CA ALA D 36 -19.31 46.82 -12.13
C ALA D 36 -20.21 45.91 -11.30
N TRP D 37 -20.33 44.67 -11.77
CA TRP D 37 -21.24 43.69 -11.21
C TRP D 37 -20.50 42.49 -10.57
N ILE D 38 -20.16 41.49 -11.36
CA ILE D 38 -19.58 40.22 -10.86
C ILE D 38 -18.28 40.52 -10.09
N ALA D 39 -18.07 39.75 -9.02
CA ALA D 39 -16.99 40.01 -8.06
C ALA D 39 -15.66 39.42 -8.53
N ASP D 40 -15.08 40.03 -9.56
CA ASP D 40 -13.64 40.00 -9.75
C ASP D 40 -13.18 41.43 -9.98
N MET D 41 -11.87 41.63 -10.01
CA MET D 41 -11.31 42.98 -10.00
C MET D 41 -10.73 43.33 -11.34
N ASP D 42 -10.75 44.62 -11.63
CA ASP D 42 -10.07 45.19 -12.80
C ASP D 42 -8.71 45.75 -12.46
N PHE D 43 -8.01 45.03 -11.58
CA PHE D 43 -6.62 45.31 -11.22
C PHE D 43 -5.73 44.15 -11.69
N GLU D 44 -4.54 44.48 -12.18
CA GLU D 44 -3.49 43.48 -12.41
C GLU D 44 -3.26 42.66 -11.14
N VAL D 45 -3.14 41.35 -11.32
CA VAL D 45 -2.84 40.43 -10.22
C VAL D 45 -1.39 40.65 -9.84
N MET D 46 -1.07 40.33 -8.60
CA MET D 46 0.28 40.43 -8.07
C MET D 46 1.27 39.72 -9.02
N PRO D 47 2.47 40.31 -9.20
CA PRO D 47 3.37 39.81 -10.22
C PRO D 47 3.86 38.35 -10.04
N GLU D 48 3.89 37.86 -8.80
CA GLU D 48 4.42 36.54 -8.52
C GLU D 48 3.49 35.43 -9.03
N VAL D 49 2.18 35.71 -9.07
CA VAL D 49 1.23 34.74 -9.66
C VAL D 49 1.43 34.70 -11.18
N LYS D 50 1.57 35.87 -11.83
CA LYS D 50 1.91 35.88 -13.27
C LYS D 50 3.15 35.03 -13.54
N GLN D 51 4.17 35.20 -12.71
CA GLN D 51 5.41 34.44 -12.88
C GLN D 51 5.18 32.95 -12.68
N ALA D 52 4.36 32.58 -11.70
CA ALA D 52 4.05 31.17 -11.42
C ALA D 52 3.31 30.50 -12.57
N ILE D 53 2.50 31.25 -13.31
CA ILE D 53 1.81 30.72 -14.47
C ILE D 53 2.81 30.44 -15.62
N HIS D 54 3.68 31.40 -15.89
CA HIS D 54 4.83 31.16 -16.80
C HIS D 54 5.66 29.93 -16.37
N ASP D 55 5.97 29.83 -15.08
CA ASP D 55 6.73 28.68 -14.54
C ASP D 55 5.99 27.34 -14.78
N TYR D 56 4.67 27.37 -14.62
CA TYR D 56 3.84 26.24 -14.95
C TYR D 56 3.98 25.82 -16.41
N ALA D 57 3.90 26.79 -17.33
CA ALA D 57 4.10 26.47 -18.74
C ALA D 57 5.45 25.73 -18.92
N GLU D 58 6.47 26.19 -18.20
CA GLU D 58 7.82 25.62 -18.35
C GLU D 58 8.06 24.26 -17.69
N GLN D 59 7.04 23.71 -17.02
CA GLN D 59 7.04 22.30 -16.63
C GLN D 59 6.97 21.34 -17.81
N LEU D 60 6.46 21.81 -18.95
CA LEU D 60 6.40 21.14 -20.27
C LEU D 60 5.44 19.96 -20.36
N VAL D 61 5.14 19.32 -19.22
CA VAL D 61 4.18 18.21 -19.16
C VAL D 61 3.10 18.58 -18.16
N TYR D 62 1.84 18.50 -18.55
CA TYR D 62 0.73 19.06 -17.71
C TYR D 62 -0.23 17.95 -17.30
N GLY D 63 0.34 16.97 -16.60
CA GLY D 63 -0.35 15.76 -16.15
C GLY D 63 -0.97 15.91 -14.76
N TYR D 64 -1.31 14.78 -14.16
CA TYR D 64 -2.00 14.71 -12.87
C TYR D 64 -1.07 15.06 -11.74
N THR D 65 -1.57 15.95 -10.87
CA THR D 65 -0.83 16.45 -9.75
C THR D 65 -1.67 16.38 -8.47
N TYR D 66 -0.98 16.49 -7.34
CA TYR D 66 -1.64 16.47 -6.03
C TYR D 66 -1.24 17.71 -5.23
N ALA D 67 -1.98 18.00 -4.16
CA ALA D 67 -1.66 19.11 -3.27
C ALA D 67 -0.38 18.84 -2.47
N SER D 68 0.61 19.71 -2.63
CA SER D 68 1.87 19.58 -1.95
C SER D 68 1.85 19.94 -0.46
N ASP D 69 2.85 19.43 0.27
CA ASP D 69 2.98 19.81 1.68
C ASP D 69 3.22 21.32 1.79
N GLU D 70 3.90 21.89 0.79
CA GLU D 70 4.19 23.32 0.72
C GLU D 70 2.92 24.19 0.54
N LEU D 71 1.99 23.72 -0.29
CA LEU D 71 0.66 24.35 -0.39
C LEU D 71 -0.09 24.24 0.93
N LEU D 72 -0.09 23.04 1.50
CA LEU D 72 -0.77 22.83 2.77
C LEU D 72 -0.21 23.77 3.84
N GLN D 73 1.11 23.89 3.87
CA GLN D 73 1.80 24.82 4.80
C GLN D 73 1.50 26.30 4.55
N ALA D 74 1.43 26.73 3.29
CA ALA D 74 1.04 28.08 2.92
C ALA D 74 -0.35 28.43 3.50
N VAL D 75 -1.30 27.51 3.35
CA VAL D 75 -2.65 27.69 3.90
C VAL D 75 -2.62 27.76 5.43
N LEU D 76 -1.97 26.79 6.05
CA LEU D 76 -1.75 26.85 7.51
C LEU D 76 -1.15 28.18 7.96
N ASP D 77 -0.07 28.63 7.31
CA ASP D 77 0.65 29.84 7.67
C ASP D 77 -0.20 31.12 7.46
N TRP D 78 -0.93 31.18 6.34
CA TRP D 78 -1.81 32.31 6.09
C TRP D 78 -2.86 32.46 7.17
N GLU D 79 -3.55 31.36 7.48
CA GLU D 79 -4.62 31.31 8.48
C GLU D 79 -4.16 31.65 9.91
N LYS D 80 -3.01 31.14 10.31
CA LYS D 80 -2.43 31.53 11.61
C LYS D 80 -2.07 33.01 11.65
N SER D 81 -1.28 33.39 10.66
CA SER D 81 -0.68 34.70 10.54
C SER D 81 -1.71 35.84 10.37
N GLU D 82 -2.71 35.59 9.51
CA GLU D 82 -3.70 36.61 9.17
C GLU D 82 -4.99 36.57 10.02
N HIS D 83 -5.34 35.40 10.51
CA HIS D 83 -6.62 35.21 11.20
C HIS D 83 -6.52 34.48 12.53
N GLN D 84 -5.29 34.30 13.01
CA GLN D 84 -5.04 33.62 14.28
C GLN D 84 -5.76 32.30 14.41
N TYR D 85 -5.92 31.58 13.28
CA TYR D 85 -6.60 30.30 13.28
C TYR D 85 -5.55 29.20 13.10
N SER D 86 -5.35 28.42 14.18
CA SER D 86 -4.36 27.36 14.24
C SER D 86 -5.05 26.03 14.13
N PHE D 87 -4.58 25.20 13.20
CA PHE D 87 -5.14 23.89 13.00
C PHE D 87 -4.04 23.06 12.33
N ASP D 88 -4.35 21.83 11.96
CA ASP D 88 -3.36 20.88 11.43
C ASP D 88 -3.51 20.74 9.92
N LYS D 89 -2.46 20.30 9.23
CA LYS D 89 -2.53 20.13 7.76
C LYS D 89 -3.67 19.20 7.33
N GLU D 90 -3.94 18.16 8.12
CA GLU D 90 -4.98 17.17 7.82
C GLU D 90 -6.41 17.71 7.91
N ASP D 91 -6.56 18.92 8.41
CA ASP D 91 -7.87 19.52 8.52
C ASP D 91 -8.24 20.27 7.24
N ILE D 92 -7.29 20.41 6.32
CA ILE D 92 -7.50 21.18 5.09
C ILE D 92 -8.05 20.26 4.02
N VAL D 93 -9.19 20.64 3.41
CA VAL D 93 -9.74 19.92 2.27
C VAL D 93 -9.82 20.91 1.10
N PHE D 94 -9.04 20.67 0.05
CA PHE D 94 -9.13 21.52 -1.19
C PHE D 94 -10.36 21.14 -2.03
N VAL D 95 -11.02 22.17 -2.57
CA VAL D 95 -12.16 22.05 -3.46
C VAL D 95 -11.98 23.08 -4.53
N GLU D 96 -12.38 22.77 -5.76
CA GLU D 96 -12.09 23.71 -6.86
C GLU D 96 -12.78 25.09 -6.69
N GLY D 97 -13.83 25.17 -5.88
CA GLY D 97 -14.41 26.46 -5.50
C GLY D 97 -15.25 26.38 -4.25
N VAL D 98 -15.55 27.55 -3.67
CA VAL D 98 -16.38 27.66 -2.47
C VAL D 98 -17.83 27.26 -2.75
N VAL D 99 -18.37 27.68 -3.89
CA VAL D 99 -19.74 27.27 -4.25
C VAL D 99 -19.88 25.73 -4.40
N PRO D 100 -18.97 25.06 -5.14
CA PRO D 100 -18.84 23.59 -5.02
C PRO D 100 -18.89 23.05 -3.59
N ALA D 101 -18.09 23.62 -2.68
CA ALA D 101 -18.04 23.22 -1.27
C ALA D 101 -19.38 23.38 -0.53
N ILE D 102 -20.14 24.42 -0.89
CA ILE D 102 -21.46 24.64 -0.31
C ILE D 102 -22.46 23.54 -0.67
N SER D 103 -22.45 23.12 -1.92
CA SER D 103 -23.31 22.03 -2.31
C SER D 103 -22.85 20.70 -1.69
N ILE D 104 -21.54 20.48 -1.63
CA ILE D 104 -21.02 19.27 -1.00
C ILE D 104 -21.46 19.22 0.45
N ALA D 105 -21.34 20.37 1.13
CA ALA D 105 -21.76 20.48 2.53
C ALA D 105 -23.24 20.16 2.72
N ILE D 106 -24.10 20.78 1.91
CA ILE D 106 -25.55 20.57 2.01
C ILE D 106 -25.86 19.08 1.84
N GLN D 107 -25.24 18.45 0.84
CA GLN D 107 -25.48 17.05 0.53
C GLN D 107 -24.94 16.12 1.61
N ALA D 108 -23.79 16.49 2.20
CA ALA D 108 -23.15 15.67 3.21
C ALA D 108 -23.81 15.74 4.58
N PHE D 109 -24.30 16.94 4.96
CA PHE D 109 -24.68 17.21 6.35
C PHE D 109 -26.18 17.26 6.54
N THR D 110 -26.96 17.16 5.47
CA THR D 110 -28.41 17.12 5.57
C THR D 110 -28.93 16.07 4.61
N LYS D 111 -30.18 15.67 4.82
CA LYS D 111 -30.93 14.86 3.91
C LYS D 111 -32.00 15.66 3.19
N GLU D 112 -32.47 15.12 2.07
CA GLU D 112 -33.55 15.69 1.30
C GLU D 112 -34.70 16.02 2.23
N GLY D 113 -35.24 17.22 2.03
CA GLY D 113 -36.36 17.68 2.85
C GLY D 113 -36.01 18.37 4.15
N GLU D 114 -34.79 18.21 4.64
CA GLU D 114 -34.33 18.87 5.83
C GLU D 114 -34.08 20.34 5.59
N ALA D 115 -34.12 21.11 6.68
CA ALA D 115 -34.06 22.58 6.56
C ALA D 115 -32.61 23.12 6.66
N VAL D 116 -32.32 24.06 5.77
CA VAL D 116 -31.06 24.79 5.77
C VAL D 116 -31.42 26.28 5.88
N LEU D 117 -30.74 26.96 6.79
CA LEU D 117 -31.03 28.35 7.09
C LEU D 117 -29.91 29.22 6.52
N ILE D 118 -30.31 30.38 5.97
CA ILE D 118 -29.41 31.45 5.53
C ILE D 118 -29.94 32.76 6.12
N ASN D 119 -29.08 33.77 6.18
CA ASN D 119 -29.49 35.15 6.50
C ASN D 119 -29.67 35.93 5.21
N SER D 120 -30.91 36.27 4.88
CA SER D 120 -31.20 36.97 3.65
C SER D 120 -31.30 38.49 3.87
N PRO D 121 -30.98 39.31 2.86
CA PRO D 121 -30.53 38.86 1.55
C PRO D 121 -29.06 38.44 1.59
N VAL D 122 -28.71 37.50 0.72
CA VAL D 122 -27.35 36.97 0.67
C VAL D 122 -27.04 36.44 -0.73
N TYR D 123 -25.74 36.39 -1.00
CA TYR D 123 -25.11 35.74 -2.16
C TYR D 123 -26.03 34.68 -2.79
N PRO D 124 -26.45 34.89 -4.04
CA PRO D 124 -27.53 34.06 -4.60
C PRO D 124 -27.31 32.55 -4.64
N PRO D 125 -26.07 32.06 -4.86
CA PRO D 125 -25.83 30.62 -4.79
C PRO D 125 -26.22 29.94 -3.49
N PHE D 126 -26.36 30.70 -2.40
CA PHE D 126 -26.85 30.12 -1.12
C PHE D 126 -28.25 29.57 -1.26
N ALA D 127 -29.23 30.44 -1.59
CA ALA D 127 -30.61 30.00 -1.77
C ALA D 127 -30.70 29.00 -2.92
N ARG D 128 -29.98 29.23 -4.02
CA ARG D 128 -30.07 28.32 -5.18
C ARG D 128 -29.61 26.93 -4.77
N SER D 129 -28.50 26.83 -4.03
CA SER D 129 -27.93 25.50 -3.74
C SER D 129 -28.86 24.70 -2.83
N VAL D 130 -29.48 25.37 -1.85
CA VAL D 130 -30.47 24.76 -0.97
C VAL D 130 -31.68 24.26 -1.79
N ARG D 131 -32.30 25.15 -2.57
CA ARG D 131 -33.53 24.81 -3.34
C ARG D 131 -33.32 23.69 -4.35
N LEU D 132 -32.24 23.78 -5.10
CA LEU D 132 -31.95 22.76 -6.13
C LEU D 132 -31.57 21.38 -5.52
N ASN D 133 -31.06 21.39 -4.31
CA ASN D 133 -30.83 20.16 -3.56
C ASN D 133 -32.05 19.59 -2.86
N ASN D 134 -33.21 20.20 -3.06
CA ASN D 134 -34.44 19.66 -2.47
C ASN D 134 -34.37 19.62 -0.94
N ARG D 135 -33.68 20.61 -0.35
CA ARG D 135 -33.77 20.93 1.09
C ARG D 135 -34.72 22.12 1.25
N LYS D 136 -35.35 22.21 2.42
CA LYS D 136 -36.24 23.30 2.77
C LYS D 136 -35.35 24.51 3.08
N LEU D 137 -35.61 25.63 2.41
CA LEU D 137 -34.90 26.90 2.70
C LEU D 137 -35.56 27.73 3.78
N VAL D 138 -34.80 28.10 4.80
CA VAL D 138 -35.28 28.99 5.83
C VAL D 138 -34.50 30.27 5.68
N SER D 139 -35.19 31.33 5.24
CA SER D 139 -34.54 32.59 5.00
C SER D 139 -34.78 33.44 6.23
N ASN D 140 -33.75 33.57 7.07
CA ASN D 140 -33.80 34.44 8.22
C ASN D 140 -33.49 35.87 7.77
N SER D 141 -34.52 36.71 7.71
CA SER D 141 -34.33 38.08 7.22
C SER D 141 -33.44 38.89 8.14
N LEU D 142 -32.40 39.52 7.60
CA LEU D 142 -31.59 40.44 8.39
C LEU D 142 -32.38 41.72 8.66
N LYS D 143 -32.14 42.32 9.83
CA LYS D 143 -32.63 43.66 10.12
C LYS D 143 -31.71 44.65 9.43
N GLU D 144 -32.22 45.85 9.18
CA GLU D 144 -31.45 46.94 8.66
C GLU D 144 -31.67 48.11 9.63
N GLU D 145 -30.60 48.48 10.35
CA GLU D 145 -30.70 49.44 11.44
C GLU D 145 -29.53 50.37 11.37
N ASN D 146 -29.81 51.68 11.21
CA ASN D 146 -28.77 52.70 11.27
C ASN D 146 -27.65 52.47 10.23
N GLY D 147 -28.03 51.97 9.07
CA GLY D 147 -27.11 51.84 7.95
C GLY D 147 -26.37 50.52 7.88
N LEU D 148 -26.69 49.59 8.78
CA LEU D 148 -26.08 48.24 8.82
C LEU D 148 -27.09 47.11 8.93
N PHE D 149 -26.75 45.96 8.34
CA PHE D 149 -27.44 44.72 8.62
C PHE D 149 -27.14 44.26 10.05
N GLN D 150 -28.18 43.73 10.70
CA GLN D 150 -28.06 43.11 12.02
C GLN D 150 -28.92 41.86 12.07
N ILE D 151 -28.48 40.92 12.87
CA ILE D 151 -29.25 39.70 13.08
C ILE D 151 -30.32 39.98 14.12
N ASP D 152 -31.52 39.49 13.84
CA ASP D 152 -32.60 39.43 14.81
C ASP D 152 -32.53 38.08 15.47
N PHE D 153 -31.91 38.04 16.63
CA PHE D 153 -31.60 36.78 17.31
C PHE D 153 -32.81 36.08 17.86
N GLU D 154 -33.81 36.85 18.27
CA GLU D 154 -35.09 36.24 18.63
C GLU D 154 -35.70 35.50 17.44
N GLN D 155 -35.76 36.16 16.30
CA GLN D 155 -36.34 35.53 15.11
C GLN D 155 -35.45 34.41 14.57
N LEU D 156 -34.13 34.59 14.68
CA LEU D 156 -33.22 33.52 14.29
C LEU D 156 -33.47 32.25 15.10
N GLU D 157 -33.61 32.37 16.42
CA GLU D 157 -33.92 31.16 17.23
C GLU D 157 -35.24 30.55 16.80
N ASN D 158 -36.26 31.38 16.61
CA ASN D 158 -37.57 30.90 16.20
C ASN D 158 -37.48 30.17 14.87
N ASP D 159 -36.72 30.76 13.93
CA ASP D 159 -36.51 30.11 12.63
C ASP D 159 -35.87 28.71 12.75
N ILE D 160 -34.90 28.59 13.62
CA ILE D 160 -34.22 27.32 13.86
C ILE D 160 -35.18 26.28 14.43
N VAL D 161 -35.88 26.66 15.50
CA VAL D 161 -36.77 25.76 16.19
C VAL D 161 -38.01 25.39 15.39
N GLU D 162 -38.64 26.37 14.75
CA GLU D 162 -39.90 26.11 14.04
C GLU D 162 -39.73 25.27 12.77
N ASN D 163 -38.49 25.19 12.29
CA ASN D 163 -38.21 24.50 11.05
C ASN D 163 -37.26 23.31 11.21
N ASP D 164 -36.81 23.05 12.45
CA ASP D 164 -35.89 21.97 12.77
C ASP D 164 -34.65 22.10 11.86
N VAL D 165 -34.09 23.31 11.83
CA VAL D 165 -32.96 23.62 10.97
C VAL D 165 -31.77 22.70 11.33
N LYS D 166 -31.18 22.06 10.31
CA LYS D 166 -30.06 21.14 10.50
C LYS D 166 -28.70 21.74 10.16
N LEU D 167 -28.71 22.73 9.27
CA LEU D 167 -27.50 23.35 8.74
C LEU D 167 -27.71 24.85 8.57
N TYR D 168 -26.75 25.63 9.04
CA TYR D 168 -26.74 27.09 8.86
C TYR D 168 -25.58 27.45 7.93
N LEU D 169 -25.89 28.09 6.80
CA LEU D 169 -24.88 28.66 5.92
C LEU D 169 -24.73 30.13 6.28
N LEU D 170 -23.60 30.45 6.92
CA LEU D 170 -23.24 31.79 7.38
C LEU D 170 -22.27 32.43 6.38
N CYS D 171 -22.49 33.70 6.06
CA CYS D 171 -21.62 34.49 5.24
C CYS D 171 -20.92 35.51 6.14
N ASN D 172 -19.60 35.41 6.23
CA ASN D 172 -18.82 36.27 7.09
CA ASN D 172 -18.78 36.18 7.17
C ASN D 172 -17.45 36.55 6.52
N PRO D 173 -17.27 37.77 6.03
CA PRO D 173 -18.18 38.92 5.97
C PRO D 173 -19.40 38.66 5.12
N HIS D 174 -20.49 39.33 5.47
CA HIS D 174 -21.75 39.13 4.78
C HIS D 174 -21.80 39.89 3.46
N ASN D 175 -22.11 39.16 2.38
CA ASN D 175 -22.27 39.70 1.02
C ASN D 175 -23.73 39.41 0.60
N PRO D 176 -24.53 40.45 0.27
CA PRO D 176 -24.16 41.85 0.11
C PRO D 176 -24.23 42.66 1.41
N GLY D 177 -23.84 43.93 1.32
CA GLY D 177 -23.78 44.79 2.48
C GLY D 177 -22.36 44.97 2.98
N GLY D 178 -21.59 43.87 2.96
CA GLY D 178 -20.20 43.86 3.41
C GLY D 178 -20.13 44.01 4.93
N ARG D 179 -20.97 43.26 5.63
CA ARG D 179 -21.05 43.33 7.07
C ARG D 179 -20.00 42.40 7.70
N VAL D 180 -19.12 42.99 8.51
CA VAL D 180 -18.06 42.27 9.21
C VAL D 180 -18.53 42.03 10.64
N TRP D 181 -19.07 40.84 10.86
CA TRP D 181 -19.72 40.45 12.09
C TRP D 181 -18.73 40.53 13.26
N GLU D 182 -19.21 41.10 14.38
CA GLU D 182 -18.41 41.16 15.59
C GLU D 182 -18.32 39.80 16.25
N ARG D 183 -17.22 39.59 16.97
CA ARG D 183 -17.00 38.39 17.78
CA ARG D 183 -17.01 38.38 17.73
C ARG D 183 -18.24 38.04 18.58
N GLU D 184 -18.86 39.04 19.22
CA GLU D 184 -20.01 38.74 20.08
CA GLU D 184 -20.05 38.80 20.08
C GLU D 184 -21.24 38.24 19.32
N VAL D 185 -21.41 38.72 18.08
CA VAL D 185 -22.51 38.26 17.24
C VAL D 185 -22.24 36.81 16.86
N LEU D 186 -21.02 36.51 16.44
CA LEU D 186 -20.67 35.11 16.07
C LEU D 186 -20.82 34.16 17.26
N GLU D 187 -20.48 34.66 18.45
CA GLU D 187 -20.57 33.84 19.65
C GLU D 187 -22.05 33.48 19.95
N GLN D 188 -22.95 34.43 19.75
CA GLN D 188 -24.38 34.20 19.95
CA GLN D 188 -24.39 34.20 19.93
C GLN D 188 -24.94 33.21 18.91
N ILE D 189 -24.46 33.33 17.68
CA ILE D 189 -24.84 32.37 16.64
C ILE D 189 -24.37 30.98 17.01
N GLY D 190 -23.13 30.86 17.45
CA GLY D 190 -22.57 29.56 17.84
C GLY D 190 -23.33 28.95 18.99
N HIS D 191 -23.55 29.74 20.03
CA HIS D 191 -24.40 29.28 21.14
C HIS D 191 -25.73 28.70 20.66
N LEU D 192 -26.39 29.35 19.70
CA LEU D 192 -27.66 28.84 19.17
C LEU D 192 -27.53 27.52 18.43
N CYS D 193 -26.44 27.36 17.68
CA CYS D 193 -26.16 26.11 16.98
C CYS D 193 -25.84 24.96 17.99
N GLN D 194 -25.07 25.26 19.03
CA GLN D 194 -24.83 24.26 20.10
C GLN D 194 -26.16 23.84 20.75
N LYS D 195 -26.96 24.84 21.11
CA LYS D 195 -28.20 24.59 21.81
C LYS D 195 -29.10 23.71 20.99
N HIS D 196 -29.20 24.02 19.69
CA HIS D 196 -30.19 23.38 18.86
C HIS D 196 -29.63 22.33 17.95
N HIS D 197 -28.35 21.98 18.11
CA HIS D 197 -27.65 20.95 17.33
C HIS D 197 -27.69 21.21 15.82
N VAL D 198 -27.24 22.41 15.45
CA VAL D 198 -27.12 22.83 14.05
C VAL D 198 -25.65 22.77 13.65
N ILE D 199 -25.40 22.24 12.45
CA ILE D 199 -24.08 22.31 11.86
C ILE D 199 -23.94 23.68 11.16
N LEU D 200 -22.79 24.32 11.27
CA LEU D 200 -22.59 25.64 10.68
C LEU D 200 -21.44 25.59 9.66
N VAL D 201 -21.74 26.10 8.46
CA VAL D 201 -20.72 26.37 7.47
C VAL D 201 -20.52 27.87 7.35
N SER D 202 -19.30 28.33 7.63
CA SER D 202 -18.97 29.73 7.56
C SER D 202 -18.23 29.96 6.27
N ASP D 203 -18.89 30.63 5.32
CA ASP D 203 -18.30 31.12 4.08
C ASP D 203 -17.55 32.43 4.35
N GLU D 204 -16.23 32.29 4.43
CA GLU D 204 -15.34 33.35 4.80
C GLU D 204 -14.46 33.70 3.61
N ILE D 205 -14.98 33.54 2.39
CA ILE D 205 -14.22 33.90 1.18
C ILE D 205 -13.76 35.37 1.16
N HIS D 206 -14.51 36.26 1.81
CA HIS D 206 -14.17 37.70 1.83
C HIS D 206 -13.29 38.11 3.05
N GLN D 207 -12.80 37.13 3.80
CA GLN D 207 -12.12 37.35 5.09
C GLN D 207 -10.91 38.30 5.07
N ASP D 208 -10.22 38.39 3.93
CA ASP D 208 -8.99 39.20 3.82
C ASP D 208 -9.31 40.61 3.37
N LEU D 209 -10.59 40.92 3.18
CA LEU D 209 -10.99 42.17 2.57
C LEU D 209 -11.85 43.00 3.52
N THR D 210 -11.58 42.89 4.81
CA THR D 210 -12.21 43.79 5.79
C THR D 210 -11.44 45.10 5.82
N LEU D 211 -12.17 46.19 6.05
CA LEU D 211 -11.70 47.52 5.73
C LEU D 211 -12.05 48.47 6.85
N PHE D 212 -11.48 49.69 6.76
CA PHE D 212 -11.85 50.79 7.67
C PHE D 212 -11.69 50.44 9.13
N GLY D 213 -10.69 49.63 9.42
CA GLY D 213 -10.43 49.14 10.79
C GLY D 213 -11.20 47.94 11.26
N HIS D 214 -12.13 47.43 10.45
CA HIS D 214 -12.89 46.25 10.84
CA HIS D 214 -12.90 46.25 10.82
C HIS D 214 -12.01 45.01 10.65
N GLU D 215 -12.00 44.15 11.65
CA GLU D 215 -11.18 42.93 11.66
C GLU D 215 -12.11 41.73 11.46
N HIS D 216 -11.67 40.82 10.60
CA HIS D 216 -12.38 39.55 10.40
C HIS D 216 -12.22 38.70 11.66
N VAL D 217 -13.29 38.06 12.11
CA VAL D 217 -13.19 37.02 13.12
C VAL D 217 -13.63 35.67 12.55
N SER D 218 -12.65 34.79 12.38
CA SER D 218 -12.90 33.48 11.80
C SER D 218 -13.67 32.64 12.83
N PHE D 219 -14.71 31.93 12.35
CA PHE D 219 -15.71 31.39 13.22
C PHE D 219 -15.24 30.50 14.37
N ASN D 220 -14.32 29.62 14.09
CA ASN D 220 -13.84 28.66 15.07
C ASN D 220 -12.81 29.24 16.03
N THR D 221 -12.33 30.44 15.74
CA THR D 221 -11.52 31.17 16.70
C THR D 221 -12.36 31.80 17.81
N VAL D 222 -13.67 31.81 17.64
CA VAL D 222 -14.54 32.47 18.63
C VAL D 222 -14.54 31.70 19.93
N SER D 223 -14.55 30.39 19.83
CA SER D 223 -14.59 29.53 20.98
C SER D 223 -13.98 28.18 20.60
N PRO D 224 -13.17 27.61 21.51
CA PRO D 224 -12.50 26.35 21.20
C PRO D 224 -13.42 25.18 20.92
N ASP D 225 -14.68 25.24 21.30
CA ASP D 225 -15.58 24.14 21.03
C ASP D 225 -16.43 24.27 19.77
N PHE D 226 -16.29 25.37 19.06
CA PHE D 226 -17.13 25.61 17.89
C PHE D 226 -16.81 24.62 16.78
N LYS D 227 -15.56 24.15 16.71
CA LYS D 227 -15.14 23.12 15.72
C LYS D 227 -15.97 21.84 15.80
N ASP D 228 -16.60 21.59 16.96
CA ASP D 228 -17.43 20.42 17.09
C ASP D 228 -18.63 20.46 16.16
N PHE D 229 -19.04 21.64 15.71
CA PHE D 229 -20.18 21.75 14.81
C PHE D 229 -19.99 22.66 13.62
N ALA D 230 -18.85 23.34 13.53
CA ALA D 230 -18.64 24.37 12.52
C ALA D 230 -17.40 24.10 11.68
N LEU D 231 -17.47 24.49 10.41
CA LEU D 231 -16.34 24.47 9.49
C LEU D 231 -16.27 25.77 8.70
N VAL D 232 -15.08 26.09 8.19
CA VAL D 232 -14.77 27.35 7.54
C VAL D 232 -14.44 27.06 6.09
N LEU D 233 -15.07 27.83 5.19
CA LEU D 233 -14.71 27.82 3.78
C LEU D 233 -13.98 29.12 3.49
N SER D 234 -12.82 29.03 2.87
CA SER D 234 -12.21 30.21 2.31
C SER D 234 -11.36 29.90 1.08
N SER D 235 -10.62 30.91 0.65
CA SER D 235 -9.91 30.91 -0.64
C SER D 235 -8.95 32.07 -0.76
N ALA D 236 -7.98 31.92 -1.65
CA ALA D 236 -7.17 33.02 -2.16
C ALA D 236 -7.84 33.78 -3.30
N THR D 237 -8.93 33.28 -3.86
CA THR D 237 -9.39 33.84 -5.15
C THR D 237 -10.00 35.25 -5.12
N LYS D 238 -10.87 35.51 -4.13
CA LYS D 238 -11.50 36.84 -3.98
C LYS D 238 -10.43 37.85 -3.57
N THR D 239 -9.63 37.46 -2.58
CA THR D 239 -8.54 38.27 -2.05
C THR D 239 -7.61 38.75 -3.13
N PHE D 240 -7.22 37.83 -4.02
CA PHE D 240 -6.13 38.08 -4.92
C PHE D 240 -6.53 38.15 -6.39
N ASN D 241 -7.83 38.09 -6.68
CA ASN D 241 -8.34 38.20 -8.04
C ASN D 241 -7.87 37.05 -8.95
N ILE D 242 -7.94 35.82 -8.45
CA ILE D 242 -7.50 34.64 -9.23
C ILE D 242 -8.60 33.57 -9.34
N ALA D 243 -9.85 34.00 -9.35
CA ALA D 243 -11.03 33.12 -9.49
C ALA D 243 -10.93 32.10 -10.60
N GLY D 244 -10.34 32.52 -11.72
CA GLY D 244 -10.15 31.67 -12.89
C GLY D 244 -9.20 30.51 -12.73
N THR D 245 -8.43 30.50 -11.64
CA THR D 245 -7.52 29.39 -11.34
C THR D 245 -8.14 28.22 -10.58
N LYS D 246 -9.29 28.47 -9.95
CA LYS D 246 -10.16 27.44 -9.39
C LYS D 246 -9.54 26.59 -8.29
N ASN D 247 -9.33 27.19 -7.12
CA ASN D 247 -9.02 26.40 -5.94
C ASN D 247 -9.52 27.18 -4.75
N SER D 248 -9.84 26.43 -3.71
CA SER D 248 -10.33 26.96 -2.46
C SER D 248 -10.20 25.86 -1.44
N TYR D 249 -10.64 26.11 -0.22
CA TYR D 249 -10.53 25.09 0.83
C TYR D 249 -11.61 25.15 1.88
N ALA D 250 -11.81 24.00 2.51
CA ALA D 250 -12.57 23.87 3.73
C ALA D 250 -11.58 23.49 4.83
N ILE D 251 -11.73 24.12 5.98
CA ILE D 251 -11.04 23.72 7.20
C ILE D 251 -12.05 23.03 8.07
N ILE D 252 -11.82 21.74 8.26
CA ILE D 252 -12.76 20.89 8.98
C ILE D 252 -11.98 20.10 10.05
N GLU D 253 -11.92 20.69 11.24
CA GLU D 253 -11.14 20.14 12.34
C GLU D 253 -11.77 18.91 12.95
N ASN D 254 -13.10 18.87 12.97
CA ASN D 254 -13.81 17.74 13.54
C ASN D 254 -13.68 16.51 12.64
N PRO D 255 -13.17 15.39 13.19
CA PRO D 255 -12.96 14.21 12.35
C PRO D 255 -14.21 13.67 11.64
N THR D 256 -15.34 13.60 12.35
CA THR D 256 -16.58 13.10 11.74
C THR D 256 -17.05 14.04 10.62
N LEU D 257 -17.13 15.34 10.89
CA LEU D 257 -17.56 16.29 9.87
C LEU D 257 -16.59 16.26 8.65
N CYS D 258 -15.30 16.20 8.91
CA CYS D 258 -14.29 16.18 7.85
C CYS D 258 -14.49 14.94 6.96
N ALA D 259 -14.63 13.77 7.58
CA ALA D 259 -14.91 12.52 6.83
C ALA D 259 -16.23 12.56 6.05
N GLN D 260 -17.26 13.15 6.66
CA GLN D 260 -18.55 13.29 6.00
C GLN D 260 -18.43 14.15 4.74
N PHE D 261 -17.72 15.27 4.87
CA PHE D 261 -17.49 16.20 3.75
C PHE D 261 -16.67 15.49 2.66
N LYS D 262 -15.55 14.90 3.05
CA LYS D 262 -14.67 14.23 2.10
C LYS D 262 -15.31 13.05 1.38
N HIS D 263 -16.20 12.35 2.09
CA HIS D 263 -16.91 11.24 1.51
C HIS D 263 -17.87 11.70 0.46
N GLN D 264 -18.67 12.71 0.77
CA GLN D 264 -19.56 13.26 -0.23
C GLN D 264 -18.79 13.81 -1.44
N GLN D 265 -17.63 14.45 -1.19
CA GLN D 265 -16.80 15.02 -2.24
C GLN D 265 -16.38 13.93 -3.23
N LEU D 266 -16.01 12.78 -2.68
CA LEU D 266 -15.60 11.61 -3.49
C LEU D 266 -16.77 10.95 -4.18
N VAL D 267 -17.90 10.82 -3.50
CA VAL D 267 -19.13 10.31 -4.13
C VAL D 267 -19.47 11.09 -5.39
N ASN D 268 -19.30 12.40 -5.29
CA ASN D 268 -19.54 13.33 -6.39
C ASN D 268 -18.38 13.46 -7.37
N ASN D 269 -17.29 12.73 -7.12
CA ASN D 269 -16.07 12.85 -7.92
C ASN D 269 -15.64 14.33 -8.09
N HIS D 270 -15.73 15.07 -6.99
CA HIS D 270 -15.49 16.48 -7.00
C HIS D 270 -14.24 16.76 -6.10
N HIS D 271 -13.37 15.77 -6.00
CA HIS D 271 -12.17 15.80 -5.14
C HIS D 271 -10.89 16.33 -5.82
N GLU D 272 -10.93 16.49 -7.14
CA GLU D 272 -9.71 16.86 -7.88
C GLU D 272 -9.66 18.38 -8.17
N VAL D 273 -8.46 18.92 -8.18
CA VAL D 273 -8.19 20.32 -8.44
C VAL D 273 -7.10 20.41 -9.53
N SER D 274 -7.19 21.44 -10.37
CA SER D 274 -6.21 21.65 -11.43
C SER D 274 -4.86 22.07 -10.85
N SER D 275 -3.84 21.84 -11.65
CA SER D 275 -2.46 22.13 -11.23
C SER D 275 -2.22 23.60 -10.98
N LEU D 276 -2.76 24.46 -11.86
CA LEU D 276 -2.67 25.89 -11.62
C LEU D 276 -3.50 26.33 -10.42
N GLY D 277 -4.59 25.62 -10.13
CA GLY D 277 -5.35 25.82 -8.92
C GLY D 277 -4.46 25.71 -7.70
N TYR D 278 -3.71 24.61 -7.60
CA TYR D 278 -2.77 24.42 -6.50
C TYR D 278 -1.66 25.47 -6.47
N ILE D 279 -1.09 25.73 -7.64
CA ILE D 279 0.06 26.59 -7.75
C ILE D 279 -0.27 28.04 -7.39
N ALA D 280 -1.35 28.56 -7.98
CA ALA D 280 -1.68 29.97 -7.82
C ALA D 280 -2.02 30.32 -6.37
N THR D 281 -2.71 29.43 -5.69
CA THR D 281 -3.06 29.64 -4.29
C THR D 281 -1.84 29.64 -3.39
N GLU D 282 -0.93 28.68 -3.58
CA GLU D 282 0.32 28.70 -2.83
C GLU D 282 1.10 29.99 -3.03
N THR D 283 1.27 30.40 -4.27
CA THR D 283 1.97 31.61 -4.64
C THR D 283 1.36 32.88 -4.08
N ALA D 284 0.03 32.98 -4.19
CA ALA D 284 -0.71 34.13 -3.68
C ALA D 284 -0.50 34.34 -2.19
N TYR D 285 -0.62 33.27 -1.41
CA TYR D 285 -0.41 33.35 0.03
C TYR D 285 1.04 33.61 0.43
N ARG D 286 1.98 32.99 -0.28
CA ARG D 286 3.40 33.19 0.08
C ARG D 286 3.92 34.60 -0.25
N TYR D 287 3.40 35.25 -1.29
CA TYR D 287 3.91 36.57 -1.69
C TYR D 287 2.93 37.75 -1.66
N GLY D 288 1.69 37.47 -1.32
CA GLY D 288 0.61 38.42 -1.59
C GLY D 288 0.34 39.53 -0.59
N LYS D 289 0.82 39.36 0.66
CA LYS D 289 0.49 40.29 1.73
C LYS D 289 0.77 41.77 1.36
N PRO D 290 1.98 42.09 0.85
CA PRO D 290 2.20 43.49 0.47
C PRO D 290 1.24 44.06 -0.59
N TRP D 291 0.92 43.26 -1.59
CA TRP D 291 -0.07 43.61 -2.59
C TRP D 291 -1.45 43.86 -1.95
N LEU D 292 -1.85 42.97 -1.06
CA LEU D 292 -3.14 43.06 -0.34
C LEU D 292 -3.23 44.35 0.50
N VAL D 293 -2.13 44.65 1.20
CA VAL D 293 -2.05 45.92 1.96
C VAL D 293 -2.24 47.14 1.05
N ALA D 294 -1.59 47.17 -0.12
CA ALA D 294 -1.78 48.25 -1.09
C ALA D 294 -3.21 48.29 -1.67
N LEU D 295 -3.73 47.11 -1.98
CA LEU D 295 -5.11 47.00 -2.48
C LEU D 295 -6.13 47.63 -1.55
N LYS D 296 -6.05 47.33 -0.26
CA LYS D 296 -7.01 47.81 0.73
C LYS D 296 -7.03 49.34 0.81
N ALA D 297 -5.87 49.97 0.71
CA ALA D 297 -5.79 51.43 0.70
C ALA D 297 -6.57 52.00 -0.50
N VAL D 298 -6.41 51.36 -1.66
CA VAL D 298 -7.11 51.74 -2.87
C VAL D 298 -8.62 51.55 -2.76
N LEU D 299 -9.01 50.40 -2.23
CA LEU D 299 -10.42 50.10 -2.02
C LEU D 299 -11.11 51.09 -1.08
N GLU D 300 -10.45 51.40 0.04
CA GLU D 300 -10.99 52.38 0.99
C GLU D 300 -11.22 53.76 0.35
N GLU D 301 -10.28 54.21 -0.50
CA GLU D 301 -10.39 55.49 -1.20
C GLU D 301 -11.53 55.44 -2.22
N ASN D 302 -11.67 54.30 -2.90
CA ASN D 302 -12.77 54.13 -3.86
C ASN D 302 -14.12 54.17 -3.18
N ILE D 303 -14.23 53.51 -2.03
CA ILE D 303 -15.49 53.43 -1.31
C ILE D 303 -15.84 54.79 -0.74
N GLN D 304 -14.84 55.47 -0.18
CA GLN D 304 -15.07 56.78 0.41
C GLN D 304 -15.57 57.74 -0.66
N PHE D 305 -14.92 57.73 -1.81
CA PHE D 305 -15.35 58.54 -2.92
C PHE D 305 -16.81 58.27 -3.32
N ALA D 306 -17.18 56.99 -3.43
CA ALA D 306 -18.50 56.60 -3.89
C ALA D 306 -19.59 57.05 -2.91
N VAL D 307 -19.38 56.82 -1.62
CA VAL D 307 -20.36 57.18 -0.60
CA VAL D 307 -20.37 57.17 -0.60
C VAL D 307 -20.58 58.71 -0.60
N GLU D 308 -19.49 59.46 -0.68
CA GLU D 308 -19.57 60.92 -0.65
C GLU D 308 -20.13 61.48 -1.96
N TYR D 309 -19.74 60.88 -3.07
CA TYR D 309 -20.24 61.27 -4.36
C TYR D 309 -21.77 61.06 -4.45
N PHE D 310 -22.23 59.87 -4.06
CA PHE D 310 -23.66 59.60 -4.04
C PHE D 310 -24.42 60.53 -3.10
N ALA D 311 -23.91 60.79 -1.91
CA ALA D 311 -24.59 61.69 -0.96
C ALA D 311 -24.79 63.08 -1.57
N GLN D 312 -23.80 63.51 -2.35
CA GLN D 312 -23.76 64.82 -3.02
C GLN D 312 -24.71 64.87 -4.20
N GLU D 313 -24.61 63.88 -5.08
CA GLU D 313 -25.29 63.92 -6.37
C GLU D 313 -26.62 63.16 -6.40
N ALA D 314 -26.83 62.24 -5.49
CA ALA D 314 -28.08 61.49 -5.44
C ALA D 314 -28.49 61.24 -4.00
N PRO D 315 -28.83 62.33 -3.27
CA PRO D 315 -29.21 62.23 -1.87
C PRO D 315 -30.33 61.23 -1.59
N ARG D 316 -31.23 60.99 -2.54
CA ARG D 316 -32.37 60.09 -2.33
C ARG D 316 -31.94 58.60 -2.35
N LEU D 317 -30.78 58.36 -2.94
CA LEU D 317 -30.20 57.02 -3.01
C LEU D 317 -29.66 56.66 -1.63
N LYS D 318 -30.04 55.49 -1.12
CA LYS D 318 -29.63 55.06 0.21
C LYS D 318 -28.47 54.08 0.03
N VAL D 319 -27.31 54.47 0.58
CA VAL D 319 -26.07 53.74 0.33
C VAL D 319 -25.62 53.08 1.62
N MET D 320 -25.53 51.75 1.64
CA MET D 320 -24.97 51.02 2.78
C MET D 320 -23.43 50.98 2.66
N LYS D 321 -22.70 51.53 3.63
CA LYS D 321 -21.25 51.59 3.52
C LYS D 321 -20.70 50.25 3.99
N PRO D 322 -19.89 49.59 3.15
CA PRO D 322 -19.41 48.29 3.55
C PRO D 322 -18.32 48.40 4.63
N GLN D 323 -18.33 47.45 5.56
CA GLN D 323 -17.25 47.27 6.53
C GLN D 323 -16.13 46.41 5.93
N GLY D 324 -16.48 45.66 4.89
CA GLY D 324 -15.51 44.84 4.17
C GLY D 324 -16.14 44.39 2.87
N THR D 325 -15.35 43.66 2.07
CA THR D 325 -15.62 43.41 0.64
C THR D 325 -15.41 44.67 -0.17
N TYR D 326 -15.29 44.52 -1.49
CA TYR D 326 -15.17 45.64 -2.39
C TYR D 326 -16.47 45.96 -3.12
N LEU D 327 -17.59 45.64 -2.46
CA LEU D 327 -18.91 45.69 -3.05
C LEU D 327 -19.84 46.55 -2.18
N ILE D 328 -20.61 47.42 -2.84
CA ILE D 328 -21.48 48.37 -2.16
C ILE D 328 -22.95 48.05 -2.50
N TRP D 329 -23.75 47.91 -1.46
CA TRP D 329 -25.20 47.67 -1.56
C TRP D 329 -25.96 48.99 -1.63
N LEU D 330 -26.64 49.18 -2.75
CA LEU D 330 -27.37 50.41 -3.05
C LEU D 330 -28.87 50.16 -3.00
N ASP D 331 -29.59 51.06 -2.34
CA ASP D 331 -31.05 50.96 -2.21
C ASP D 331 -31.75 52.13 -2.96
N PHE D 332 -32.47 51.79 -4.04
CA PHE D 332 -33.18 52.75 -4.91
C PHE D 332 -34.67 52.88 -4.55
N SER D 333 -35.02 52.30 -3.40
CA SER D 333 -36.36 52.26 -2.85
C SER D 333 -37.11 53.59 -2.80
N ASP D 334 -36.42 54.69 -2.62
CA ASP D 334 -37.08 56.01 -2.58
CA ASP D 334 -37.15 55.95 -2.55
C ASP D 334 -37.52 56.50 -3.94
N TYR D 335 -37.05 55.85 -5.01
CA TYR D 335 -37.41 56.25 -6.37
C TYR D 335 -38.68 55.51 -6.85
N GLY D 336 -39.44 56.16 -7.71
CA GLY D 336 -40.67 55.57 -8.24
C GLY D 336 -40.34 54.61 -9.36
N LEU D 337 -39.84 53.45 -8.97
CA LEU D 337 -39.35 52.44 -9.91
C LEU D 337 -39.80 51.03 -9.54
N THR D 338 -39.76 50.15 -10.54
CA THR D 338 -39.85 48.72 -10.38
C THR D 338 -38.43 48.17 -10.59
N ASP D 339 -38.17 46.91 -10.24
CA ASP D 339 -36.84 46.33 -10.50
C ASP D 339 -36.52 46.37 -11.99
N ASP D 340 -37.48 45.98 -12.83
CA ASP D 340 -37.25 45.95 -14.28
C ASP D 340 -36.94 47.35 -14.81
N ALA D 341 -37.65 48.38 -14.30
CA ALA D 341 -37.42 49.75 -14.79
C ALA D 341 -36.08 50.29 -14.31
N LEU D 342 -35.74 50.00 -13.06
CA LEU D 342 -34.44 50.34 -12.52
C LEU D 342 -33.30 49.82 -13.42
N PHE D 343 -33.33 48.55 -13.77
CA PHE D 343 -32.22 47.96 -14.50
C PHE D 343 -32.24 48.31 -16.00
N THR D 344 -33.41 48.57 -16.57
CA THR D 344 -33.49 49.11 -17.94
CA THR D 344 -33.44 49.10 -17.94
C THR D 344 -32.86 50.51 -17.96
N LEU D 345 -33.16 51.29 -16.94
CA LEU D 345 -32.58 52.60 -16.75
C LEU D 345 -31.06 52.55 -16.63
N LEU D 346 -30.54 51.78 -15.65
CA LEU D 346 -29.09 51.65 -15.49
C LEU D 346 -28.40 51.11 -16.73
N HIS D 347 -28.95 50.04 -17.30
CA HIS D 347 -28.29 49.34 -18.41
C HIS D 347 -28.40 50.11 -19.72
N ASP D 348 -29.63 50.38 -20.13
CA ASP D 348 -29.89 50.99 -21.44
C ASP D 348 -29.66 52.49 -21.50
N GLN D 349 -29.88 53.21 -20.41
CA GLN D 349 -29.73 54.69 -20.47
C GLN D 349 -28.42 55.15 -19.81
N ALA D 350 -28.11 54.61 -18.64
CA ALA D 350 -26.88 55.00 -17.96
C ALA D 350 -25.62 54.24 -18.46
N LYS D 351 -25.83 53.11 -19.16
CA LYS D 351 -24.74 52.29 -19.67
C LYS D 351 -23.79 51.76 -18.57
N VAL D 352 -24.37 51.37 -17.44
CA VAL D 352 -23.66 50.70 -16.34
CA VAL D 352 -23.65 50.71 -16.34
C VAL D 352 -24.35 49.40 -15.97
N ILE D 353 -23.55 48.37 -15.69
CA ILE D 353 -24.01 47.03 -15.31
C ILE D 353 -23.69 46.73 -13.86
N LEU D 354 -24.75 46.70 -13.06
CA LEU D 354 -24.70 46.33 -11.63
C LEU D 354 -25.42 45.01 -11.43
N ASN D 355 -25.15 44.36 -10.30
CA ASN D 355 -25.89 43.17 -9.92
C ASN D 355 -27.27 43.53 -9.48
N ARG D 356 -28.22 42.71 -9.92
CA ARG D 356 -29.59 42.94 -9.61
C ARG D 356 -29.85 42.54 -8.16
N GLY D 357 -30.33 43.48 -7.36
CA GLY D 357 -30.59 43.23 -5.92
C GLY D 357 -31.55 42.11 -5.63
N SER D 358 -32.57 41.96 -6.46
CA SER D 358 -33.59 40.93 -6.22
C SER D 358 -33.03 39.50 -6.31
N ASP D 359 -31.89 39.34 -6.96
CA ASP D 359 -31.18 38.05 -7.02
C ASP D 359 -30.83 37.54 -5.63
N TYR D 360 -30.64 38.45 -4.68
CA TYR D 360 -30.16 38.10 -3.34
C TYR D 360 -31.31 37.78 -2.37
N GLY D 361 -32.55 37.93 -2.83
CA GLY D 361 -33.73 37.71 -2.03
C GLY D 361 -34.69 38.91 -2.13
N SER D 362 -35.91 38.75 -1.63
CA SER D 362 -36.93 39.81 -1.74
C SER D 362 -36.46 41.10 -1.04
N GLU D 363 -35.60 40.97 -0.04
CA GLU D 363 -35.05 42.15 0.66
C GLU D 363 -34.20 43.01 -0.26
N GLY D 364 -33.72 42.40 -1.35
CA GLY D 364 -32.91 43.08 -2.36
C GLY D 364 -33.71 43.78 -3.46
N GLU D 365 -35.02 43.71 -3.41
CA GLU D 365 -35.85 44.43 -4.39
C GLU D 365 -35.55 45.93 -4.31
N LEU D 366 -35.45 46.54 -5.49
CA LEU D 366 -35.06 47.94 -5.71
C LEU D 366 -33.64 48.26 -5.21
N HIS D 367 -32.81 47.20 -5.10
CA HIS D 367 -31.41 47.36 -4.74
C HIS D 367 -30.55 46.97 -5.92
N ALA D 368 -29.30 47.42 -5.91
CA ALA D 368 -28.26 46.99 -6.86
C ALA D 368 -26.97 46.83 -6.06
N ARG D 369 -26.07 45.97 -6.54
CA ARG D 369 -24.75 45.82 -5.91
C ARG D 369 -23.68 46.34 -6.87
N LEU D 370 -22.82 47.22 -6.33
CA LEU D 370 -21.82 47.95 -7.10
C LEU D 370 -20.41 47.46 -6.72
N ASN D 371 -19.63 47.10 -7.76
CA ASN D 371 -18.27 46.62 -7.63
C ASN D 371 -17.27 47.77 -7.81
N ILE D 372 -16.57 48.15 -6.74
CA ILE D 372 -15.58 49.22 -6.82
C ILE D 372 -14.09 48.77 -6.85
N ALA D 373 -13.86 47.48 -7.13
CA ALA D 373 -12.51 46.95 -7.35
C ALA D 373 -12.02 47.22 -8.76
N ALA D 374 -11.83 48.51 -9.06
CA ALA D 374 -11.31 48.99 -10.33
C ALA D 374 -10.52 50.30 -10.08
N PRO D 375 -9.67 50.74 -11.03
CA PRO D 375 -9.00 52.04 -10.82
C PRO D 375 -10.00 53.16 -10.52
N LYS D 376 -9.57 54.13 -9.70
CA LYS D 376 -10.43 55.24 -9.27
C LYS D 376 -11.09 55.96 -10.43
N SER D 377 -10.37 56.14 -11.53
CA SER D 377 -10.93 56.81 -12.71
C SER D 377 -12.14 56.07 -13.27
N LEU D 378 -12.07 54.75 -13.27
CA LEU D 378 -13.18 53.92 -13.73
C LEU D 378 -14.34 54.01 -12.73
N VAL D 379 -14.02 53.94 -11.44
CA VAL D 379 -15.02 54.06 -10.38
C VAL D 379 -15.74 55.44 -10.43
N GLU D 380 -14.98 56.52 -10.70
CA GLU D 380 -15.58 57.86 -10.84
C GLU D 380 -16.59 57.90 -11.98
N GLU D 381 -16.24 57.30 -13.11
CA GLU D 381 -17.15 57.25 -14.25
C GLU D 381 -18.40 56.36 -13.99
N ILE D 382 -18.19 55.22 -13.32
CA ILE D 382 -19.29 54.32 -12.93
C ILE D 382 -20.31 55.05 -12.04
N CYS D 383 -19.82 55.72 -11.01
CA CYS D 383 -20.69 56.49 -10.11
C CYS D 383 -21.47 57.61 -10.81
N LYS D 384 -20.79 58.31 -11.72
CA LYS D 384 -21.37 59.40 -12.50
C LYS D 384 -22.55 58.87 -13.34
N ARG D 385 -22.34 57.72 -13.98
CA ARG D 385 -23.42 57.07 -14.73
C ARG D 385 -24.58 56.65 -13.85
N ILE D 386 -24.29 56.07 -12.67
CA ILE D 386 -25.34 55.64 -11.75
C ILE D 386 -26.26 56.80 -11.35
N VAL D 387 -25.70 57.98 -11.08
CA VAL D 387 -26.51 59.16 -10.67
C VAL D 387 -27.13 59.93 -11.82
N CYS D 388 -26.67 59.65 -13.05
CA CYS D 388 -26.97 60.43 -14.23
C CYS D 388 -28.44 60.57 -14.63
N CYS D 389 -29.13 59.42 -14.63
CA CYS D 389 -30.45 59.28 -15.25
C CYS D 389 -31.55 58.88 -14.23
N LEU D 390 -31.37 59.23 -12.94
CA LEU D 390 -32.30 58.78 -11.89
C LEU D 390 -33.50 59.74 -11.80
N PRO D 391 -34.72 59.19 -11.64
CA PRO D 391 -35.96 59.95 -11.86
C PRO D 391 -36.45 60.81 -10.70
N LYS D 392 -37.04 61.96 -11.04
CA LYS D 392 -37.66 62.83 -10.06
C LYS D 392 -38.93 62.18 -9.49
#